data_1RST
# 
_entry.id   1RST 
# 
_audit_conform.dict_name       mmcif_pdbx.dic 
_audit_conform.dict_version    5.386 
_audit_conform.dict_location   http://mmcif.pdb.org/dictionaries/ascii/mmcif_pdbx.dic 
# 
loop_
_database_2.database_id 
_database_2.database_code 
_database_2.pdbx_database_accession 
_database_2.pdbx_DOI 
PDB   1RST         pdb_00001rst 10.2210/pdb1rst/pdb 
WWPDB D_1000176203 ?            ?                   
# 
loop_
_pdbx_audit_revision_history.ordinal 
_pdbx_audit_revision_history.data_content_type 
_pdbx_audit_revision_history.major_revision 
_pdbx_audit_revision_history.minor_revision 
_pdbx_audit_revision_history.revision_date 
1 'Structure model' 1 0 1997-05-15 
2 'Structure model' 1 1 2008-03-24 
3 'Structure model' 1 2 2011-07-13 
4 'Structure model' 1 3 2011-11-16 
5 'Structure model' 1 4 2024-02-14 
# 
_pdbx_audit_revision_details.ordinal             1 
_pdbx_audit_revision_details.revision_ordinal    1 
_pdbx_audit_revision_details.data_content_type   'Structure model' 
_pdbx_audit_revision_details.provider            repository 
_pdbx_audit_revision_details.type                'Initial release' 
_pdbx_audit_revision_details.description         ? 
_pdbx_audit_revision_details.details             ? 
# 
loop_
_pdbx_audit_revision_group.ordinal 
_pdbx_audit_revision_group.revision_ordinal 
_pdbx_audit_revision_group.data_content_type 
_pdbx_audit_revision_group.group 
1 2 'Structure model' 'Version format compliance' 
2 3 'Structure model' 'Version format compliance' 
3 4 'Structure model' 'Atomic model'              
4 5 'Structure model' 'Data collection'           
5 5 'Structure model' 'Database references'       
6 5 'Structure model' Other                       
# 
loop_
_pdbx_audit_revision_category.ordinal 
_pdbx_audit_revision_category.revision_ordinal 
_pdbx_audit_revision_category.data_content_type 
_pdbx_audit_revision_category.category 
1 5 'Structure model' chem_comp_atom       
2 5 'Structure model' chem_comp_bond       
3 5 'Structure model' database_2           
4 5 'Structure model' pdbx_database_status 
# 
loop_
_pdbx_audit_revision_item.ordinal 
_pdbx_audit_revision_item.revision_ordinal 
_pdbx_audit_revision_item.data_content_type 
_pdbx_audit_revision_item.item 
1 5 'Structure model' '_database_2.pdbx_DOI'                
2 5 'Structure model' '_database_2.pdbx_database_accession' 
3 5 'Structure model' '_pdbx_database_status.process_site'  
# 
_pdbx_database_status.status_code                     REL 
_pdbx_database_status.entry_id                        1RST 
_pdbx_database_status.recvd_initial_deposition_date   1995-10-19 
_pdbx_database_status.deposit_site                    ? 
_pdbx_database_status.process_site                    BNL 
_pdbx_database_status.status_code_sf                  REL 
_pdbx_database_status.status_code_mr                  ? 
_pdbx_database_status.SG_entry                        ? 
_pdbx_database_status.pdb_format_compatible           Y 
_pdbx_database_status.status_code_cs                  ? 
_pdbx_database_status.status_code_nmr_data            ? 
_pdbx_database_status.methods_development_category    ? 
# 
loop_
_audit_author.name 
_audit_author.pdbx_ordinal 
'Koepke, J.'  1 
'Schmidt, T.' 2 
'Skerra, A.'  3 
# 
loop_
_citation.id 
_citation.title 
_citation.journal_abbrev 
_citation.journal_volume 
_citation.page_first 
_citation.page_last 
_citation.year 
_citation.journal_id_ASTM 
_citation.country 
_citation.journal_id_ISSN 
_citation.journal_id_CSD 
_citation.book_publisher 
_citation.pdbx_database_id_PubMed 
_citation.pdbx_database_id_DOI 
primary 'Molecular interaction between the Strep-tag affinity peptide and its cognate target, streptavidin.' J.Mol.Biol.     255 
753 766 1996 JMOBAK UK 0022-2836 0070 ? 8636976 10.1006/jmbi.1996.0061 
1       
;One-Step Affinity Purification of Bacterially Produced Proteins by Means of the 'Strep Tag' and Immobilized Recombinant Core Streptavidin
;
J.Chromatogr.,A 676 337 ?   1994 JCRAEY NE 0021-9673 2032 ? ?       ?                      
2       
;The Random Peptide Library-Assisted Engineering of a C-Terminal Affinity Peptide, Useful for the Detection and Purification of a Functional Ig Fv Fragment
;
'Protein Eng.'  6   109 ?   1993 PRENE9 UK 0269-2139 0859 ? ?       ?                      
# 
loop_
_citation_author.citation_id 
_citation_author.name 
_citation_author.ordinal 
_citation_author.identifier_ORCID 
primary 'Schmidt, T.G.' 1 ? 
primary 'Koepke, J.'    2 ? 
primary 'Frank, R.'     3 ? 
primary 'Skerra, A.'    4 ? 
1       'Schmidt, T.G.' 5 ? 
1       'Skerra, A.'    6 ? 
2       'Schmidt, T.G.' 7 ? 
2       'Skerra, A.'    8 ? 
# 
loop_
_entity.id 
_entity.type 
_entity.src_method 
_entity.pdbx_description 
_entity.formula_weight 
_entity.pdbx_number_of_molecules 
_entity.pdbx_ec 
_entity.pdbx_mutation 
_entity.pdbx_fragment 
_entity.details 
1 polymer man STREPTAVIDIN        13341.454 1   ? ? 'RESIDUES 13 - 139' ? 
2 polymer man 'STREP-TAG PEPTIDE' 1057.164  1   ? ? ?                   ? 
3 water   nat water               18.015    100 ? ? ?                   ? 
# 
loop_
_entity_poly.entity_id 
_entity_poly.type 
_entity_poly.nstd_linkage 
_entity_poly.nstd_monomer 
_entity_poly.pdbx_seq_one_letter_code 
_entity_poly.pdbx_seq_one_letter_code_can 
_entity_poly.pdbx_strand_id 
_entity_poly.pdbx_target_identifier 
1 'polypeptide(L)' no no 
;MEAGITGTWYNQLGSTFIVTAGADGALTGTYESAVGNAESRYVLTGRYDSAPATDGSGTALGWTVAWKNNYRNAHSATTW
SGQYVGGAEARINTQWLLTSGTTEANAWKSTLVGHDTFTKVKPSAAS
;
;MEAGITGTWYNQLGSTFIVTAGADGALTGTYESAVGNAESRYVLTGRYDSAPATDGSGTALGWTVAWKNNYRNAHSATTW
SGQYVGGAEARINTQWLLTSGTTEANAWKSTLVGHDTFTKVKPSAAS
;
B ? 
2 'polypeptide(L)' no no AWRHPQFGG AWRHPQFGG P ? 
# 
_pdbx_entity_nonpoly.entity_id   3 
_pdbx_entity_nonpoly.name        water 
_pdbx_entity_nonpoly.comp_id     HOH 
# 
loop_
_entity_poly_seq.entity_id 
_entity_poly_seq.num 
_entity_poly_seq.mon_id 
_entity_poly_seq.hetero 
1 1   MET n 
1 2   GLU n 
1 3   ALA n 
1 4   GLY n 
1 5   ILE n 
1 6   THR n 
1 7   GLY n 
1 8   THR n 
1 9   TRP n 
1 10  TYR n 
1 11  ASN n 
1 12  GLN n 
1 13  LEU n 
1 14  GLY n 
1 15  SER n 
1 16  THR n 
1 17  PHE n 
1 18  ILE n 
1 19  VAL n 
1 20  THR n 
1 21  ALA n 
1 22  GLY n 
1 23  ALA n 
1 24  ASP n 
1 25  GLY n 
1 26  ALA n 
1 27  LEU n 
1 28  THR n 
1 29  GLY n 
1 30  THR n 
1 31  TYR n 
1 32  GLU n 
1 33  SER n 
1 34  ALA n 
1 35  VAL n 
1 36  GLY n 
1 37  ASN n 
1 38  ALA n 
1 39  GLU n 
1 40  SER n 
1 41  ARG n 
1 42  TYR n 
1 43  VAL n 
1 44  LEU n 
1 45  THR n 
1 46  GLY n 
1 47  ARG n 
1 48  TYR n 
1 49  ASP n 
1 50  SER n 
1 51  ALA n 
1 52  PRO n 
1 53  ALA n 
1 54  THR n 
1 55  ASP n 
1 56  GLY n 
1 57  SER n 
1 58  GLY n 
1 59  THR n 
1 60  ALA n 
1 61  LEU n 
1 62  GLY n 
1 63  TRP n 
1 64  THR n 
1 65  VAL n 
1 66  ALA n 
1 67  TRP n 
1 68  LYS n 
1 69  ASN n 
1 70  ASN n 
1 71  TYR n 
1 72  ARG n 
1 73  ASN n 
1 74  ALA n 
1 75  HIS n 
1 76  SER n 
1 77  ALA n 
1 78  THR n 
1 79  THR n 
1 80  TRP n 
1 81  SER n 
1 82  GLY n 
1 83  GLN n 
1 84  TYR n 
1 85  VAL n 
1 86  GLY n 
1 87  GLY n 
1 88  ALA n 
1 89  GLU n 
1 90  ALA n 
1 91  ARG n 
1 92  ILE n 
1 93  ASN n 
1 94  THR n 
1 95  GLN n 
1 96  TRP n 
1 97  LEU n 
1 98  LEU n 
1 99  THR n 
1 100 SER n 
1 101 GLY n 
1 102 THR n 
1 103 THR n 
1 104 GLU n 
1 105 ALA n 
1 106 ASN n 
1 107 ALA n 
1 108 TRP n 
1 109 LYS n 
1 110 SER n 
1 111 THR n 
1 112 LEU n 
1 113 VAL n 
1 114 GLY n 
1 115 HIS n 
1 116 ASP n 
1 117 THR n 
1 118 PHE n 
1 119 THR n 
1 120 LYS n 
1 121 VAL n 
1 122 LYS n 
1 123 PRO n 
1 124 SER n 
1 125 ALA n 
1 126 ALA n 
1 127 SER n 
2 1   ALA n 
2 2   TRP n 
2 3   ARG n 
2 4   HIS n 
2 5   PRO n 
2 6   GLN n 
2 7   PHE n 
2 8   GLY n 
2 9   GLY n 
# 
_entity_src_gen.entity_id                          1 
_entity_src_gen.pdbx_src_id                        1 
_entity_src_gen.pdbx_alt_source_flag               sample 
_entity_src_gen.pdbx_seq_type                      ? 
_entity_src_gen.pdbx_beg_seq_num                   ? 
_entity_src_gen.pdbx_end_seq_num                   ? 
_entity_src_gen.gene_src_common_name               ? 
_entity_src_gen.gene_src_genus                     Streptomyces 
_entity_src_gen.pdbx_gene_src_gene                 ? 
_entity_src_gen.gene_src_species                   ? 
_entity_src_gen.gene_src_strain                    ? 
_entity_src_gen.gene_src_tissue                    ? 
_entity_src_gen.gene_src_tissue_fraction           ? 
_entity_src_gen.gene_src_details                   ? 
_entity_src_gen.pdbx_gene_src_fragment             ? 
_entity_src_gen.pdbx_gene_src_scientific_name      'Streptomyces avidinii' 
_entity_src_gen.pdbx_gene_src_ncbi_taxonomy_id     1895 
_entity_src_gen.pdbx_gene_src_variant              ? 
_entity_src_gen.pdbx_gene_src_cell_line            ? 
_entity_src_gen.pdbx_gene_src_atcc                 ? 
_entity_src_gen.pdbx_gene_src_organ                ? 
_entity_src_gen.pdbx_gene_src_organelle            ? 
_entity_src_gen.pdbx_gene_src_cell                 ? 
_entity_src_gen.pdbx_gene_src_cellular_location    ? 
_entity_src_gen.host_org_common_name               ? 
_entity_src_gen.pdbx_host_org_scientific_name      'Escherichia coli' 
_entity_src_gen.pdbx_host_org_ncbi_taxonomy_id     562 
_entity_src_gen.host_org_genus                     Escherichia 
_entity_src_gen.pdbx_host_org_gene                 ? 
_entity_src_gen.pdbx_host_org_organ                ? 
_entity_src_gen.host_org_species                   ? 
_entity_src_gen.pdbx_host_org_tissue               ? 
_entity_src_gen.pdbx_host_org_tissue_fraction      ? 
_entity_src_gen.pdbx_host_org_strain               ? 
_entity_src_gen.pdbx_host_org_variant              ? 
_entity_src_gen.pdbx_host_org_cell_line            ? 
_entity_src_gen.pdbx_host_org_atcc                 ? 
_entity_src_gen.pdbx_host_org_culture_collection   ? 
_entity_src_gen.pdbx_host_org_cell                 ? 
_entity_src_gen.pdbx_host_org_organelle            ? 
_entity_src_gen.pdbx_host_org_cellular_location    ? 
_entity_src_gen.pdbx_host_org_vector_type          ? 
_entity_src_gen.pdbx_host_org_vector               ? 
_entity_src_gen.host_org_details                   ? 
_entity_src_gen.expression_system_id               ? 
_entity_src_gen.plasmid_name                       PSA1 
_entity_src_gen.plasmid_details                    ? 
_entity_src_gen.pdbx_description                   ? 
# 
loop_
_chem_comp.id 
_chem_comp.type 
_chem_comp.mon_nstd_flag 
_chem_comp.name 
_chem_comp.pdbx_synonyms 
_chem_comp.formula 
_chem_comp.formula_weight 
ALA 'L-peptide linking' y ALANINE         ? 'C3 H7 N O2'     89.093  
ARG 'L-peptide linking' y ARGININE        ? 'C6 H15 N4 O2 1' 175.209 
ASN 'L-peptide linking' y ASPARAGINE      ? 'C4 H8 N2 O3'    132.118 
ASP 'L-peptide linking' y 'ASPARTIC ACID' ? 'C4 H7 N O4'     133.103 
GLN 'L-peptide linking' y GLUTAMINE       ? 'C5 H10 N2 O3'   146.144 
GLU 'L-peptide linking' y 'GLUTAMIC ACID' ? 'C5 H9 N O4'     147.129 
GLY 'peptide linking'   y GLYCINE         ? 'C2 H5 N O2'     75.067  
HIS 'L-peptide linking' y HISTIDINE       ? 'C6 H10 N3 O2 1' 156.162 
HOH non-polymer         . WATER           ? 'H2 O'           18.015  
ILE 'L-peptide linking' y ISOLEUCINE      ? 'C6 H13 N O2'    131.173 
LEU 'L-peptide linking' y LEUCINE         ? 'C6 H13 N O2'    131.173 
LYS 'L-peptide linking' y LYSINE          ? 'C6 H15 N2 O2 1' 147.195 
MET 'L-peptide linking' y METHIONINE      ? 'C5 H11 N O2 S'  149.211 
PHE 'L-peptide linking' y PHENYLALANINE   ? 'C9 H11 N O2'    165.189 
PRO 'L-peptide linking' y PROLINE         ? 'C5 H9 N O2'     115.130 
SER 'L-peptide linking' y SERINE          ? 'C3 H7 N O3'     105.093 
THR 'L-peptide linking' y THREONINE       ? 'C4 H9 N O3'     119.119 
TRP 'L-peptide linking' y TRYPTOPHAN      ? 'C11 H12 N2 O2'  204.225 
TYR 'L-peptide linking' y TYROSINE        ? 'C9 H11 N O3'    181.189 
VAL 'L-peptide linking' y VALINE          ? 'C5 H11 N O2'    117.146 
# 
loop_
_pdbx_poly_seq_scheme.asym_id 
_pdbx_poly_seq_scheme.entity_id 
_pdbx_poly_seq_scheme.seq_id 
_pdbx_poly_seq_scheme.mon_id 
_pdbx_poly_seq_scheme.ndb_seq_num 
_pdbx_poly_seq_scheme.pdb_seq_num 
_pdbx_poly_seq_scheme.auth_seq_num 
_pdbx_poly_seq_scheme.pdb_mon_id 
_pdbx_poly_seq_scheme.auth_mon_id 
_pdbx_poly_seq_scheme.pdb_strand_id 
_pdbx_poly_seq_scheme.pdb_ins_code 
_pdbx_poly_seq_scheme.hetero 
A 1 1   MET 1   13  13  MET MET B . n 
A 1 2   GLU 2   14  14  GLU GLU B . n 
A 1 3   ALA 3   15  15  ALA ALA B . n 
A 1 4   GLY 4   16  16  GLY GLY B . n 
A 1 5   ILE 5   17  17  ILE ILE B . n 
A 1 6   THR 6   18  18  THR THR B . n 
A 1 7   GLY 7   19  19  GLY GLY B . n 
A 1 8   THR 8   20  20  THR THR B . n 
A 1 9   TRP 9   21  21  TRP TRP B . n 
A 1 10  TYR 10  22  22  TYR TYR B . n 
A 1 11  ASN 11  23  23  ASN ASN B . n 
A 1 12  GLN 12  24  24  GLN GLN B . n 
A 1 13  LEU 13  25  25  LEU LEU B . n 
A 1 14  GLY 14  26  26  GLY GLY B . n 
A 1 15  SER 15  27  27  SER SER B . n 
A 1 16  THR 16  28  28  THR THR B . n 
A 1 17  PHE 17  29  29  PHE PHE B . n 
A 1 18  ILE 18  30  30  ILE ILE B . n 
A 1 19  VAL 19  31  31  VAL VAL B . n 
A 1 20  THR 20  32  32  THR THR B . n 
A 1 21  ALA 21  33  33  ALA ALA B . n 
A 1 22  GLY 22  34  34  GLY GLY B . n 
A 1 23  ALA 23  35  35  ALA ALA B . n 
A 1 24  ASP 24  36  36  ASP ASP B . n 
A 1 25  GLY 25  37  37  GLY GLY B . n 
A 1 26  ALA 26  38  38  ALA ALA B . n 
A 1 27  LEU 27  39  39  LEU LEU B . n 
A 1 28  THR 28  40  40  THR THR B . n 
A 1 29  GLY 29  41  41  GLY GLY B . n 
A 1 30  THR 30  42  42  THR THR B . n 
A 1 31  TYR 31  43  43  TYR TYR B . n 
A 1 32  GLU 32  44  44  GLU GLU B . n 
A 1 33  SER 33  45  45  SER SER B . n 
A 1 34  ALA 34  46  46  ALA ALA B . n 
A 1 35  VAL 35  47  47  VAL VAL B . n 
A 1 36  GLY 36  48  48  GLY GLY B . n 
A 1 37  ASN 37  49  49  ASN ASN B . n 
A 1 38  ALA 38  50  50  ALA ALA B . n 
A 1 39  GLU 39  51  51  GLU GLU B . n 
A 1 40  SER 40  52  52  SER SER B . n 
A 1 41  ARG 41  53  53  ARG ARG B . n 
A 1 42  TYR 42  54  54  TYR TYR B . n 
A 1 43  VAL 43  55  55  VAL VAL B . n 
A 1 44  LEU 44  56  56  LEU LEU B . n 
A 1 45  THR 45  57  57  THR THR B . n 
A 1 46  GLY 46  58  58  GLY GLY B . n 
A 1 47  ARG 47  59  59  ARG ARG B . n 
A 1 48  TYR 48  60  60  TYR TYR B . n 
A 1 49  ASP 49  61  61  ASP ASP B . n 
A 1 50  SER 50  62  62  SER SER B . n 
A 1 51  ALA 51  63  63  ALA ALA B . n 
A 1 52  PRO 52  64  64  PRO PRO B . n 
A 1 53  ALA 53  65  65  ALA ALA B . n 
A 1 54  THR 54  66  66  THR THR B . n 
A 1 55  ASP 55  67  67  ASP ASP B . n 
A 1 56  GLY 56  68  68  GLY GLY B . n 
A 1 57  SER 57  69  69  SER SER B . n 
A 1 58  GLY 58  70  70  GLY GLY B . n 
A 1 59  THR 59  71  71  THR THR B . n 
A 1 60  ALA 60  72  72  ALA ALA B . n 
A 1 61  LEU 61  73  73  LEU LEU B . n 
A 1 62  GLY 62  74  74  GLY GLY B . n 
A 1 63  TRP 63  75  75  TRP TRP B . n 
A 1 64  THR 64  76  76  THR THR B . n 
A 1 65  VAL 65  77  77  VAL VAL B . n 
A 1 66  ALA 66  78  78  ALA ALA B . n 
A 1 67  TRP 67  79  79  TRP TRP B . n 
A 1 68  LYS 68  80  80  LYS LYS B . n 
A 1 69  ASN 69  81  81  ASN ASN B . n 
A 1 70  ASN 70  82  82  ASN ASN B . n 
A 1 71  TYR 71  83  83  TYR TYR B . n 
A 1 72  ARG 72  84  84  ARG ARG B . n 
A 1 73  ASN 73  85  85  ASN ASN B . n 
A 1 74  ALA 74  86  86  ALA ALA B . n 
A 1 75  HIS 75  87  87  HIS HIS B . n 
A 1 76  SER 76  88  88  SER SER B . n 
A 1 77  ALA 77  89  89  ALA ALA B . n 
A 1 78  THR 78  90  90  THR THR B . n 
A 1 79  THR 79  91  91  THR THR B . n 
A 1 80  TRP 80  92  92  TRP TRP B . n 
A 1 81  SER 81  93  93  SER SER B . n 
A 1 82  GLY 82  94  94  GLY GLY B . n 
A 1 83  GLN 83  95  95  GLN GLN B . n 
A 1 84  TYR 84  96  96  TYR TYR B . n 
A 1 85  VAL 85  97  97  VAL VAL B . n 
A 1 86  GLY 86  98  98  GLY GLY B . n 
A 1 87  GLY 87  99  99  GLY GLY B . n 
A 1 88  ALA 88  100 100 ALA ALA B . n 
A 1 89  GLU 89  101 101 GLU GLU B . n 
A 1 90  ALA 90  102 102 ALA ALA B . n 
A 1 91  ARG 91  103 103 ARG ARG B . n 
A 1 92  ILE 92  104 104 ILE ILE B . n 
A 1 93  ASN 93  105 105 ASN ASN B . n 
A 1 94  THR 94  106 106 THR THR B . n 
A 1 95  GLN 95  107 107 GLN GLN B . n 
A 1 96  TRP 96  108 108 TRP TRP B . n 
A 1 97  LEU 97  109 109 LEU LEU B . n 
A 1 98  LEU 98  110 110 LEU LEU B . n 
A 1 99  THR 99  111 111 THR THR B . n 
A 1 100 SER 100 112 112 SER SER B . n 
A 1 101 GLY 101 113 113 GLY GLY B . n 
A 1 102 THR 102 114 114 THR THR B . n 
A 1 103 THR 103 115 115 THR THR B . n 
A 1 104 GLU 104 116 116 GLU GLU B . n 
A 1 105 ALA 105 117 117 ALA ALA B . n 
A 1 106 ASN 106 118 118 ASN ASN B . n 
A 1 107 ALA 107 119 119 ALA ALA B . n 
A 1 108 TRP 108 120 120 TRP TRP B . n 
A 1 109 LYS 109 121 121 LYS LYS B . n 
A 1 110 SER 110 122 122 SER SER B . n 
A 1 111 THR 111 123 123 THR THR B . n 
A 1 112 LEU 112 124 124 LEU LEU B . n 
A 1 113 VAL 113 125 125 VAL VAL B . n 
A 1 114 GLY 114 126 126 GLY GLY B . n 
A 1 115 HIS 115 127 127 HIS HIS B . n 
A 1 116 ASP 116 128 128 ASP ASP B . n 
A 1 117 THR 117 129 129 THR THR B . n 
A 1 118 PHE 118 130 130 PHE PHE B . n 
A 1 119 THR 119 131 131 THR THR B . n 
A 1 120 LYS 120 132 132 LYS LYS B . n 
A 1 121 VAL 121 133 133 VAL VAL B . n 
A 1 122 LYS 122 134 134 LYS LYS B . n 
A 1 123 PRO 123 135 135 PRO PRO B . n 
A 1 124 SER 124 136 ?   ?   ?   B . n 
A 1 125 ALA 125 137 ?   ?   ?   B . n 
A 1 126 ALA 126 138 ?   ?   ?   B . n 
A 1 127 SER 127 139 ?   ?   ?   B . n 
B 2 1   ALA 1   1   1   ALA ALA P . n 
B 2 2   TRP 2   2   2   TRP TRP P . n 
B 2 3   ARG 3   3   3   ARG ARG P . n 
B 2 4   HIS 4   4   4   HIS HIS P . n 
B 2 5   PRO 5   5   5   PRO PRO P . n 
B 2 6   GLN 6   6   6   GLN GLN P . n 
B 2 7   PHE 7   7   7   PHE PHE P . n 
B 2 8   GLY 8   8   8   GLY GLY P . n 
B 2 9   GLY 9   9   9   GLY GLY P . n 
# 
loop_
_pdbx_nonpoly_scheme.asym_id 
_pdbx_nonpoly_scheme.entity_id 
_pdbx_nonpoly_scheme.mon_id 
_pdbx_nonpoly_scheme.ndb_seq_num 
_pdbx_nonpoly_scheme.pdb_seq_num 
_pdbx_nonpoly_scheme.auth_seq_num 
_pdbx_nonpoly_scheme.pdb_mon_id 
_pdbx_nonpoly_scheme.auth_mon_id 
_pdbx_nonpoly_scheme.pdb_strand_id 
_pdbx_nonpoly_scheme.pdb_ins_code 
C 3 HOH 1   201 201 HOH HOH B . 
C 3 HOH 2   202 202 HOH HOH B . 
C 3 HOH 3   203 203 HOH HOH B . 
C 3 HOH 4   204 204 HOH HOH B . 
C 3 HOH 5   205 205 HOH HOH B . 
C 3 HOH 6   206 206 HOH HOH B . 
C 3 HOH 7   207 207 HOH HOH B . 
C 3 HOH 8   208 208 HOH HOH B . 
C 3 HOH 9   209 209 HOH HOH B . 
C 3 HOH 10  210 210 HOH HOH B . 
C 3 HOH 11  211 211 HOH HOH B . 
C 3 HOH 12  212 212 HOH HOH B . 
C 3 HOH 13  213 213 HOH HOH B . 
C 3 HOH 14  214 214 HOH HOH B . 
C 3 HOH 15  215 215 HOH HOH B . 
C 3 HOH 16  216 216 HOH HOH B . 
C 3 HOH 17  217 217 HOH HOH B . 
C 3 HOH 18  218 218 HOH HOH B . 
C 3 HOH 19  219 219 HOH HOH B . 
C 3 HOH 20  220 220 HOH HOH B . 
C 3 HOH 21  221 221 HOH HOH B . 
C 3 HOH 22  222 222 HOH HOH B . 
C 3 HOH 23  223 223 HOH HOH B . 
C 3 HOH 24  224 224 HOH HOH B . 
C 3 HOH 25  225 225 HOH HOH B . 
C 3 HOH 26  226 226 HOH HOH B . 
C 3 HOH 27  227 227 HOH HOH B . 
C 3 HOH 28  228 228 HOH HOH B . 
C 3 HOH 29  229 229 HOH HOH B . 
C 3 HOH 30  230 230 HOH HOH B . 
C 3 HOH 31  231 231 HOH HOH B . 
C 3 HOH 32  232 232 HOH HOH B . 
C 3 HOH 33  233 233 HOH HOH B . 
C 3 HOH 34  234 234 HOH HOH B . 
C 3 HOH 35  235 235 HOH HOH B . 
C 3 HOH 36  236 236 HOH HOH B . 
C 3 HOH 37  237 237 HOH HOH B . 
C 3 HOH 38  238 238 HOH HOH B . 
C 3 HOH 39  239 239 HOH HOH B . 
C 3 HOH 40  240 240 HOH HOH B . 
C 3 HOH 41  241 241 HOH HOH B . 
C 3 HOH 42  242 242 HOH HOH B . 
C 3 HOH 43  243 243 HOH HOH B . 
C 3 HOH 44  244 244 HOH HOH B . 
C 3 HOH 45  245 245 HOH HOH B . 
C 3 HOH 46  246 246 HOH HOH B . 
C 3 HOH 47  247 247 HOH HOH B . 
C 3 HOH 48  248 248 HOH HOH B . 
C 3 HOH 49  249 249 HOH HOH B . 
C 3 HOH 50  250 250 HOH HOH B . 
C 3 HOH 51  251 251 HOH HOH B . 
C 3 HOH 52  252 252 HOH HOH B . 
C 3 HOH 53  253 253 HOH HOH B . 
C 3 HOH 54  254 254 HOH HOH B . 
C 3 HOH 55  255 255 HOH HOH B . 
C 3 HOH 56  256 256 HOH HOH B . 
C 3 HOH 57  257 257 HOH HOH B . 
C 3 HOH 58  258 258 HOH HOH B . 
C 3 HOH 59  259 259 HOH HOH B . 
C 3 HOH 60  260 260 HOH HOH B . 
C 3 HOH 61  261 261 HOH HOH B . 
C 3 HOH 62  262 262 HOH HOH B . 
C 3 HOH 63  263 263 HOH HOH B . 
C 3 HOH 64  264 264 HOH HOH B . 
C 3 HOH 65  265 265 HOH HOH B . 
C 3 HOH 66  266 266 HOH HOH B . 
C 3 HOH 67  267 267 HOH HOH B . 
C 3 HOH 68  268 268 HOH HOH B . 
C 3 HOH 69  269 269 HOH HOH B . 
C 3 HOH 70  270 270 HOH HOH B . 
C 3 HOH 71  271 271 HOH HOH B . 
C 3 HOH 72  272 272 HOH HOH B . 
C 3 HOH 73  273 273 HOH HOH B . 
C 3 HOH 74  274 274 HOH HOH B . 
C 3 HOH 75  275 275 HOH HOH B . 
C 3 HOH 76  276 276 HOH HOH B . 
C 3 HOH 77  277 277 HOH HOH B . 
C 3 HOH 78  278 278 HOH HOH B . 
C 3 HOH 79  279 279 HOH HOH B . 
C 3 HOH 80  280 280 HOH HOH B . 
C 3 HOH 81  281 281 HOH HOH B . 
C 3 HOH 82  282 282 HOH HOH B . 
C 3 HOH 83  283 283 HOH HOH B . 
C 3 HOH 84  284 284 HOH HOH B . 
C 3 HOH 85  285 285 HOH HOH B . 
C 3 HOH 86  286 286 HOH HOH B . 
C 3 HOH 87  287 287 HOH HOH B . 
C 3 HOH 88  288 288 HOH HOH B . 
C 3 HOH 89  289 289 HOH HOH B . 
C 3 HOH 90  290 290 HOH HOH B . 
C 3 HOH 91  291 291 HOH HOH B . 
C 3 HOH 92  292 292 HOH HOH B . 
C 3 HOH 93  293 293 HOH HOH B . 
C 3 HOH 94  294 294 HOH HOH B . 
C 3 HOH 95  295 295 HOH HOH B . 
C 3 HOH 96  296 296 HOH HOH B . 
C 3 HOH 97  297 297 HOH HOH B . 
C 3 HOH 98  298 298 HOH HOH B . 
C 3 HOH 99  299 299 HOH HOH B . 
C 3 HOH 100 300 300 HOH HOH B . 
# 
loop_
_software.name 
_software.classification 
_software.version 
_software.citation_id 
_software.pdbx_ordinal 
X-PLOR 'model building' 3.1 ? 1 
X-PLOR refinement       3.1 ? 2 
R-AXIS 'data reduction' IIC ? 3 
X-PLOR phasing          3.1 ? 4 
# 
_cell.entry_id           1RST 
_cell.length_a           58.300 
_cell.length_b           58.300 
_cell.length_c           176.900 
_cell.angle_alpha        90.00 
_cell.angle_beta         90.00 
_cell.angle_gamma        90.00 
_cell.Z_PDB              16 
_cell.pdbx_unique_axis   ? 
# 
_symmetry.entry_id                         1RST 
_symmetry.space_group_name_H-M             'I 41 2 2' 
_symmetry.pdbx_full_space_group_name_H-M   ? 
_symmetry.cell_setting                     ? 
_symmetry.Int_Tables_number                98 
# 
_exptl.entry_id          1RST 
_exptl.method            'X-RAY DIFFRACTION' 
_exptl.crystals_number   ? 
# 
_exptl_crystal.id                    1 
_exptl_crystal.density_meas          ? 
_exptl_crystal.density_Matthews      2.61 
_exptl_crystal.density_percent_sol   48.9 
_exptl_crystal.description           ? 
# 
_diffrn.id                     1 
_diffrn.ambient_temp           ? 
_diffrn.ambient_temp_details   ? 
_diffrn.crystal_id             1 
# 
_diffrn_detector.diffrn_id              1 
_diffrn_detector.detector               'IMAGE PLATE' 
_diffrn_detector.type                   RIGAKU 
_diffrn_detector.pdbx_collection_date   1993-12-08 
_diffrn_detector.details                ? 
# 
_diffrn_radiation.diffrn_id                        1 
_diffrn_radiation.wavelength_id                    1 
_diffrn_radiation.pdbx_monochromatic_or_laue_m_l   M 
_diffrn_radiation.monochromator                    ? 
_diffrn_radiation.pdbx_diffrn_protocol             ? 
_diffrn_radiation.pdbx_scattering_type             x-ray 
# 
_diffrn_radiation_wavelength.id           1 
_diffrn_radiation_wavelength.wavelength   1.5418 
_diffrn_radiation_wavelength.wt           1.0 
# 
_diffrn_source.diffrn_id                   1 
_diffrn_source.source                      ? 
_diffrn_source.type                        ? 
_diffrn_source.pdbx_synchrotron_site       ? 
_diffrn_source.pdbx_synchrotron_beamline   ? 
_diffrn_source.pdbx_wavelength             1.5418 
_diffrn_source.pdbx_wavelength_list        ? 
# 
_reflns.entry_id                     1RST 
_reflns.observed_criterion_sigma_I   0.0 
_reflns.observed_criterion_sigma_F   ? 
_reflns.d_resolution_low             37.38 
_reflns.d_resolution_high            1.70 
_reflns.number_obs                   16059 
_reflns.number_all                   ? 
_reflns.percent_possible_obs         92.3 
_reflns.pdbx_Rmerge_I_obs            0.0891000 
_reflns.pdbx_Rsym_value              ? 
_reflns.pdbx_netI_over_sigmaI        ? 
_reflns.B_iso_Wilson_estimate        ? 
_reflns.pdbx_redundancy              ? 
_reflns.pdbx_diffrn_id               1 
_reflns.pdbx_ordinal                 1 
# 
_refine.entry_id                                 1RST 
_refine.ls_number_reflns_obs                     16006 
_refine.ls_number_reflns_all                     ? 
_refine.pdbx_ls_sigma_I                          ? 
_refine.pdbx_ls_sigma_F                          2. 
_refine.pdbx_data_cutoff_high_absF               ? 
_refine.pdbx_data_cutoff_low_absF                ? 
_refine.pdbx_data_cutoff_high_rms_absF           ? 
_refine.ls_d_res_low                             8.0 
_refine.ls_d_res_high                            1.7 
_refine.ls_percent_reflns_obs                    86.9 
_refine.ls_R_factor_obs                          0.1890000 
_refine.ls_R_factor_all                          ? 
_refine.ls_R_factor_R_work                       0.1890000 
_refine.ls_R_factor_R_free                       0.2270000 
_refine.ls_R_factor_R_free_error                 ? 
_refine.ls_R_factor_R_free_error_details         ? 
_refine.ls_percent_reflns_R_free                 ? 
_refine.ls_number_reflns_R_free                  ? 
_refine.ls_number_parameters                     ? 
_refine.ls_number_restraints                     ? 
_refine.occupancy_min                            ? 
_refine.occupancy_max                            ? 
_refine.B_iso_mean                               18.7 
_refine.aniso_B[1][1]                            ? 
_refine.aniso_B[2][2]                            ? 
_refine.aniso_B[3][3]                            ? 
_refine.aniso_B[1][2]                            ? 
_refine.aniso_B[1][3]                            ? 
_refine.aniso_B[2][3]                            ? 
_refine.solvent_model_details                    ? 
_refine.solvent_model_param_ksol                 ? 
_refine.solvent_model_param_bsol                 ? 
_refine.pdbx_ls_cross_valid_method               ? 
_refine.details                                  ? 
_refine.pdbx_starting_model                      ? 
_refine.pdbx_method_to_determine_struct          ? 
_refine.pdbx_isotropic_thermal_model             ? 
_refine.pdbx_stereochemistry_target_values       ? 
_refine.pdbx_stereochem_target_val_spec_case     ? 
_refine.pdbx_R_Free_selection_details            ? 
_refine.pdbx_overall_ESU_R                       ? 
_refine.pdbx_overall_ESU_R_Free                  ? 
_refine.overall_SU_ML                            ? 
_refine.overall_SU_B                             ? 
_refine.pdbx_refine_id                           'X-RAY DIFFRACTION' 
_refine.pdbx_diffrn_id                           1 
_refine.pdbx_TLS_residual_ADP_flag               ? 
_refine.correlation_coeff_Fo_to_Fc               ? 
_refine.correlation_coeff_Fo_to_Fc_free          ? 
_refine.pdbx_solvent_vdw_probe_radii             ? 
_refine.pdbx_solvent_ion_probe_radii             ? 
_refine.pdbx_solvent_shrinkage_radii             ? 
_refine.pdbx_overall_phase_error                 ? 
_refine.overall_SU_R_Cruickshank_DPI             ? 
_refine.pdbx_overall_SU_R_free_Cruickshank_DPI   ? 
_refine.pdbx_overall_SU_R_Blow_DPI               ? 
_refine.pdbx_overall_SU_R_free_Blow_DPI          ? 
# 
_refine_analyze.entry_id                        1RST 
_refine_analyze.Luzzati_coordinate_error_obs    0.20 
_refine_analyze.Luzzati_sigma_a_obs             ? 
_refine_analyze.Luzzati_d_res_low_obs           ? 
_refine_analyze.Luzzati_coordinate_error_free   ? 
_refine_analyze.Luzzati_sigma_a_free            ? 
_refine_analyze.Luzzati_d_res_low_free          ? 
_refine_analyze.number_disordered_residues      ? 
_refine_analyze.occupancy_sum_hydrogen          ? 
_refine_analyze.occupancy_sum_non_hydrogen      ? 
_refine_analyze.pdbx_refine_id                  'X-RAY DIFFRACTION' 
# 
_refine_hist.pdbx_refine_id                   'X-RAY DIFFRACTION' 
_refine_hist.cycle_id                         LAST 
_refine_hist.pdbx_number_atoms_protein        1041 
_refine_hist.pdbx_number_atoms_nucleic_acid   0 
_refine_hist.pdbx_number_atoms_ligand         0 
_refine_hist.number_atoms_solvent             100 
_refine_hist.number_atoms_total               1141 
_refine_hist.d_res_high                       1.7 
_refine_hist.d_res_low                        8.0 
# 
loop_
_refine_ls_restr.type 
_refine_ls_restr.dev_ideal 
_refine_ls_restr.dev_ideal_target 
_refine_ls_restr.weight 
_refine_ls_restr.number 
_refine_ls_restr.pdbx_refine_id 
_refine_ls_restr.pdbx_restraint_function 
x_bond_d                0.012 ? ? ? 'X-RAY DIFFRACTION' ? 
x_bond_d_na             ?     ? ? ? 'X-RAY DIFFRACTION' ? 
x_bond_d_prot           ?     ? ? ? 'X-RAY DIFFRACTION' ? 
x_angle_d               ?     ? ? ? 'X-RAY DIFFRACTION' ? 
x_angle_d_na            ?     ? ? ? 'X-RAY DIFFRACTION' ? 
x_angle_d_prot          ?     ? ? ? 'X-RAY DIFFRACTION' ? 
x_angle_deg             1.720 ? ? ? 'X-RAY DIFFRACTION' ? 
x_angle_deg_na          ?     ? ? ? 'X-RAY DIFFRACTION' ? 
x_angle_deg_prot        ?     ? ? ? 'X-RAY DIFFRACTION' ? 
x_dihedral_angle_d      27.96 ? ? ? 'X-RAY DIFFRACTION' ? 
x_dihedral_angle_d_na   ?     ? ? ? 'X-RAY DIFFRACTION' ? 
x_dihedral_angle_d_prot ?     ? ? ? 'X-RAY DIFFRACTION' ? 
x_improper_angle_d      1.463 ? ? ? 'X-RAY DIFFRACTION' ? 
x_improper_angle_d_na   ?     ? ? ? 'X-RAY DIFFRACTION' ? 
x_improper_angle_d_prot ?     ? ? ? 'X-RAY DIFFRACTION' ? 
x_mcbond_it             ?     ? ? ? 'X-RAY DIFFRACTION' ? 
x_mcangle_it            ?     ? ? ? 'X-RAY DIFFRACTION' ? 
x_scbond_it             ?     ? ? ? 'X-RAY DIFFRACTION' ? 
x_scangle_it            ?     ? ? ? 'X-RAY DIFFRACTION' ? 
# 
_struct.entry_id                  1RST 
_struct.title                     'COMPLEX BETWEEN STREPTAVIDIN AND THE STREP-TAG PEPTIDE' 
_struct.pdbx_model_details        ? 
_struct.pdbx_CASP_flag            ? 
_struct.pdbx_model_type_details   ? 
# 
_struct_keywords.entry_id        1RST 
_struct_keywords.pdbx_keywords   'COMPLEX (SIGNAL PROTEIN/PEPTIDE)' 
_struct_keywords.text            'COMPLEX (SIGNAL PROTEIN-PEPTIDE), SIGNAL PROTEIN, COMPLEX (SIGNAL PROTEIN-PEPTIDE) complex' 
# 
loop_
_struct_asym.id 
_struct_asym.pdbx_blank_PDB_chainid_flag 
_struct_asym.pdbx_modified 
_struct_asym.entity_id 
_struct_asym.details 
A N N 1 ? 
B N N 2 ? 
C N N 3 ? 
# 
loop_
_struct_ref.id 
_struct_ref.db_name 
_struct_ref.db_code 
_struct_ref.entity_id 
_struct_ref.pdbx_db_accession 
_struct_ref.pdbx_align_begin 
_struct_ref.pdbx_seq_one_letter_code 
_struct_ref.pdbx_db_isoform 
1 UNP SAV_STRAV 1 P22629 1 
;MRKIVVAAIAVSLTTVSITASASADPSKDSKAQVSAAEAGITGTWYNQLGSTFIVTAGADGALTGTYESAVGNAESRYVL
TGRYDSAPATDGSGTALGWTVAWKNNYRNAHSATTWSGQYVGGAEARINTQWLLTSGTTEANAWKSTLVGHDTFTKVKPS
AASIDAAKKAGVNNGNPLDAVQQ
;
? 
2 PDB 1RST      2 1RST   ? ? ? 
# 
loop_
_struct_ref_seq.align_id 
_struct_ref_seq.ref_id 
_struct_ref_seq.pdbx_PDB_id_code 
_struct_ref_seq.pdbx_strand_id 
_struct_ref_seq.seq_align_beg 
_struct_ref_seq.pdbx_seq_align_beg_ins_code 
_struct_ref_seq.seq_align_end 
_struct_ref_seq.pdbx_seq_align_end_ins_code 
_struct_ref_seq.pdbx_db_accession 
_struct_ref_seq.db_align_beg 
_struct_ref_seq.pdbx_db_align_beg_ins_code 
_struct_ref_seq.db_align_end 
_struct_ref_seq.pdbx_db_align_end_ins_code 
_struct_ref_seq.pdbx_auth_seq_align_beg 
_struct_ref_seq.pdbx_auth_seq_align_end 
1 1 1RST B 2 ? 127 ? P22629 38 ? 163 ? 14 139 
2 2 1RST P 1 ? 9   ? 1RST   1  ? 9   ? 1  9   
# 
_pdbx_struct_assembly.id                   1 
_pdbx_struct_assembly.details              author_defined_assembly 
_pdbx_struct_assembly.method_details       ? 
_pdbx_struct_assembly.oligomeric_details   octameric 
_pdbx_struct_assembly.oligomeric_count     8 
# 
_pdbx_struct_assembly_gen.assembly_id       1 
_pdbx_struct_assembly_gen.oper_expression   1,2,3,4 
_pdbx_struct_assembly_gen.asym_id_list      A,B,C 
# 
loop_
_pdbx_struct_oper_list.id 
_pdbx_struct_oper_list.type 
_pdbx_struct_oper_list.name 
_pdbx_struct_oper_list.symmetry_operation 
_pdbx_struct_oper_list.matrix[1][1] 
_pdbx_struct_oper_list.matrix[1][2] 
_pdbx_struct_oper_list.matrix[1][3] 
_pdbx_struct_oper_list.vector[1] 
_pdbx_struct_oper_list.matrix[2][1] 
_pdbx_struct_oper_list.matrix[2][2] 
_pdbx_struct_oper_list.matrix[2][3] 
_pdbx_struct_oper_list.vector[2] 
_pdbx_struct_oper_list.matrix[3][1] 
_pdbx_struct_oper_list.matrix[3][2] 
_pdbx_struct_oper_list.matrix[3][3] 
_pdbx_struct_oper_list.vector[3] 
1 'identity operation'         1_555  x,y,z      1.0000000000  0.0000000000  0.0000000000  0.0000000000   0.0000000000  1.0000000000  0.0000000000  0.0000000000  0.0000000000  0.0000000000  1.0000000000  0.0000000000  
2 'crystal symmetry operation' 15_556 y,x,-z+1   -0.6008909996 -0.3122936819 -0.7358006951 -7.4528681473  -0.3122936819 -0.7556373230 0.5757472469  12.4456629469 -0.7358006951 0.5757472469  0.3565283225  -9.3248194900 
3 'crystal symmetry operation' 10_555 -x,-y,z    -0.2840137190 0.9586414944  -0.0185119599 -23.1379140136 0.9586414944  0.2835350888  -0.0247858561 17.5407159132 -0.0185119599 -0.0247858561 -0.9995213698 13.4415325302 
4 'crystal symmetry operation' 8_556  -y,-x,-z+1 -0.1150952814 -0.6463478125 0.7543126550  -8.9176476028  -0.6463478125 -0.5278977658 -0.5509613908 14.1559930386 0.7543126550  -0.5509613908 -0.3570069528 22.5913796654 
# 
_struct_biol.id   1 
# 
loop_
_struct_conf.conf_type_id 
_struct_conf.id 
_struct_conf.pdbx_PDB_helix_id 
_struct_conf.beg_label_comp_id 
_struct_conf.beg_label_asym_id 
_struct_conf.beg_label_seq_id 
_struct_conf.pdbx_beg_PDB_ins_code 
_struct_conf.end_label_comp_id 
_struct_conf.end_label_asym_id 
_struct_conf.end_label_seq_id 
_struct_conf.pdbx_end_PDB_ins_code 
_struct_conf.beg_auth_comp_id 
_struct_conf.beg_auth_asym_id 
_struct_conf.beg_auth_seq_id 
_struct_conf.end_auth_comp_id 
_struct_conf.end_auth_asym_id 
_struct_conf.end_auth_seq_id 
_struct_conf.pdbx_PDB_helix_class 
_struct_conf.details 
_struct_conf.pdbx_PDB_helix_length 
HELX_P HELX_P1 1 ALA A 38  ? SER A 40  ? ALA B 50  SER B 52  5 ? 3 
HELX_P HELX_P2 2 ALA A 107 ? LYS A 109 ? ALA B 119 LYS B 121 5 ? 3 
HELX_P HELX_P3 3 PRO B 5   ? PHE B 7   ? PRO P 5   PHE P 7   5 ? 3 
# 
_struct_conf_type.id          HELX_P 
_struct_conf_type.criteria    ? 
_struct_conf_type.reference   ? 
# 
_struct_sheet.id               A 
_struct_sheet.type             ? 
_struct_sheet.number_strands   8 
_struct_sheet.details          ? 
# 
loop_
_struct_sheet_order.sheet_id 
_struct_sheet_order.range_id_1 
_struct_sheet_order.range_id_2 
_struct_sheet_order.offset 
_struct_sheet_order.sense 
A 1 2 ? anti-parallel 
A 2 3 ? anti-parallel 
A 3 4 ? anti-parallel 
A 4 5 ? anti-parallel 
A 5 6 ? anti-parallel 
A 6 7 ? anti-parallel 
A 7 8 ? anti-parallel 
# 
loop_
_struct_sheet_range.sheet_id 
_struct_sheet_range.id 
_struct_sheet_range.beg_label_comp_id 
_struct_sheet_range.beg_label_asym_id 
_struct_sheet_range.beg_label_seq_id 
_struct_sheet_range.pdbx_beg_PDB_ins_code 
_struct_sheet_range.end_label_comp_id 
_struct_sheet_range.end_label_asym_id 
_struct_sheet_range.end_label_seq_id 
_struct_sheet_range.pdbx_end_PDB_ins_code 
_struct_sheet_range.beg_auth_comp_id 
_struct_sheet_range.beg_auth_asym_id 
_struct_sheet_range.beg_auth_seq_id 
_struct_sheet_range.end_auth_comp_id 
_struct_sheet_range.end_auth_asym_id 
_struct_sheet_range.end_auth_seq_id 
A 1 GLY A 7   ? TYR A 10  ? GLY B 19  TYR B 22  
A 2 THR A 16  ? ALA A 21  ? THR B 28  ALA B 33  
A 3 ALA A 26  ? GLU A 32  ? ALA B 38  GLU B 44  
A 4 ARG A 41  ? TYR A 48  ? ARG B 53  TYR B 60  
A 5 THR A 59  ? ALA A 66  ? THR B 71  ALA B 78  
A 6 SER A 76  ? VAL A 85  ? SER B 88  VAL B 97  
A 7 ARG A 91  ? SER A 100 ? ARG B 103 SER B 112 
A 8 THR A 111 ? THR A 119 ? THR B 123 THR B 131 
# 
loop_
_pdbx_struct_sheet_hbond.sheet_id 
_pdbx_struct_sheet_hbond.range_id_1 
_pdbx_struct_sheet_hbond.range_id_2 
_pdbx_struct_sheet_hbond.range_1_label_atom_id 
_pdbx_struct_sheet_hbond.range_1_label_comp_id 
_pdbx_struct_sheet_hbond.range_1_label_asym_id 
_pdbx_struct_sheet_hbond.range_1_label_seq_id 
_pdbx_struct_sheet_hbond.range_1_PDB_ins_code 
_pdbx_struct_sheet_hbond.range_1_auth_atom_id 
_pdbx_struct_sheet_hbond.range_1_auth_comp_id 
_pdbx_struct_sheet_hbond.range_1_auth_asym_id 
_pdbx_struct_sheet_hbond.range_1_auth_seq_id 
_pdbx_struct_sheet_hbond.range_2_label_atom_id 
_pdbx_struct_sheet_hbond.range_2_label_comp_id 
_pdbx_struct_sheet_hbond.range_2_label_asym_id 
_pdbx_struct_sheet_hbond.range_2_label_seq_id 
_pdbx_struct_sheet_hbond.range_2_PDB_ins_code 
_pdbx_struct_sheet_hbond.range_2_auth_atom_id 
_pdbx_struct_sheet_hbond.range_2_auth_comp_id 
_pdbx_struct_sheet_hbond.range_2_auth_asym_id 
_pdbx_struct_sheet_hbond.range_2_auth_seq_id 
A 1 2 O GLY A 7  ? O GLY B 19  N VAL A 19  ? N VAL B 31  
A 2 3 O THR A 16 ? O THR B 28  N GLU A 32  ? N GLU B 44  
A 3 4 O LEU A 27 ? O LEU B 39  N GLY A 46  ? N GLY B 58  
A 4 5 O THR A 45 ? O THR B 57  N THR A 64  ? N THR B 76  
A 5 6 O THR A 59 ? O THR B 71  N TYR A 84  ? N TYR B 96  
A 6 7 O ALA A 77 ? O ALA B 89  N THR A 99  ? N THR B 111 
A 7 8 O ILE A 92 ? O ILE B 104 N PHE A 118 ? N PHE B 130 
# 
_pdbx_validate_symm_contact.id                1 
_pdbx_validate_symm_contact.PDB_model_num     1 
_pdbx_validate_symm_contact.auth_atom_id_1    HZ3 
_pdbx_validate_symm_contact.auth_asym_id_1    B 
_pdbx_validate_symm_contact.auth_comp_id_1    LYS 
_pdbx_validate_symm_contact.auth_seq_id_1     121 
_pdbx_validate_symm_contact.PDB_ins_code_1    ? 
_pdbx_validate_symm_contact.label_alt_id_1    ? 
_pdbx_validate_symm_contact.site_symmetry_1   1_555 
_pdbx_validate_symm_contact.auth_atom_id_2    H2 
_pdbx_validate_symm_contact.auth_asym_id_2    P 
_pdbx_validate_symm_contact.auth_comp_id_2    ALA 
_pdbx_validate_symm_contact.auth_seq_id_2     1 
_pdbx_validate_symm_contact.PDB_ins_code_2    ? 
_pdbx_validate_symm_contact.label_alt_id_2    ? 
_pdbx_validate_symm_contact.site_symmetry_2   10_555 
_pdbx_validate_symm_contact.dist              1.25 
# 
loop_
_pdbx_validate_rmsd_angle.id 
_pdbx_validate_rmsd_angle.PDB_model_num 
_pdbx_validate_rmsd_angle.auth_atom_id_1 
_pdbx_validate_rmsd_angle.auth_asym_id_1 
_pdbx_validate_rmsd_angle.auth_comp_id_1 
_pdbx_validate_rmsd_angle.auth_seq_id_1 
_pdbx_validate_rmsd_angle.PDB_ins_code_1 
_pdbx_validate_rmsd_angle.label_alt_id_1 
_pdbx_validate_rmsd_angle.auth_atom_id_2 
_pdbx_validate_rmsd_angle.auth_asym_id_2 
_pdbx_validate_rmsd_angle.auth_comp_id_2 
_pdbx_validate_rmsd_angle.auth_seq_id_2 
_pdbx_validate_rmsd_angle.PDB_ins_code_2 
_pdbx_validate_rmsd_angle.label_alt_id_2 
_pdbx_validate_rmsd_angle.auth_atom_id_3 
_pdbx_validate_rmsd_angle.auth_asym_id_3 
_pdbx_validate_rmsd_angle.auth_comp_id_3 
_pdbx_validate_rmsd_angle.auth_seq_id_3 
_pdbx_validate_rmsd_angle.PDB_ins_code_3 
_pdbx_validate_rmsd_angle.label_alt_id_3 
_pdbx_validate_rmsd_angle.angle_value 
_pdbx_validate_rmsd_angle.angle_target_value 
_pdbx_validate_rmsd_angle.angle_deviation 
_pdbx_validate_rmsd_angle.angle_standard_deviation 
_pdbx_validate_rmsd_angle.linker_flag 
1 1 C B LYS 134 ? ? N B PRO 135 ? ? CA B PRO 135 ? ? 132.63 119.30 13.33  1.50 Y 
2 1 C B LYS 134 ? ? N B PRO 135 ? ? CD B PRO 135 ? ? 114.93 128.40 -13.47 2.10 Y 
# 
loop_
_pdbx_validate_torsion.id 
_pdbx_validate_torsion.PDB_model_num 
_pdbx_validate_torsion.auth_comp_id 
_pdbx_validate_torsion.auth_asym_id 
_pdbx_validate_torsion.auth_seq_id 
_pdbx_validate_torsion.PDB_ins_code 
_pdbx_validate_torsion.label_alt_id 
_pdbx_validate_torsion.phi 
_pdbx_validate_torsion.psi 
1 1 ASP B 67  ? ? -68.17  11.85 
2 1 GLU B 101 ? A -111.82 67.64 
3 1 GLU B 101 ? B -109.45 63.64 
# 
loop_
_pdbx_struct_special_symmetry.id 
_pdbx_struct_special_symmetry.PDB_model_num 
_pdbx_struct_special_symmetry.auth_asym_id 
_pdbx_struct_special_symmetry.auth_comp_id 
_pdbx_struct_special_symmetry.auth_seq_id 
_pdbx_struct_special_symmetry.PDB_ins_code 
_pdbx_struct_special_symmetry.label_asym_id 
_pdbx_struct_special_symmetry.label_comp_id 
_pdbx_struct_special_symmetry.label_seq_id 
1 1 B HOH 201 ? C HOH . 
2 1 B HOH 202 ? C HOH . 
3 1 B HOH 203 ? C HOH . 
4 1 B HOH 204 ? C HOH . 
# 
loop_
_pdbx_unobs_or_zero_occ_residues.id 
_pdbx_unobs_or_zero_occ_residues.PDB_model_num 
_pdbx_unobs_or_zero_occ_residues.polymer_flag 
_pdbx_unobs_or_zero_occ_residues.occupancy_flag 
_pdbx_unobs_or_zero_occ_residues.auth_asym_id 
_pdbx_unobs_or_zero_occ_residues.auth_comp_id 
_pdbx_unobs_or_zero_occ_residues.auth_seq_id 
_pdbx_unobs_or_zero_occ_residues.PDB_ins_code 
_pdbx_unobs_or_zero_occ_residues.label_asym_id 
_pdbx_unobs_or_zero_occ_residues.label_comp_id 
_pdbx_unobs_or_zero_occ_residues.label_seq_id 
1 1 Y 1 B SER 136 ? A SER 124 
2 1 Y 1 B ALA 137 ? A ALA 125 
3 1 Y 1 B ALA 138 ? A ALA 126 
4 1 Y 1 B SER 139 ? A SER 127 
# 
loop_
_chem_comp_atom.comp_id 
_chem_comp_atom.atom_id 
_chem_comp_atom.type_symbol 
_chem_comp_atom.pdbx_aromatic_flag 
_chem_comp_atom.pdbx_stereo_config 
_chem_comp_atom.pdbx_ordinal 
ALA N    N N N 1   
ALA CA   C N S 2   
ALA C    C N N 3   
ALA O    O N N 4   
ALA CB   C N N 5   
ALA OXT  O N N 6   
ALA H    H N N 7   
ALA H2   H N N 8   
ALA HA   H N N 9   
ALA HB1  H N N 10  
ALA HB2  H N N 11  
ALA HB3  H N N 12  
ALA HXT  H N N 13  
ARG N    N N N 14  
ARG CA   C N S 15  
ARG C    C N N 16  
ARG O    O N N 17  
ARG CB   C N N 18  
ARG CG   C N N 19  
ARG CD   C N N 20  
ARG NE   N N N 21  
ARG CZ   C N N 22  
ARG NH1  N N N 23  
ARG NH2  N N N 24  
ARG OXT  O N N 25  
ARG H    H N N 26  
ARG H2   H N N 27  
ARG HA   H N N 28  
ARG HB2  H N N 29  
ARG HB3  H N N 30  
ARG HG2  H N N 31  
ARG HG3  H N N 32  
ARG HD2  H N N 33  
ARG HD3  H N N 34  
ARG HE   H N N 35  
ARG HH11 H N N 36  
ARG HH12 H N N 37  
ARG HH21 H N N 38  
ARG HH22 H N N 39  
ARG HXT  H N N 40  
ASN N    N N N 41  
ASN CA   C N S 42  
ASN C    C N N 43  
ASN O    O N N 44  
ASN CB   C N N 45  
ASN CG   C N N 46  
ASN OD1  O N N 47  
ASN ND2  N N N 48  
ASN OXT  O N N 49  
ASN H    H N N 50  
ASN H2   H N N 51  
ASN HA   H N N 52  
ASN HB2  H N N 53  
ASN HB3  H N N 54  
ASN HD21 H N N 55  
ASN HD22 H N N 56  
ASN HXT  H N N 57  
ASP N    N N N 58  
ASP CA   C N S 59  
ASP C    C N N 60  
ASP O    O N N 61  
ASP CB   C N N 62  
ASP CG   C N N 63  
ASP OD1  O N N 64  
ASP OD2  O N N 65  
ASP OXT  O N N 66  
ASP H    H N N 67  
ASP H2   H N N 68  
ASP HA   H N N 69  
ASP HB2  H N N 70  
ASP HB3  H N N 71  
ASP HD2  H N N 72  
ASP HXT  H N N 73  
GLN N    N N N 74  
GLN CA   C N S 75  
GLN C    C N N 76  
GLN O    O N N 77  
GLN CB   C N N 78  
GLN CG   C N N 79  
GLN CD   C N N 80  
GLN OE1  O N N 81  
GLN NE2  N N N 82  
GLN OXT  O N N 83  
GLN H    H N N 84  
GLN H2   H N N 85  
GLN HA   H N N 86  
GLN HB2  H N N 87  
GLN HB3  H N N 88  
GLN HG2  H N N 89  
GLN HG3  H N N 90  
GLN HE21 H N N 91  
GLN HE22 H N N 92  
GLN HXT  H N N 93  
GLU N    N N N 94  
GLU CA   C N S 95  
GLU C    C N N 96  
GLU O    O N N 97  
GLU CB   C N N 98  
GLU CG   C N N 99  
GLU CD   C N N 100 
GLU OE1  O N N 101 
GLU OE2  O N N 102 
GLU OXT  O N N 103 
GLU H    H N N 104 
GLU H2   H N N 105 
GLU HA   H N N 106 
GLU HB2  H N N 107 
GLU HB3  H N N 108 
GLU HG2  H N N 109 
GLU HG3  H N N 110 
GLU HE2  H N N 111 
GLU HXT  H N N 112 
GLY N    N N N 113 
GLY CA   C N N 114 
GLY C    C N N 115 
GLY O    O N N 116 
GLY OXT  O N N 117 
GLY H    H N N 118 
GLY H2   H N N 119 
GLY HA2  H N N 120 
GLY HA3  H N N 121 
GLY HXT  H N N 122 
HIS N    N N N 123 
HIS CA   C N S 124 
HIS C    C N N 125 
HIS O    O N N 126 
HIS CB   C N N 127 
HIS CG   C Y N 128 
HIS ND1  N Y N 129 
HIS CD2  C Y N 130 
HIS CE1  C Y N 131 
HIS NE2  N Y N 132 
HIS OXT  O N N 133 
HIS H    H N N 134 
HIS H2   H N N 135 
HIS HA   H N N 136 
HIS HB2  H N N 137 
HIS HB3  H N N 138 
HIS HD1  H N N 139 
HIS HD2  H N N 140 
HIS HE1  H N N 141 
HIS HE2  H N N 142 
HIS HXT  H N N 143 
HOH O    O N N 144 
HOH H1   H N N 145 
HOH H2   H N N 146 
ILE N    N N N 147 
ILE CA   C N S 148 
ILE C    C N N 149 
ILE O    O N N 150 
ILE CB   C N S 151 
ILE CG1  C N N 152 
ILE CG2  C N N 153 
ILE CD1  C N N 154 
ILE OXT  O N N 155 
ILE H    H N N 156 
ILE H2   H N N 157 
ILE HA   H N N 158 
ILE HB   H N N 159 
ILE HG12 H N N 160 
ILE HG13 H N N 161 
ILE HG21 H N N 162 
ILE HG22 H N N 163 
ILE HG23 H N N 164 
ILE HD11 H N N 165 
ILE HD12 H N N 166 
ILE HD13 H N N 167 
ILE HXT  H N N 168 
LEU N    N N N 169 
LEU CA   C N S 170 
LEU C    C N N 171 
LEU O    O N N 172 
LEU CB   C N N 173 
LEU CG   C N N 174 
LEU CD1  C N N 175 
LEU CD2  C N N 176 
LEU OXT  O N N 177 
LEU H    H N N 178 
LEU H2   H N N 179 
LEU HA   H N N 180 
LEU HB2  H N N 181 
LEU HB3  H N N 182 
LEU HG   H N N 183 
LEU HD11 H N N 184 
LEU HD12 H N N 185 
LEU HD13 H N N 186 
LEU HD21 H N N 187 
LEU HD22 H N N 188 
LEU HD23 H N N 189 
LEU HXT  H N N 190 
LYS N    N N N 191 
LYS CA   C N S 192 
LYS C    C N N 193 
LYS O    O N N 194 
LYS CB   C N N 195 
LYS CG   C N N 196 
LYS CD   C N N 197 
LYS CE   C N N 198 
LYS NZ   N N N 199 
LYS OXT  O N N 200 
LYS H    H N N 201 
LYS H2   H N N 202 
LYS HA   H N N 203 
LYS HB2  H N N 204 
LYS HB3  H N N 205 
LYS HG2  H N N 206 
LYS HG3  H N N 207 
LYS HD2  H N N 208 
LYS HD3  H N N 209 
LYS HE2  H N N 210 
LYS HE3  H N N 211 
LYS HZ1  H N N 212 
LYS HZ2  H N N 213 
LYS HZ3  H N N 214 
LYS HXT  H N N 215 
MET N    N N N 216 
MET CA   C N S 217 
MET C    C N N 218 
MET O    O N N 219 
MET CB   C N N 220 
MET CG   C N N 221 
MET SD   S N N 222 
MET CE   C N N 223 
MET OXT  O N N 224 
MET H    H N N 225 
MET H2   H N N 226 
MET HA   H N N 227 
MET HB2  H N N 228 
MET HB3  H N N 229 
MET HG2  H N N 230 
MET HG3  H N N 231 
MET HE1  H N N 232 
MET HE2  H N N 233 
MET HE3  H N N 234 
MET HXT  H N N 235 
PHE N    N N N 236 
PHE CA   C N S 237 
PHE C    C N N 238 
PHE O    O N N 239 
PHE CB   C N N 240 
PHE CG   C Y N 241 
PHE CD1  C Y N 242 
PHE CD2  C Y N 243 
PHE CE1  C Y N 244 
PHE CE2  C Y N 245 
PHE CZ   C Y N 246 
PHE OXT  O N N 247 
PHE H    H N N 248 
PHE H2   H N N 249 
PHE HA   H N N 250 
PHE HB2  H N N 251 
PHE HB3  H N N 252 
PHE HD1  H N N 253 
PHE HD2  H N N 254 
PHE HE1  H N N 255 
PHE HE2  H N N 256 
PHE HZ   H N N 257 
PHE HXT  H N N 258 
PRO N    N N N 259 
PRO CA   C N S 260 
PRO C    C N N 261 
PRO O    O N N 262 
PRO CB   C N N 263 
PRO CG   C N N 264 
PRO CD   C N N 265 
PRO OXT  O N N 266 
PRO H    H N N 267 
PRO HA   H N N 268 
PRO HB2  H N N 269 
PRO HB3  H N N 270 
PRO HG2  H N N 271 
PRO HG3  H N N 272 
PRO HD2  H N N 273 
PRO HD3  H N N 274 
PRO HXT  H N N 275 
SER N    N N N 276 
SER CA   C N S 277 
SER C    C N N 278 
SER O    O N N 279 
SER CB   C N N 280 
SER OG   O N N 281 
SER OXT  O N N 282 
SER H    H N N 283 
SER H2   H N N 284 
SER HA   H N N 285 
SER HB2  H N N 286 
SER HB3  H N N 287 
SER HG   H N N 288 
SER HXT  H N N 289 
THR N    N N N 290 
THR CA   C N S 291 
THR C    C N N 292 
THR O    O N N 293 
THR CB   C N R 294 
THR OG1  O N N 295 
THR CG2  C N N 296 
THR OXT  O N N 297 
THR H    H N N 298 
THR H2   H N N 299 
THR HA   H N N 300 
THR HB   H N N 301 
THR HG1  H N N 302 
THR HG21 H N N 303 
THR HG22 H N N 304 
THR HG23 H N N 305 
THR HXT  H N N 306 
TRP N    N N N 307 
TRP CA   C N S 308 
TRP C    C N N 309 
TRP O    O N N 310 
TRP CB   C N N 311 
TRP CG   C Y N 312 
TRP CD1  C Y N 313 
TRP CD2  C Y N 314 
TRP NE1  N Y N 315 
TRP CE2  C Y N 316 
TRP CE3  C Y N 317 
TRP CZ2  C Y N 318 
TRP CZ3  C Y N 319 
TRP CH2  C Y N 320 
TRP OXT  O N N 321 
TRP H    H N N 322 
TRP H2   H N N 323 
TRP HA   H N N 324 
TRP HB2  H N N 325 
TRP HB3  H N N 326 
TRP HD1  H N N 327 
TRP HE1  H N N 328 
TRP HE3  H N N 329 
TRP HZ2  H N N 330 
TRP HZ3  H N N 331 
TRP HH2  H N N 332 
TRP HXT  H N N 333 
TYR N    N N N 334 
TYR CA   C N S 335 
TYR C    C N N 336 
TYR O    O N N 337 
TYR CB   C N N 338 
TYR CG   C Y N 339 
TYR CD1  C Y N 340 
TYR CD2  C Y N 341 
TYR CE1  C Y N 342 
TYR CE2  C Y N 343 
TYR CZ   C Y N 344 
TYR OH   O N N 345 
TYR OXT  O N N 346 
TYR H    H N N 347 
TYR H2   H N N 348 
TYR HA   H N N 349 
TYR HB2  H N N 350 
TYR HB3  H N N 351 
TYR HD1  H N N 352 
TYR HD2  H N N 353 
TYR HE1  H N N 354 
TYR HE2  H N N 355 
TYR HH   H N N 356 
TYR HXT  H N N 357 
VAL N    N N N 358 
VAL CA   C N S 359 
VAL C    C N N 360 
VAL O    O N N 361 
VAL CB   C N N 362 
VAL CG1  C N N 363 
VAL CG2  C N N 364 
VAL OXT  O N N 365 
VAL H    H N N 366 
VAL H2   H N N 367 
VAL HA   H N N 368 
VAL HB   H N N 369 
VAL HG11 H N N 370 
VAL HG12 H N N 371 
VAL HG13 H N N 372 
VAL HG21 H N N 373 
VAL HG22 H N N 374 
VAL HG23 H N N 375 
VAL HXT  H N N 376 
# 
loop_
_chem_comp_bond.comp_id 
_chem_comp_bond.atom_id_1 
_chem_comp_bond.atom_id_2 
_chem_comp_bond.value_order 
_chem_comp_bond.pdbx_aromatic_flag 
_chem_comp_bond.pdbx_stereo_config 
_chem_comp_bond.pdbx_ordinal 
ALA N   CA   sing N N 1   
ALA N   H    sing N N 2   
ALA N   H2   sing N N 3   
ALA CA  C    sing N N 4   
ALA CA  CB   sing N N 5   
ALA CA  HA   sing N N 6   
ALA C   O    doub N N 7   
ALA C   OXT  sing N N 8   
ALA CB  HB1  sing N N 9   
ALA CB  HB2  sing N N 10  
ALA CB  HB3  sing N N 11  
ALA OXT HXT  sing N N 12  
ARG N   CA   sing N N 13  
ARG N   H    sing N N 14  
ARG N   H2   sing N N 15  
ARG CA  C    sing N N 16  
ARG CA  CB   sing N N 17  
ARG CA  HA   sing N N 18  
ARG C   O    doub N N 19  
ARG C   OXT  sing N N 20  
ARG CB  CG   sing N N 21  
ARG CB  HB2  sing N N 22  
ARG CB  HB3  sing N N 23  
ARG CG  CD   sing N N 24  
ARG CG  HG2  sing N N 25  
ARG CG  HG3  sing N N 26  
ARG CD  NE   sing N N 27  
ARG CD  HD2  sing N N 28  
ARG CD  HD3  sing N N 29  
ARG NE  CZ   sing N N 30  
ARG NE  HE   sing N N 31  
ARG CZ  NH1  sing N N 32  
ARG CZ  NH2  doub N N 33  
ARG NH1 HH11 sing N N 34  
ARG NH1 HH12 sing N N 35  
ARG NH2 HH21 sing N N 36  
ARG NH2 HH22 sing N N 37  
ARG OXT HXT  sing N N 38  
ASN N   CA   sing N N 39  
ASN N   H    sing N N 40  
ASN N   H2   sing N N 41  
ASN CA  C    sing N N 42  
ASN CA  CB   sing N N 43  
ASN CA  HA   sing N N 44  
ASN C   O    doub N N 45  
ASN C   OXT  sing N N 46  
ASN CB  CG   sing N N 47  
ASN CB  HB2  sing N N 48  
ASN CB  HB3  sing N N 49  
ASN CG  OD1  doub N N 50  
ASN CG  ND2  sing N N 51  
ASN ND2 HD21 sing N N 52  
ASN ND2 HD22 sing N N 53  
ASN OXT HXT  sing N N 54  
ASP N   CA   sing N N 55  
ASP N   H    sing N N 56  
ASP N   H2   sing N N 57  
ASP CA  C    sing N N 58  
ASP CA  CB   sing N N 59  
ASP CA  HA   sing N N 60  
ASP C   O    doub N N 61  
ASP C   OXT  sing N N 62  
ASP CB  CG   sing N N 63  
ASP CB  HB2  sing N N 64  
ASP CB  HB3  sing N N 65  
ASP CG  OD1  doub N N 66  
ASP CG  OD2  sing N N 67  
ASP OD2 HD2  sing N N 68  
ASP OXT HXT  sing N N 69  
GLN N   CA   sing N N 70  
GLN N   H    sing N N 71  
GLN N   H2   sing N N 72  
GLN CA  C    sing N N 73  
GLN CA  CB   sing N N 74  
GLN CA  HA   sing N N 75  
GLN C   O    doub N N 76  
GLN C   OXT  sing N N 77  
GLN CB  CG   sing N N 78  
GLN CB  HB2  sing N N 79  
GLN CB  HB3  sing N N 80  
GLN CG  CD   sing N N 81  
GLN CG  HG2  sing N N 82  
GLN CG  HG3  sing N N 83  
GLN CD  OE1  doub N N 84  
GLN CD  NE2  sing N N 85  
GLN NE2 HE21 sing N N 86  
GLN NE2 HE22 sing N N 87  
GLN OXT HXT  sing N N 88  
GLU N   CA   sing N N 89  
GLU N   H    sing N N 90  
GLU N   H2   sing N N 91  
GLU CA  C    sing N N 92  
GLU CA  CB   sing N N 93  
GLU CA  HA   sing N N 94  
GLU C   O    doub N N 95  
GLU C   OXT  sing N N 96  
GLU CB  CG   sing N N 97  
GLU CB  HB2  sing N N 98  
GLU CB  HB3  sing N N 99  
GLU CG  CD   sing N N 100 
GLU CG  HG2  sing N N 101 
GLU CG  HG3  sing N N 102 
GLU CD  OE1  doub N N 103 
GLU CD  OE2  sing N N 104 
GLU OE2 HE2  sing N N 105 
GLU OXT HXT  sing N N 106 
GLY N   CA   sing N N 107 
GLY N   H    sing N N 108 
GLY N   H2   sing N N 109 
GLY CA  C    sing N N 110 
GLY CA  HA2  sing N N 111 
GLY CA  HA3  sing N N 112 
GLY C   O    doub N N 113 
GLY C   OXT  sing N N 114 
GLY OXT HXT  sing N N 115 
HIS N   CA   sing N N 116 
HIS N   H    sing N N 117 
HIS N   H2   sing N N 118 
HIS CA  C    sing N N 119 
HIS CA  CB   sing N N 120 
HIS CA  HA   sing N N 121 
HIS C   O    doub N N 122 
HIS C   OXT  sing N N 123 
HIS CB  CG   sing N N 124 
HIS CB  HB2  sing N N 125 
HIS CB  HB3  sing N N 126 
HIS CG  ND1  sing Y N 127 
HIS CG  CD2  doub Y N 128 
HIS ND1 CE1  doub Y N 129 
HIS ND1 HD1  sing N N 130 
HIS CD2 NE2  sing Y N 131 
HIS CD2 HD2  sing N N 132 
HIS CE1 NE2  sing Y N 133 
HIS CE1 HE1  sing N N 134 
HIS NE2 HE2  sing N N 135 
HIS OXT HXT  sing N N 136 
HOH O   H1   sing N N 137 
HOH O   H2   sing N N 138 
ILE N   CA   sing N N 139 
ILE N   H    sing N N 140 
ILE N   H2   sing N N 141 
ILE CA  C    sing N N 142 
ILE CA  CB   sing N N 143 
ILE CA  HA   sing N N 144 
ILE C   O    doub N N 145 
ILE C   OXT  sing N N 146 
ILE CB  CG1  sing N N 147 
ILE CB  CG2  sing N N 148 
ILE CB  HB   sing N N 149 
ILE CG1 CD1  sing N N 150 
ILE CG1 HG12 sing N N 151 
ILE CG1 HG13 sing N N 152 
ILE CG2 HG21 sing N N 153 
ILE CG2 HG22 sing N N 154 
ILE CG2 HG23 sing N N 155 
ILE CD1 HD11 sing N N 156 
ILE CD1 HD12 sing N N 157 
ILE CD1 HD13 sing N N 158 
ILE OXT HXT  sing N N 159 
LEU N   CA   sing N N 160 
LEU N   H    sing N N 161 
LEU N   H2   sing N N 162 
LEU CA  C    sing N N 163 
LEU CA  CB   sing N N 164 
LEU CA  HA   sing N N 165 
LEU C   O    doub N N 166 
LEU C   OXT  sing N N 167 
LEU CB  CG   sing N N 168 
LEU CB  HB2  sing N N 169 
LEU CB  HB3  sing N N 170 
LEU CG  CD1  sing N N 171 
LEU CG  CD2  sing N N 172 
LEU CG  HG   sing N N 173 
LEU CD1 HD11 sing N N 174 
LEU CD1 HD12 sing N N 175 
LEU CD1 HD13 sing N N 176 
LEU CD2 HD21 sing N N 177 
LEU CD2 HD22 sing N N 178 
LEU CD2 HD23 sing N N 179 
LEU OXT HXT  sing N N 180 
LYS N   CA   sing N N 181 
LYS N   H    sing N N 182 
LYS N   H2   sing N N 183 
LYS CA  C    sing N N 184 
LYS CA  CB   sing N N 185 
LYS CA  HA   sing N N 186 
LYS C   O    doub N N 187 
LYS C   OXT  sing N N 188 
LYS CB  CG   sing N N 189 
LYS CB  HB2  sing N N 190 
LYS CB  HB3  sing N N 191 
LYS CG  CD   sing N N 192 
LYS CG  HG2  sing N N 193 
LYS CG  HG3  sing N N 194 
LYS CD  CE   sing N N 195 
LYS CD  HD2  sing N N 196 
LYS CD  HD3  sing N N 197 
LYS CE  NZ   sing N N 198 
LYS CE  HE2  sing N N 199 
LYS CE  HE3  sing N N 200 
LYS NZ  HZ1  sing N N 201 
LYS NZ  HZ2  sing N N 202 
LYS NZ  HZ3  sing N N 203 
LYS OXT HXT  sing N N 204 
MET N   CA   sing N N 205 
MET N   H    sing N N 206 
MET N   H2   sing N N 207 
MET CA  C    sing N N 208 
MET CA  CB   sing N N 209 
MET CA  HA   sing N N 210 
MET C   O    doub N N 211 
MET C   OXT  sing N N 212 
MET CB  CG   sing N N 213 
MET CB  HB2  sing N N 214 
MET CB  HB3  sing N N 215 
MET CG  SD   sing N N 216 
MET CG  HG2  sing N N 217 
MET CG  HG3  sing N N 218 
MET SD  CE   sing N N 219 
MET CE  HE1  sing N N 220 
MET CE  HE2  sing N N 221 
MET CE  HE3  sing N N 222 
MET OXT HXT  sing N N 223 
PHE N   CA   sing N N 224 
PHE N   H    sing N N 225 
PHE N   H2   sing N N 226 
PHE CA  C    sing N N 227 
PHE CA  CB   sing N N 228 
PHE CA  HA   sing N N 229 
PHE C   O    doub N N 230 
PHE C   OXT  sing N N 231 
PHE CB  CG   sing N N 232 
PHE CB  HB2  sing N N 233 
PHE CB  HB3  sing N N 234 
PHE CG  CD1  doub Y N 235 
PHE CG  CD2  sing Y N 236 
PHE CD1 CE1  sing Y N 237 
PHE CD1 HD1  sing N N 238 
PHE CD2 CE2  doub Y N 239 
PHE CD2 HD2  sing N N 240 
PHE CE1 CZ   doub Y N 241 
PHE CE1 HE1  sing N N 242 
PHE CE2 CZ   sing Y N 243 
PHE CE2 HE2  sing N N 244 
PHE CZ  HZ   sing N N 245 
PHE OXT HXT  sing N N 246 
PRO N   CA   sing N N 247 
PRO N   CD   sing N N 248 
PRO N   H    sing N N 249 
PRO CA  C    sing N N 250 
PRO CA  CB   sing N N 251 
PRO CA  HA   sing N N 252 
PRO C   O    doub N N 253 
PRO C   OXT  sing N N 254 
PRO CB  CG   sing N N 255 
PRO CB  HB2  sing N N 256 
PRO CB  HB3  sing N N 257 
PRO CG  CD   sing N N 258 
PRO CG  HG2  sing N N 259 
PRO CG  HG3  sing N N 260 
PRO CD  HD2  sing N N 261 
PRO CD  HD3  sing N N 262 
PRO OXT HXT  sing N N 263 
SER N   CA   sing N N 264 
SER N   H    sing N N 265 
SER N   H2   sing N N 266 
SER CA  C    sing N N 267 
SER CA  CB   sing N N 268 
SER CA  HA   sing N N 269 
SER C   O    doub N N 270 
SER C   OXT  sing N N 271 
SER CB  OG   sing N N 272 
SER CB  HB2  sing N N 273 
SER CB  HB3  sing N N 274 
SER OG  HG   sing N N 275 
SER OXT HXT  sing N N 276 
THR N   CA   sing N N 277 
THR N   H    sing N N 278 
THR N   H2   sing N N 279 
THR CA  C    sing N N 280 
THR CA  CB   sing N N 281 
THR CA  HA   sing N N 282 
THR C   O    doub N N 283 
THR C   OXT  sing N N 284 
THR CB  OG1  sing N N 285 
THR CB  CG2  sing N N 286 
THR CB  HB   sing N N 287 
THR OG1 HG1  sing N N 288 
THR CG2 HG21 sing N N 289 
THR CG2 HG22 sing N N 290 
THR CG2 HG23 sing N N 291 
THR OXT HXT  sing N N 292 
TRP N   CA   sing N N 293 
TRP N   H    sing N N 294 
TRP N   H2   sing N N 295 
TRP CA  C    sing N N 296 
TRP CA  CB   sing N N 297 
TRP CA  HA   sing N N 298 
TRP C   O    doub N N 299 
TRP C   OXT  sing N N 300 
TRP CB  CG   sing N N 301 
TRP CB  HB2  sing N N 302 
TRP CB  HB3  sing N N 303 
TRP CG  CD1  doub Y N 304 
TRP CG  CD2  sing Y N 305 
TRP CD1 NE1  sing Y N 306 
TRP CD1 HD1  sing N N 307 
TRP CD2 CE2  doub Y N 308 
TRP CD2 CE3  sing Y N 309 
TRP NE1 CE2  sing Y N 310 
TRP NE1 HE1  sing N N 311 
TRP CE2 CZ2  sing Y N 312 
TRP CE3 CZ3  doub Y N 313 
TRP CE3 HE3  sing N N 314 
TRP CZ2 CH2  doub Y N 315 
TRP CZ2 HZ2  sing N N 316 
TRP CZ3 CH2  sing Y N 317 
TRP CZ3 HZ3  sing N N 318 
TRP CH2 HH2  sing N N 319 
TRP OXT HXT  sing N N 320 
TYR N   CA   sing N N 321 
TYR N   H    sing N N 322 
TYR N   H2   sing N N 323 
TYR CA  C    sing N N 324 
TYR CA  CB   sing N N 325 
TYR CA  HA   sing N N 326 
TYR C   O    doub N N 327 
TYR C   OXT  sing N N 328 
TYR CB  CG   sing N N 329 
TYR CB  HB2  sing N N 330 
TYR CB  HB3  sing N N 331 
TYR CG  CD1  doub Y N 332 
TYR CG  CD2  sing Y N 333 
TYR CD1 CE1  sing Y N 334 
TYR CD1 HD1  sing N N 335 
TYR CD2 CE2  doub Y N 336 
TYR CD2 HD2  sing N N 337 
TYR CE1 CZ   doub Y N 338 
TYR CE1 HE1  sing N N 339 
TYR CE2 CZ   sing Y N 340 
TYR CE2 HE2  sing N N 341 
TYR CZ  OH   sing N N 342 
TYR OH  HH   sing N N 343 
TYR OXT HXT  sing N N 344 
VAL N   CA   sing N N 345 
VAL N   H    sing N N 346 
VAL N   H2   sing N N 347 
VAL CA  C    sing N N 348 
VAL CA  CB   sing N N 349 
VAL CA  HA   sing N N 350 
VAL C   O    doub N N 351 
VAL C   OXT  sing N N 352 
VAL CB  CG1  sing N N 353 
VAL CB  CG2  sing N N 354 
VAL CB  HB   sing N N 355 
VAL CG1 HG11 sing N N 356 
VAL CG1 HG12 sing N N 357 
VAL CG1 HG13 sing N N 358 
VAL CG2 HG21 sing N N 359 
VAL CG2 HG22 sing N N 360 
VAL CG2 HG23 sing N N 361 
VAL OXT HXT  sing N N 362 
# 
_atom_sites.entry_id                    1RST 
_atom_sites.fract_transf_matrix[1][1]   0.01348607 
_atom_sites.fract_transf_matrix[1][2]   -0.01013251 
_atom_sites.fract_transf_matrix[1][3]   -0.00311183 
_atom_sites.fract_transf_matrix[2][1]   -0.00264965 
_atom_sites.fract_transf_matrix[2][2]   0.00165326 
_atom_sites.fract_transf_matrix[2][3]   -0.01686628 
_atom_sites.fract_transf_matrix[3][1]   0.00338233 
_atom_sites.fract_transf_matrix[3][2]   0.00452864 
_atom_sites.fract_transf_matrix[3][3]   -0.00008745 
_atom_sites.fract_transf_vector[1]      0.265799 
_atom_sites.fract_transf_vector[2]      0.068201 
_atom_sites.fract_transf_vector[3]      0.484023 
# 
loop_
_atom_type.symbol 
C 
H 
N 
O 
S 
# 
loop_
_atom_site.group_PDB 
_atom_site.id 
_atom_site.type_symbol 
_atom_site.label_atom_id 
_atom_site.label_alt_id 
_atom_site.label_comp_id 
_atom_site.label_asym_id 
_atom_site.label_entity_id 
_atom_site.label_seq_id 
_atom_site.pdbx_PDB_ins_code 
_atom_site.Cartn_x 
_atom_site.Cartn_y 
_atom_site.Cartn_z 
_atom_site.occupancy 
_atom_site.B_iso_or_equiv 
_atom_site.pdbx_formal_charge 
_atom_site.auth_seq_id 
_atom_site.auth_comp_id 
_atom_site.auth_asym_id 
_atom_site.auth_atom_id 
_atom_site.pdbx_PDB_model_num 
ATOM   1    N N    . MET A 1 1   ? 15.076  9.909   -8.420  1.00 85.28 ? 13  MET B N    1 
ATOM   2    C CA   . MET A 1 1   ? 15.155  8.530   -7.868  1.00 84.44 ? 13  MET B CA   1 
ATOM   3    C C    . MET A 1 1   ? 15.208  8.537   -6.325  1.00 82.43 ? 13  MET B C    1 
ATOM   4    O O    . MET A 1 1   ? 15.748  9.469   -5.723  1.00 81.64 ? 13  MET B O    1 
ATOM   5    C CB   . MET A 1 1   ? 16.391  7.825   -8.454  1.00 87.33 ? 13  MET B CB   1 
ATOM   6    C CG   . MET A 1 1   ? 16.623  6.410   -7.950  1.00 90.27 ? 13  MET B CG   1 
ATOM   7    S SD   . MET A 1 1   ? 15.158  5.367   -8.140  1.00 94.09 ? 13  MET B SD   1 
ATOM   8    C CE   . MET A 1 1   ? 15.762  3.795   -7.483  1.00 92.84 ? 13  MET B CE   1 
ATOM   9    H H1   . MET A 1 1   ? 15.834  10.489  -8.005  1.00 0.00  ? 13  MET B H1   1 
ATOM   10   H H2   . MET A 1 1   ? 15.070  9.979   -9.452  1.00 0.00  ? 13  MET B H2   1 
ATOM   11   H H3   . MET A 1 1   ? 14.215  10.326  -8.034  1.00 0.00  ? 13  MET B H3   1 
ATOM   12   N N    . GLU A 1 2   ? 14.592  7.532   -5.701  1.00 80.22 ? 14  GLU B N    1 
ATOM   13   C CA   . GLU A 1 2   ? 14.597  7.386   -4.243  1.00 77.18 ? 14  GLU B CA   1 
ATOM   14   C C    . GLU A 1 2   ? 15.105  5.995   -3.961  1.00 72.82 ? 14  GLU B C    1 
ATOM   15   O O    . GLU A 1 2   ? 14.357  5.020   -4.016  1.00 71.50 ? 14  GLU B O    1 
ATOM   16   C CB   . GLU A 1 2   ? 13.213  7.555   -3.620  1.00 79.77 ? 14  GLU B CB   1 
ATOM   17   C CG   . GLU A 1 2   ? 13.234  7.545   -2.092  1.00 82.48 ? 14  GLU B CG   1 
ATOM   18   C CD   . GLU A 1 2   ? 14.145  8.609   -1.502  1.00 83.57 ? 14  GLU B CD   1 
ATOM   19   O OE1  . GLU A 1 2   ? 13.700  9.764   -1.426  1.00 84.88 ? 14  GLU B OE1  1 
ATOM   20   O OE2  . GLU A 1 2   ? 15.306  8.306   -1.135  1.00 84.16 ? 14  GLU B OE2  1 
ATOM   21   H H    . GLU A 1 2   ? 14.146  6.813   -6.188  1.00 0.00  ? 14  GLU B H    1 
ATOM   22   N N    . ALA A 1 3   ? 16.395  5.938   -3.669  1.00 68.67 ? 15  ALA B N    1 
ATOM   23   C CA   . ALA A 1 3   ? 17.137  4.710   -3.407  1.00 64.53 ? 15  ALA B CA   1 
ATOM   24   C C    . ALA A 1 3   ? 16.518  3.536   -2.603  1.00 58.98 ? 15  ALA B C    1 
ATOM   25   O O    . ALA A 1 3   ? 16.411  2.404   -3.118  1.00 59.55 ? 15  ALA B O    1 
ATOM   26   C CB   . ALA A 1 3   ? 18.522  5.083   -2.822  1.00 67.07 ? 15  ALA B CB   1 
ATOM   27   H H    . ALA A 1 3   ? 16.879  6.784   -3.610  1.00 0.00  ? 15  ALA B H    1 
ATOM   28   N N    . GLY A 1 4   ? 16.163  3.803   -1.345  1.00 49.27 ? 16  GLY B N    1 
ATOM   29   C CA   . GLY A 1 4   ? 15.645  2.774   -0.460  1.00 37.13 ? 16  GLY B CA   1 
ATOM   30   C C    . GLY A 1 4   ? 14.182  2.409   -0.405  1.00 28.22 ? 16  GLY B C    1 
ATOM   31   O O    . GLY A 1 4   ? 13.747  1.869   0.601   1.00 26.17 ? 16  GLY B O    1 
ATOM   32   H H    . GLY A 1 4   ? 16.301  4.708   -1.020  1.00 0.00  ? 16  GLY B H    1 
ATOM   33   N N    . ILE A 1 5   ? 13.419  2.734   -1.433  1.00 22.36 ? 17  ILE B N    1 
ATOM   34   C CA   . ILE A 1 5   ? 12.007  2.371   -1.460  1.00 20.72 ? 17  ILE B CA   1 
ATOM   35   C C    . ILE A 1 5   ? 11.814  0.980   -2.079  1.00 19.30 ? 17  ILE B C    1 
ATOM   36   O O    . ILE A 1 5   ? 11.036  0.177   -1.572  1.00 18.86 ? 17  ILE B O    1 
ATOM   37   C CB   . ILE A 1 5   ? 11.167  3.420   -2.210  1.00 20.33 ? 17  ILE B CB   1 
ATOM   38   C CG1  . ILE A 1 5   ? 11.068  4.689   -1.346  1.00 19.29 ? 17  ILE B CG1  1 
ATOM   39   C CG2  . ILE A 1 5   ? 9.768   2.871   -2.559  1.00 18.76 ? 17  ILE B CG2  1 
ATOM   40   C CD1  . ILE A 1 5   ? 10.279  5.828   -2.014  1.00 20.86 ? 17  ILE B CD1  1 
ATOM   41   H H    . ILE A 1 5   ? 13.830  3.203   -2.193  1.00 15.00 ? 17  ILE B H    1 
ATOM   42   N N    . THR A 1 6   ? 12.554  0.685   -3.142  1.00 18.28 ? 18  THR B N    1 
ATOM   43   C CA   . THR A 1 6   ? 12.468  -0.604  -3.824  1.00 18.47 ? 18  THR B CA   1 
ATOM   44   C C    . THR A 1 6   ? 12.742  -1.749  -2.862  1.00 19.35 ? 18  THR B C    1 
ATOM   45   O O    . THR A 1 6   ? 13.706  -1.722  -2.102  1.00 19.60 ? 18  THR B O    1 
ATOM   46   C CB   . THR A 1 6   ? 13.444  -0.664  -5.009  1.00 17.53 ? 18  THR B CB   1 
ATOM   47   O OG1  . THR A 1 6   ? 12.988  0.243   -6.015  1.00 17.38 ? 18  THR B OG1  1 
ATOM   48   C CG2  . THR A 1 6   ? 13.508  -2.084  -5.616  1.00 15.83 ? 18  THR B CG2  1 
ATOM   49   H H    . THR A 1 6   ? 13.220  1.317   -3.487  1.00 0.00  ? 18  THR B H    1 
ATOM   50   H HG1  . THR A 1 6   ? 13.621  0.131   -6.743  1.00 0.00  ? 18  THR B HG1  1 
ATOM   51   N N    . GLY A 1 7   ? 11.856  -2.730  -2.846  1.00 16.90 ? 19  GLY B N    1 
ATOM   52   C CA   . GLY A 1 7   ? 12.052  -3.837  -1.941  1.00 16.90 ? 19  GLY B CA   1 
ATOM   53   C C    . GLY A 1 7   ? 10.752  -4.341  -1.346  1.00 16.57 ? 19  GLY B C    1 
ATOM   54   O O    . GLY A 1 7   ? 9.665   -3.998  -1.811  1.00 16.00 ? 19  GLY B O    1 
ATOM   55   H H    . GLY A 1 7   ? 11.057  -2.729  -3.411  1.00 0.00  ? 19  GLY B H    1 
ATOM   56   N N    . THR A 1 8   ? 10.900  -5.117  -0.278  1.00 17.74 ? 20  THR B N    1 
ATOM   57   C CA   . THR A 1 8   ? 9.797   -5.746  0.440   1.00 16.33 ? 20  THR B CA   1 
ATOM   58   C C    . THR A 1 8   ? 9.531   -5.048  1.769   1.00 15.12 ? 20  THR B C    1 
ATOM   59   O O    . THR A 1 8   ? 10.437  -4.857  2.585   1.00 14.77 ? 20  THR B O    1 
ATOM   60   C CB   . THR A 1 8   ? 10.116  -7.269  0.657   1.00 17.33 ? 20  THR B CB   1 
ATOM   61   O OG1  . THR A 1 8   ? 10.399  -7.858  -0.614  1.00 18.71 ? 20  THR B OG1  1 
ATOM   62   C CG2  . THR A 1 8   ? 8.935   -8.016  1.275   1.00 13.88 ? 20  THR B CG2  1 
ATOM   63   H H    . THR A 1 8   ? 11.802  -5.308  0.061   1.00 0.00  ? 20  THR B H    1 
ATOM   64   H HG1  . THR A 1 8   ? 9.724   -7.497  -1.202  1.00 0.00  ? 20  THR B HG1  1 
ATOM   65   N N    . TRP A 1 9   ? 8.269   -4.694  1.975   1.00 13.98 ? 21  TRP B N    1 
ATOM   66   C CA   . TRP A 1 9   ? 7.805   -4.000  3.162   1.00 14.54 ? 21  TRP B CA   1 
ATOM   67   C C    . TRP A 1 9   ? 6.716   -4.818  3.864   1.00 14.69 ? 21  TRP B C    1 
ATOM   68   O O    . TRP A 1 9   ? 5.923   -5.495  3.218   1.00 15.93 ? 21  TRP B O    1 
ATOM   69   C CB   . TRP A 1 9   ? 7.252   -2.627  2.748   1.00 14.10 ? 21  TRP B CB   1 
ATOM   70   C CG   . TRP A 1 9   ? 8.302   -1.750  2.138   1.00 14.70 ? 21  TRP B CG   1 
ATOM   71   C CD1  . TRP A 1 9   ? 8.665   -1.678  0.820   1.00 15.23 ? 21  TRP B CD1  1 
ATOM   72   C CD2  . TRP A 1 9   ? 9.136   -0.817  2.841   1.00 15.57 ? 21  TRP B CD2  1 
ATOM   73   N NE1  . TRP A 1 9   ? 9.681   -0.756  0.662   1.00 13.32 ? 21  TRP B NE1  1 
ATOM   74   C CE2  . TRP A 1 9   ? 9.984   -0.213  1.886   1.00 15.74 ? 21  TRP B CE2  1 
ATOM   75   C CE3  . TRP A 1 9   ? 9.240   -0.428  4.186   1.00 14.33 ? 21  TRP B CE3  1 
ATOM   76   C CZ2  . TRP A 1 9   ? 10.933  0.773   2.242   1.00 16.60 ? 21  TRP B CZ2  1 
ATOM   77   C CZ3  . TRP A 1 9   ? 10.181  0.551   4.541   1.00 15.30 ? 21  TRP B CZ3  1 
ATOM   78   C CH2  . TRP A 1 9   ? 11.009  1.135   3.575   1.00 14.54 ? 21  TRP B CH2  1 
ATOM   79   H H    . TRP A 1 9   ? 7.607   -4.928  1.308   1.00 0.00  ? 21  TRP B H    1 
ATOM   80   H HE1  . TRP A 1 9   ? 10.097  -0.555  -0.189  1.00 0.00  ? 21  TRP B HE1  1 
ATOM   81   N N    . TYR A 1 10  ? 6.631   -4.694  5.175   1.00 14.70 ? 22  TYR B N    1 
ATOM   82   C CA   . TYR A 1 10  ? 5.647   -5.445  5.950   1.00 15.37 ? 22  TYR B CA   1 
ATOM   83   C C    . TYR A 1 10  ? 4.880   -4.516  6.852   1.00 17.64 ? 22  TYR B C    1 
ATOM   84   O O    . TYR A 1 10  ? 5.482   -3.640  7.472   1.00 15.89 ? 22  TYR B O    1 
ATOM   85   C CB   . TYR A 1 10  ? 6.371   -6.439  6.861   1.00 14.79 ? 22  TYR B CB   1 
ATOM   86   C CG   . TYR A 1 10  ? 7.271   -7.376  6.117   1.00 16.23 ? 22  TYR B CG   1 
ATOM   87   C CD1  . TYR A 1 10  ? 6.767   -8.528  5.518   1.00 17.43 ? 22  TYR B CD1  1 
ATOM   88   C CD2  . TYR A 1 10  ? 8.634   -7.117  6.005   1.00 14.61 ? 22  TYR B CD2  1 
ATOM   89   C CE1  . TYR A 1 10  ? 7.610   -9.398  4.825   1.00 18.38 ? 22  TYR B CE1  1 
ATOM   90   C CE2  . TYR A 1 10  ? 9.474   -7.967  5.323   1.00 15.30 ? 22  TYR B CE2  1 
ATOM   91   C CZ   . TYR A 1 10  ? 8.966   -9.101  4.740   1.00 16.29 ? 22  TYR B CZ   1 
ATOM   92   O OH   . TYR A 1 10  ? 9.818   -9.947  4.085   1.00 15.76 ? 22  TYR B OH   1 
ATOM   93   H H    . TYR A 1 10  ? 7.223   -4.085  5.659   1.00 0.00  ? 22  TYR B H    1 
ATOM   94   H HH   . TYR A 1 10  ? 10.583  -9.434  3.851   1.00 15.00 ? 22  TYR B HH   1 
ATOM   95   N N    . ASN A 1 11  ? 3.559   -4.666  6.928   1.00 18.74 ? 23  ASN B N    1 
ATOM   96   C CA   . ASN A 1 11  ? 2.834   -3.816  7.855   1.00 22.24 ? 23  ASN B CA   1 
ATOM   97   C C    . ASN A 1 11  ? 2.723   -4.541  9.175   1.00 24.50 ? 23  ASN B C    1 
ATOM   98   O O    . ASN A 1 11  ? 3.227   -5.644  9.326   1.00 23.80 ? 23  ASN B O    1 
ATOM   99   C CB   . ASN A 1 11  ? 1.487   -3.316  7.313   1.00 21.62 ? 23  ASN B CB   1 
ATOM   100  C CG   . ASN A 1 11  ? 0.424   -4.392  7.235   1.00 21.62 ? 23  ASN B CG   1 
ATOM   101  O OD1  . ASN A 1 11  ? 0.668   -5.571  7.497   1.00 19.20 ? 23  ASN B OD1  1 
ATOM   102  N ND2  . ASN A 1 11  ? -0.768  -3.982  6.841   1.00 21.58 ? 23  ASN B ND2  1 
ATOM   103  H H    . ASN A 1 11  ? 3.109   -5.343  6.379   1.00 0.00  ? 23  ASN B H    1 
ATOM   104  H HD21 . ASN A 1 11  ? -1.508  -4.628  6.808   1.00 0.00  ? 23  ASN B HD21 1 
ATOM   105  H HD22 . ASN A 1 11  ? -0.906  -3.044  6.589   1.00 0.00  ? 23  ASN B HD22 1 
ATOM   106  N N    . GLN A 1 12  ? 2.039   -3.959  10.137  1.00 30.15 ? 24  GLN B N    1 
ATOM   107  C CA   . GLN A 1 12  ? 1.978   -4.613  11.428  1.00 38.22 ? 24  GLN B CA   1 
ATOM   108  C C    . GLN A 1 12  ? 0.992   -5.776  11.537  1.00 39.37 ? 24  GLN B C    1 
ATOM   109  O O    . GLN A 1 12  ? 0.990   -6.491  12.544  1.00 41.81 ? 24  GLN B O    1 
ATOM   110  C CB   . GLN A 1 12  ? 1.785   -3.561  12.526  1.00 44.21 ? 24  GLN B CB   1 
ATOM   111  C CG   . GLN A 1 12  ? 2.697   -2.283  12.344  1.00 53.96 ? 24  GLN B CG   1 
ATOM   112  C CD   . GLN A 1 12  ? 4.221   -2.567  12.062  1.00 58.62 ? 24  GLN B CD   1 
ATOM   113  O OE1  . GLN A 1 12  ? 4.833   -1.941  11.176  1.00 58.40 ? 24  GLN B OE1  1 
ATOM   114  N NE2  . GLN A 1 12  ? 4.821   -3.478  12.838  1.00 60.70 ? 24  GLN B NE2  1 
ATOM   115  H H    . GLN A 1 12  ? 1.596   -3.087  10.009  1.00 15.00 ? 24  GLN B H    1 
ATOM   116  H HE21 . GLN A 1 12  ? 5.761   -3.685  12.618  1.00 0.00  ? 24  GLN B HE21 1 
ATOM   117  H HE22 . GLN A 1 12  ? 4.352   -3.936  13.557  1.00 0.00  ? 24  GLN B HE22 1 
ATOM   118  N N    . LEU A 1 13  ? 0.207   -5.992  10.474  1.00 38.86 ? 25  LEU B N    1 
ATOM   119  C CA   . LEU A 1 13  ? -0.785  -7.075  10.403  1.00 37.53 ? 25  LEU B CA   1 
ATOM   120  C C    . LEU A 1 13  ? -0.267  -8.295  9.666   1.00 36.94 ? 25  LEU B C    1 
ATOM   121  O O    . LEU A 1 13  ? -0.982  -9.279  9.529   1.00 40.38 ? 25  LEU B O    1 
ATOM   122  C CB   . LEU A 1 13  ? -2.040  -6.629  9.656   1.00 36.70 ? 25  LEU B CB   1 
ATOM   123  C CG   . LEU A 1 13  ? -2.831  -5.448  10.192  1.00 40.71 ? 25  LEU B CG   1 
ATOM   124  C CD1  . LEU A 1 13  ? -4.134  -5.281  9.392   1.00 41.54 ? 25  LEU B CD1  1 
ATOM   125  C CD2  . LEU A 1 13  ? -3.120  -5.674  11.661  1.00 42.56 ? 25  LEU B CD2  1 
ATOM   126  H H    . LEU A 1 13  ? 0.304   -5.407  9.700   1.00 15.00 ? 25  LEU B H    1 
ATOM   127  N N    . GLY A 1 14  ? 0.932   -8.216  9.116   1.00 35.52 ? 26  GLY B N    1 
ATOM   128  C CA   . GLY A 1 14  ? 1.432   -9.354  8.378   1.00 33.20 ? 26  GLY B CA   1 
ATOM   129  C C    . GLY A 1 14  ? 1.455   -9.122  6.873   1.00 31.60 ? 26  GLY B C    1 
ATOM   130  O O    . GLY A 1 14  ? 2.244   -9.769  6.184   1.00 34.10 ? 26  GLY B O    1 
ATOM   131  H H    . GLY A 1 14  ? 1.510   -7.430  9.198   1.00 0.00  ? 26  GLY B H    1 
ATOM   132  N N    . SER A 1 15  ? 0.671   -8.171  6.357   1.00 27.13 ? 27  SER B N    1 
ATOM   133  C CA   . SER A 1 15  ? 0.641   -7.928  4.908   1.00 24.71 ? 27  SER B CA   1 
ATOM   134  C C    . SER A 1 15  ? 2.012   -7.570  4.303   1.00 21.61 ? 27  SER B C    1 
ATOM   135  O O    . SER A 1 15  ? 2.831   -6.929  4.941   1.00 21.93 ? 27  SER B O    1 
ATOM   136  C CB   . SER A 1 15  ? -0.391  -6.858  4.553   1.00 25.10 ? 27  SER B CB   1 
ATOM   137  O OG   . SER A 1 15  ? -1.692  -7.241  4.977   1.00 26.15 ? 27  SER B OG   1 
ATOM   138  H H    . SER A 1 15  ? 0.161   -7.600  6.947   1.00 0.00  ? 27  SER B H    1 
ATOM   139  H HG   . SER A 1 15  ? -1.678  -7.308  5.936   1.00 0.00  ? 27  SER B HG   1 
ATOM   140  N N    . THR A 1 16  ? 2.234   -8.011  3.074   1.00 19.75 ? 28  THR B N    1 
ATOM   141  C CA   . THR A 1 16  ? 3.469   -7.779  2.357   1.00 21.08 ? 28  THR B CA   1 
ATOM   142  C C    . THR A 1 16  ? 3.218   -6.905  1.145   1.00 20.46 ? 28  THR B C    1 
ATOM   143  O O    . THR A 1 16  ? 2.305   -7.132  0.347   1.00 19.27 ? 28  THR B O    1 
ATOM   144  C CB   . THR A 1 16  ? 4.160   -9.097  1.996   1.00 22.30 ? 28  THR B CB   1 
ATOM   145  O OG1  . THR A 1 16  ? 4.569   -9.730  3.211   1.00 28.02 ? 28  THR B OG1  1 
ATOM   146  C CG2  . THR A 1 16  ? 5.394   -8.860  1.160   1.00 25.81 ? 28  THR B CG2  1 
ATOM   147  H H    . THR A 1 16  ? 1.554   -8.533  2.636   1.00 0.00  ? 28  THR B H    1 
ATOM   148  H HG1  . THR A 1 16  ? 4.830   -10.639 3.059   1.00 0.00  ? 28  THR B HG1  1 
ATOM   149  N N    A PHE A 1 17  ? 4.081   -5.909  1.010   0.50 19.81 ? 29  PHE B N    1 
ATOM   150  N N    B PHE A 1 17  ? 4.068   -5.895  1.018   0.50 19.41 ? 29  PHE B N    1 
ATOM   151  C CA   A PHE A 1 17  ? 4.027   -4.896  -0.028  0.50 19.69 ? 29  PHE B CA   1 
ATOM   152  C CA   B PHE A 1 17  ? 4.021   -4.890  -0.036  0.50 18.92 ? 29  PHE B CA   1 
ATOM   153  C C    A PHE A 1 17  ? 5.381   -5.015  -0.745  0.50 19.69 ? 29  PHE B C    1 
ATOM   154  C C    B PHE A 1 17  ? 5.375   -5.029  -0.744  0.50 19.22 ? 29  PHE B C    1 
ATOM   155  O O    A PHE A 1 17  ? 6.435   -4.859  -0.132  0.50 18.68 ? 29  PHE B O    1 
ATOM   156  O O    B PHE A 1 17  ? 6.427   -4.919  -0.118  0.50 18.21 ? 29  PHE B O    1 
ATOM   157  C CB   A PHE A 1 17  ? 3.799   -3.573  0.751   0.50 21.69 ? 29  PHE B CB   1 
ATOM   158  C CB   B PHE A 1 17  ? 3.820   -3.531  0.688   0.50 19.86 ? 29  PHE B CB   1 
ATOM   159  C CG   A PHE A 1 17  ? 4.101   -2.304  0.016   0.50 23.48 ? 29  PHE B CG   1 
ATOM   160  C CG   B PHE A 1 17  ? 4.115   -2.297  -0.122  0.50 21.13 ? 29  PHE B CG   1 
ATOM   161  C CD1  A PHE A 1 17  ? 3.772   -2.123  -1.319  0.50 26.77 ? 29  PHE B CD1  1 
ATOM   162  C CD1  B PHE A 1 17  ? 3.501   -2.056  -1.343  0.50 23.80 ? 29  PHE B CD1  1 
ATOM   163  C CD2  A PHE A 1 17  ? 4.679   -1.241  0.716   0.50 25.57 ? 29  PHE B CD2  1 
ATOM   164  C CD2  B PHE A 1 17  ? 4.960   -1.314  0.404   0.50 23.29 ? 29  PHE B CD2  1 
ATOM   165  C CE1  A PHE A 1 17  ? 4.012   -0.891  -1.954  0.50 27.91 ? 29  PHE B CE1  1 
ATOM   166  C CE1  B PHE A 1 17  ? 3.718   -0.844  -2.037  0.50 24.04 ? 29  PHE B CE1  1 
ATOM   167  C CE2  A PHE A 1 17  ? 4.926   -0.016  0.102   0.50 25.97 ? 29  PHE B CE2  1 
ATOM   168  C CE2  B PHE A 1 17  ? 5.184   -0.111  -0.268  0.50 23.30 ? 29  PHE B CE2  1 
ATOM   169  C CZ   A PHE A 1 17  ? 4.589   0.162   -1.240  0.50 28.02 ? 29  PHE B CZ   1 
ATOM   170  C CZ   B PHE A 1 17  ? 4.560   0.125   -1.492  0.50 24.59 ? 29  PHE B CZ   1 
ATOM   171  H H    A PHE A 1 17  ? 4.815   -5.839  1.655   0.50 0.00  ? 29  PHE B H    1 
ATOM   172  H H    B PHE A 1 17  ? 4.784   -5.805  1.683   0.50 15.00 ? 29  PHE B H    1 
ATOM   173  N N    . ILE A 1 18  ? 5.350   -5.429  -2.007  1.00 17.74 ? 30  ILE B N    1 
ATOM   174  C CA   . ILE A 1 18  ? 6.575   -5.596  -2.784  1.00 18.99 ? 30  ILE B CA   1 
ATOM   175  C C    . ILE A 1 18  ? 6.558   -4.519  -3.861  1.00 17.67 ? 30  ILE B C    1 
ATOM   176  O O    . ILE A 1 18  ? 5.704   -4.524  -4.727  1.00 19.03 ? 30  ILE B O    1 
ATOM   177  C CB   . ILE A 1 18  ? 6.642   -7.020  -3.380  1.00 21.22 ? 30  ILE B CB   1 
ATOM   178  C CG1  . ILE A 1 18  ? 6.717   -8.028  -2.226  1.00 23.80 ? 30  ILE B CG1  1 
ATOM   179  C CG2  . ILE A 1 18  ? 7.854   -7.195  -4.271  1.00 18.39 ? 30  ILE B CG2  1 
ATOM   180  C CD1  . ILE A 1 18  ? 6.406   -9.438  -2.629  1.00 26.25 ? 30  ILE B CD1  1 
ATOM   181  H H    . ILE A 1 18  ? 4.487   -5.590  -2.433  1.00 0.00  ? 30  ILE B H    1 
ATOM   182  N N    . VAL A 1 19  ? 7.510   -3.598  -3.833  1.00 18.73 ? 31  VAL B N    1 
ATOM   183  C CA   . VAL A 1 19  ? 7.474   -2.506  -4.798  1.00 17.21 ? 31  VAL B CA   1 
ATOM   184  C C    . VAL A 1 19  ? 8.796   -2.156  -5.492  1.00 18.62 ? 31  VAL B C    1 
ATOM   185  O O    . VAL A 1 19  ? 9.874   -2.361  -4.937  1.00 16.93 ? 31  VAL B O    1 
ATOM   186  C CB   . VAL A 1 19  ? 6.923   -1.248  -4.091  1.00 18.46 ? 31  VAL B CB   1 
ATOM   187  C CG1  . VAL A 1 19  ? 7.904   -0.772  -3.038  1.00 16.96 ? 31  VAL B CG1  1 
ATOM   188  C CG2  . VAL A 1 19  ? 6.566   -0.153  -5.085  1.00 18.74 ? 31  VAL B CG2  1 
ATOM   189  H H    . VAL A 1 19  ? 8.258   -3.623  -3.181  1.00 0.00  ? 31  VAL B H    1 
ATOM   190  N N    . THR A 1 20  ? 8.693   -1.646  -6.716  1.00 18.55 ? 32  THR B N    1 
ATOM   191  C CA   . THR A 1 20  ? 9.859   -1.197  -7.476  1.00 20.24 ? 32  THR B CA   1 
ATOM   192  C C    . THR A 1 20  ? 9.631   0.295   -7.752  1.00 20.16 ? 32  THR B C    1 
ATOM   193  O O    . THR A 1 20  ? 8.556   0.685   -8.233  1.00 16.93 ? 32  THR B O    1 
ATOM   194  C CB   . THR A 1 20  ? 10.017  -1.968  -8.803  1.00 22.06 ? 32  THR B CB   1 
ATOM   195  O OG1  . THR A 1 20  ? 10.546  -3.268  -8.526  1.00 26.40 ? 32  THR B OG1  1 
ATOM   196  C CG2  . THR A 1 20  ? 10.990  -1.258  -9.739  1.00 24.04 ? 32  THR B CG2  1 
ATOM   197  H H    . THR A 1 20  ? 7.837   -1.538  -7.156  1.00 0.00  ? 32  THR B H    1 
ATOM   198  H HG1  . THR A 1 20  ? 10.390  -3.822  -9.299  1.00 0.00  ? 32  THR B HG1  1 
ATOM   199  N N    . ALA A 1 21  ? 10.602  1.118   -7.346  1.00 18.42 ? 33  ALA B N    1 
ATOM   200  C CA   . ALA A 1 21  ? 10.534  2.563   -7.552  1.00 18.52 ? 33  ALA B CA   1 
ATOM   201  C C    . ALA A 1 21  ? 11.312  2.893   -8.828  1.00 19.77 ? 33  ALA B C    1 
ATOM   202  O O    . ALA A 1 21  ? 12.512  2.642   -8.918  1.00 22.71 ? 33  ALA B O    1 
ATOM   203  C CB   . ALA A 1 21  ? 11.111  3.325   -6.326  1.00 15.47 ? 33  ALA B CB   1 
ATOM   204  H H    . ALA A 1 21  ? 11.400  0.752   -6.921  1.00 0.00  ? 33  ALA B H    1 
ATOM   205  N N    . GLY A 1 22  ? 10.593  3.343   -9.846  1.00 20.47 ? 34  GLY B N    1 
ATOM   206  C CA   . GLY A 1 22  ? 11.205  3.709   -11.108 1.00 22.38 ? 34  GLY B CA   1 
ATOM   207  C C    . GLY A 1 22  ? 11.849  5.075   -11.002 1.00 23.85 ? 34  GLY B C    1 
ATOM   208  O O    . GLY A 1 22  ? 11.440  5.925   -10.202 1.00 22.93 ? 34  GLY B O    1 
ATOM   209  H H    . GLY A 1 22  ? 9.637   3.393   -9.735  1.00 0.00  ? 34  GLY B H    1 
ATOM   210  N N    . ALA A 1 23  ? 12.850  5.301   -11.842 1.00 26.99 ? 35  ALA B N    1 
ATOM   211  C CA   . ALA A 1 23  ? 13.578  6.569   -11.844 1.00 28.63 ? 35  ALA B CA   1 
ATOM   212  C C    . ALA A 1 23  ? 12.651  7.721   -12.198 1.00 30.41 ? 35  ALA B C    1 
ATOM   213  O O    . ALA A 1 23  ? 12.877  8.869   -11.803 1.00 33.67 ? 35  ALA B O    1 
ATOM   214  C CB   . ALA A 1 23  ? 14.729  6.506   -12.829 1.00 30.62 ? 35  ALA B CB   1 
ATOM   215  H H    . ALA A 1 23  ? 13.120  4.586   -12.451 1.00 0.00  ? 35  ALA B H    1 
ATOM   216  N N    . ASP A 1 24  ? 11.613  7.388   -12.954 1.00 31.35 ? 36  ASP B N    1 
ATOM   217  C CA   . ASP A 1 24  ? 10.590  8.328   -13.399 1.00 31.69 ? 36  ASP B CA   1 
ATOM   218  C C    . ASP A 1 24  ? 9.588   8.749   -12.304 1.00 27.68 ? 36  ASP B C    1 
ATOM   219  O O    . ASP A 1 24  ? 8.767   9.638   -12.523 1.00 28.95 ? 36  ASP B O    1 
ATOM   220  C CB   . ASP A 1 24  ? 9.819   7.697   -14.579 1.00 37.17 ? 36  ASP B CB   1 
ATOM   221  C CG   . ASP A 1 24  ? 9.231   6.296   -14.251 1.00 41.20 ? 36  ASP B CG   1 
ATOM   222  O OD1  . ASP A 1 24  ? 9.555   5.697   -13.198 1.00 42.76 ? 36  ASP B OD1  1 
ATOM   223  O OD2  . ASP A 1 24  ? 8.436   5.781   -15.071 1.00 46.54 ? 36  ASP B OD2  1 
ATOM   224  H H    . ASP A 1 24  ? 11.554  6.461   -13.237 1.00 0.00  ? 36  ASP B H    1 
ATOM   225  N N    . GLY A 1 25  ? 9.649   8.106   -11.147 1.00 21.42 ? 37  GLY B N    1 
ATOM   226  C CA   . GLY A 1 25  ? 8.703   8.417   -10.097 1.00 20.36 ? 37  GLY B CA   1 
ATOM   227  C C    . GLY A 1 25  ? 7.554   7.411   -10.048 1.00 17.83 ? 37  GLY B C    1 
ATOM   228  O O    . GLY A 1 25  ? 6.585   7.604   -9.318  1.00 16.63 ? 37  GLY B O    1 
ATOM   229  H H    . GLY A 1 25  ? 10.346  7.443   -10.965 1.00 0.00  ? 37  GLY B H    1 
ATOM   230  N N    . ALA A 1 26  ? 7.695   6.312   -10.774 1.00 16.07 ? 38  ALA B N    1 
ATOM   231  C CA   . ALA A 1 26  ? 6.675   5.279   -10.822 1.00 16.41 ? 38  ALA B CA   1 
ATOM   232  C C    . ALA A 1 26  ? 6.873   4.224   -9.735  1.00 15.58 ? 38  ALA B C    1 
ATOM   233  O O    . ALA A 1 26  ? 7.994   3.915   -9.375  1.00 15.97 ? 38  ALA B O    1 
ATOM   234  C CB   . ALA A 1 26  ? 6.687   4.628   -12.184 1.00 17.17 ? 38  ALA B CB   1 
ATOM   235  H H    . ALA A 1 26  ? 8.527   6.167   -11.261 1.00 0.00  ? 38  ALA B H    1 
ATOM   236  N N    . LEU A 1 27  ? 5.774   3.791   -9.119  1.00 15.37 ? 39  LEU B N    1 
ATOM   237  C CA   . LEU A 1 27  ? 5.787   2.717   -8.111  1.00 15.44 ? 39  LEU B CA   1 
ATOM   238  C C    . LEU A 1 27  ? 4.990   1.605   -8.782  1.00 15.59 ? 39  LEU B C    1 
ATOM   239  O O    . LEU A 1 27  ? 3.884   1.846   -9.291  1.00 15.26 ? 39  LEU B O    1 
ATOM   240  C CB   . LEU A 1 27  ? 5.080   3.109   -6.811  1.00 15.00 ? 39  LEU B CB   1 
ATOM   241  C CG   . LEU A 1 27  ? 5.739   4.124   -5.887  1.00 16.49 ? 39  LEU B CG   1 
ATOM   242  C CD1  . LEU A 1 27  ? 4.898   4.250   -4.627  1.00 17.00 ? 39  LEU B CD1  1 
ATOM   243  C CD2  . LEU A 1 27  ? 7.153   3.688   -5.550  1.00 14.87 ? 39  LEU B CD2  1 
ATOM   244  H H    . LEU A 1 27  ? 4.908   4.196   -9.351  1.00 0.00  ? 39  LEU B H    1 
ATOM   245  N N    . THR A 1 28  ? 5.557   0.410   -8.789  1.00 15.31 ? 40  THR B N    1 
ATOM   246  C CA   . THR A 1 28  ? 4.938   -0.739  -9.417  1.00 15.83 ? 40  THR B CA   1 
ATOM   247  C C    . THR A 1 28  ? 5.208   -1.977  -8.520  1.00 15.81 ? 40  THR B C    1 
ATOM   248  O O    . THR A 1 28  ? 6.285   -2.095  -7.929  1.00 17.11 ? 40  THR B O    1 
ATOM   249  C CB   A THR A 1 28  ? 5.491   -0.910  -10.846 0.40 15.75 ? 40  THR B CB   1 
ATOM   250  C CB   B THR A 1 28  ? 5.562   -0.967  -10.823 0.60 16.29 ? 40  THR B CB   1 
ATOM   251  O OG1  A THR A 1 28  ? 4.496   -1.524  -11.670 0.40 18.73 ? 40  THR B OG1  1 
ATOM   252  O OG1  B THR A 1 28  ? 5.152   0.085   -11.708 0.60 16.87 ? 40  THR B OG1  1 
ATOM   253  C CG2  A THR A 1 28  ? 6.761   -1.737  -10.854 0.40 12.83 ? 40  THR B CG2  1 
ATOM   254  C CG2  B THR A 1 28  ? 5.149   -2.305  -11.398 0.60 20.33 ? 40  THR B CG2  1 
ATOM   255  H H    . THR A 1 28  ? 6.447   0.295   -8.384  1.00 0.00  ? 40  THR B H    1 
ATOM   256  H HG1  A THR A 1 28  ? 4.809   -1.528  -12.574 0.40 15.00 ? 40  THR B HG1  1 
ATOM   257  H HG1  B THR A 1 28  ? 4.210   0.271   -11.620 0.60 15.00 ? 40  THR B HG1  1 
ATOM   258  N N    . GLY A 1 29  ? 4.222   -2.860  -8.366  1.00 14.56 ? 41  GLY B N    1 
ATOM   259  C CA   . GLY A 1 29  ? 4.436   -4.027  -7.520  1.00 13.42 ? 41  GLY B CA   1 
ATOM   260  C C    . GLY A 1 29  ? 3.184   -4.825  -7.185  1.00 13.16 ? 41  GLY B C    1 
ATOM   261  O O    . GLY A 1 29  ? 2.208   -4.820  -7.931  1.00 12.24 ? 41  GLY B O    1 
ATOM   262  H H    . GLY A 1 29  ? 3.360   -2.744  -8.813  1.00 0.00  ? 41  GLY B H    1 
ATOM   263  N N    . THR A 1 30  ? 3.205   -5.494  -6.038  1.00 14.06 ? 42  THR B N    1 
ATOM   264  C CA   . THR A 1 30  ? 2.090   -6.335  -5.605  1.00 15.43 ? 42  THR B CA   1 
ATOM   265  C C    . THR A 1 30  ? 1.888   -6.228  -4.106  1.00 14.92 ? 42  THR B C    1 
ATOM   266  O O    . THR A 1 30  ? 2.822   -5.915  -3.361  1.00 16.67 ? 42  THR B O    1 
ATOM   267  C CB   A THR A 1 30  ? 2.298   -7.835  -6.040  0.30 15.78 ? 42  THR B CB   1 
ATOM   268  C CB   B THR A 1 30  ? 2.349   -7.830  -5.969  0.70 14.87 ? 42  THR B CB   1 
ATOM   269  O OG1  A THR A 1 30  ? 1.651   -8.720  -5.115  0.30 16.95 ? 42  THR B OG1  1 
ATOM   270  O OG1  B THR A 1 30  ? 3.596   -8.249  -5.399  0.70 17.06 ? 42  THR B OG1  1 
ATOM   271  C CG2  A THR A 1 30  ? 3.777   -8.182  -6.127  0.30 16.26 ? 42  THR B CG2  1 
ATOM   272  C CG2  B THR A 1 30  ? 2.383   -8.037  -7.496  0.70 10.80 ? 42  THR B CG2  1 
ATOM   273  H H    . THR A 1 30  ? 3.982   -5.439  -5.455  1.00 0.00  ? 42  THR B H    1 
ATOM   274  H HG1  A THR A 1 30  ? 2.275   -8.864  -4.385  0.30 15.00 ? 42  THR B HG1  1 
ATOM   275  H HG1  B THR A 1 30  ? 3.527   -8.376  -4.444  0.70 15.00 ? 42  THR B HG1  1 
ATOM   276  N N    . TYR A 1 31  ? 0.656   -6.442  -3.674  1.00 14.43 ? 43  TYR B N    1 
ATOM   277  C CA   . TYR A 1 31  ? 0.293   -6.406  -2.275  1.00 14.99 ? 43  TYR B CA   1 
ATOM   278  C C    . TYR A 1 31  ? -0.286  -7.789  -1.984  1.00 18.25 ? 43  TYR B C    1 
ATOM   279  O O    . TYR A 1 31  ? -1.083  -8.311  -2.764  1.00 17.44 ? 43  TYR B O    1 
ATOM   280  C CB   A TYR A 1 31  ? -0.776  -5.331  -2.036  0.50 16.93 ? 43  TYR B CB   1 
ATOM   281  C CB   B TYR A 1 31  ? -0.774  -5.328  -2.029  0.50 16.60 ? 43  TYR B CB   1 
ATOM   282  C CG   A TYR A 1 31  ? -1.204  -5.169  -0.583  0.50 18.49 ? 43  TYR B CG   1 
ATOM   283  C CG   B TYR A 1 31  ? -0.916  -4.897  -0.573  0.50 18.01 ? 43  TYR B CG   1 
ATOM   284  C CD1  A TYR A 1 31  ? -2.175  -6.006  -0.019  0.50 18.37 ? 43  TYR B CD1  1 
ATOM   285  C CD1  B TYR A 1 31  ? -1.745  -5.596  0.317   0.50 17.67 ? 43  TYR B CD1  1 
ATOM   286  C CD2  A TYR A 1 31  ? -0.657  -4.167  0.221   0.50 18.42 ? 43  TYR B CD2  1 
ATOM   287  C CD2  B TYR A 1 31  ? -0.223  -3.790  -0.084  0.50 17.64 ? 43  TYR B CD2  1 
ATOM   288  C CE1  A TYR A 1 31  ? -2.591  -5.842  1.296   0.50 18.17 ? 43  TYR B CE1  1 
ATOM   289  C CE1  B TYR A 1 31  ? -1.878  -5.200  1.647   0.50 17.84 ? 43  TYR B CE1  1 
ATOM   290  C CE2  A TYR A 1 31  ? -1.068  -3.999  1.544   0.50 19.23 ? 43  TYR B CE2  1 
ATOM   291  C CE2  B TYR A 1 31  ? -0.349  -3.389  1.248   0.50 18.57 ? 43  TYR B CE2  1 
ATOM   292  C CZ   A TYR A 1 31  ? -2.040  -4.837  2.069   0.50 18.68 ? 43  TYR B CZ   1 
ATOM   293  C CZ   B TYR A 1 31  ? -1.176  -4.093  2.105   0.50 18.37 ? 43  TYR B CZ   1 
ATOM   294  O OH   A TYR A 1 31  ? -2.490  -4.648  3.355   0.50 19.92 ? 43  TYR B OH   1 
ATOM   295  O OH   B TYR A 1 31  ? -1.324  -3.674  3.407   0.50 18.89 ? 43  TYR B OH   1 
ATOM   296  H H    . TYR A 1 31  ? -0.038  -6.687  -4.311  1.00 0.00  ? 43  TYR B H    1 
ATOM   297  H HH   A TYR A 1 31  ? -3.245  -5.252  3.471   0.50 15.00 ? 43  TYR B HH   1 
ATOM   298  H HH   B TYR A 1 31  ? -2.218  -3.924  3.678   0.50 0.00  ? 43  TYR B HH   1 
ATOM   299  N N    . GLU A 1 32  ? 0.161   -8.414  -0.913  1.00 20.35 ? 44  GLU B N    1 
ATOM   300  C CA   . GLU A 1 32  ? -0.376  -9.715  -0.532  1.00 28.65 ? 44  GLU B CA   1 
ATOM   301  C C    . GLU A 1 32  ? -0.581  -9.738  0.971   1.00 33.00 ? 44  GLU B C    1 
ATOM   302  O O    . GLU A 1 32  ? 0.323   -9.412  1.727   1.00 31.15 ? 44  GLU B O    1 
ATOM   303  C CB   . GLU A 1 32  ? 0.503   -10.871 -1.020  1.00 29.92 ? 44  GLU B CB   1 
ATOM   304  C CG   . GLU A 1 32  ? 1.979   -10.633 -0.973  1.00 33.84 ? 44  GLU B CG   1 
ATOM   305  C CD   . GLU A 1 32  ? 2.760   -11.678 -1.765  1.00 39.69 ? 44  GLU B CD   1 
ATOM   306  O OE1  . GLU A 1 32  ? 3.074   -12.737 -1.181  1.00 43.39 ? 44  GLU B OE1  1 
ATOM   307  O OE2  . GLU A 1 32  ? 3.059   -11.441 -2.964  1.00 40.19 ? 44  GLU B OE2  1 
ATOM   308  H H    . GLU A 1 32  ? 0.813   -8.009  -0.320  1.00 0.00  ? 44  GLU B H    1 
ATOM   309  N N    . SER A 1 33  ? -1.809  -9.979  1.410   1.00 39.98 ? 45  SER B N    1 
ATOM   310  C CA   . SER A 1 33  ? -2.083  -9.994  2.849   1.00 46.39 ? 45  SER B CA   1 
ATOM   311  C C    . SER A 1 33  ? -1.903  -11.383 3.409   1.00 50.49 ? 45  SER B C    1 
ATOM   312  O O    . SER A 1 33  ? -2.401  -11.710 4.484   1.00 52.96 ? 45  SER B O    1 
ATOM   313  C CB   . SER A 1 33  ? -3.485  -9.480  3.140   1.00 45.74 ? 45  SER B CB   1 
ATOM   314  O OG   . SER A 1 33  ? -3.676  -8.204  2.556   1.00 48.73 ? 45  SER B OG   1 
ATOM   315  H H    . SER A 1 33  ? -2.545  -10.127 0.777   1.00 0.00  ? 45  SER B H    1 
ATOM   316  H HG   . SER A 1 33  ? -3.580  -8.308  1.600   1.00 0.00  ? 45  SER B HG   1 
ATOM   317  N N    . ALA A 1 34  ? -1.191  -12.205 2.662   1.00 54.83 ? 46  ALA B N    1 
ATOM   318  C CA   . ALA A 1 34  ? -0.948  -13.550 3.089   1.00 60.17 ? 46  ALA B CA   1 
ATOM   319  C C    . ALA A 1 34  ? 0.481   -13.909 2.737   1.00 64.75 ? 46  ALA B C    1 
ATOM   320  O O    . ALA A 1 34  ? 1.229   -13.086 2.182   1.00 65.26 ? 46  ALA B O    1 
ATOM   321  C CB   . ALA A 1 34  ? -1.924  -14.495 2.433   1.00 61.09 ? 46  ALA B CB   1 
ATOM   322  H H    . ALA A 1 34  ? -0.777  -11.910 1.832   1.00 0.00  ? 46  ALA B H    1 
ATOM   323  N N    . VAL A 1 35  ? 0.841   -15.150 3.056   1.00 67.99 ? 47  VAL B N    1 
ATOM   324  C CA   . VAL A 1 35  ? 2.176   -15.690 2.834   1.00 69.74 ? 47  VAL B CA   1 
ATOM   325  C C    . VAL A 1 35  ? 2.369   -16.366 1.475   1.00 68.92 ? 47  VAL B C    1 
ATOM   326  O O    . VAL A 1 35  ? 2.123   -17.566 1.322   1.00 69.60 ? 47  VAL B O    1 
ATOM   327  C CB   . VAL A 1 35  ? 2.537   -16.672 3.973   1.00 72.17 ? 47  VAL B CB   1 
ATOM   328  C CG1  . VAL A 1 35  ? 2.654   -15.900 5.297   1.00 73.59 ? 47  VAL B CG1  1 
ATOM   329  C CG2  . VAL A 1 35  ? 1.455   -17.771 4.096   1.00 72.80 ? 47  VAL B CG2  1 
ATOM   330  H H    . VAL A 1 35  ? 0.159   -15.718 3.468   1.00 0.00  ? 47  VAL B H    1 
ATOM   331  N N    . GLY A 1 36  ? 2.792   -15.579 0.484   1.00 68.29 ? 48  GLY B N    1 
ATOM   332  C CA   . GLY A 1 36  ? 3.021   -16.099 -0.861  1.00 64.48 ? 48  GLY B CA   1 
ATOM   333  C C    . GLY A 1 36  ? 1.781   -16.723 -1.485  1.00 60.64 ? 48  GLY B C    1 
ATOM   334  O O    . GLY A 1 36  ? 1.845   -17.389 -2.523  1.00 62.28 ? 48  GLY B O    1 
ATOM   335  H H    . GLY A 1 36  ? 2.926   -14.624 0.665   1.00 0.00  ? 48  GLY B H    1 
ATOM   336  N N    . ASN A 1 37  ? 0.645   -16.484 -0.841  1.00 55.02 ? 49  ASN B N    1 
ATOM   337  C CA   . ASN A 1 37  ? -0.635  -17.004 -1.266  1.00 47.86 ? 49  ASN B CA   1 
ATOM   338  C C    . ASN A 1 37  ? -1.092  -16.246 -2.517  1.00 43.40 ? 49  ASN B C    1 
ATOM   339  O O    . ASN A 1 37  ? -1.344  -15.041 -2.458  1.00 42.62 ? 49  ASN B O    1 
ATOM   340  C CB   . ASN A 1 37  ? -1.595  -16.806 -0.102  1.00 49.31 ? 49  ASN B CB   1 
ATOM   341  C CG   . ASN A 1 37  ? -2.958  -17.338 -0.378  1.00 51.75 ? 49  ASN B CG   1 
ATOM   342  O OD1  . ASN A 1 37  ? -3.142  -18.155 -1.277  1.00 55.60 ? 49  ASN B OD1  1 
ATOM   343  N ND2  . ASN A 1 37  ? -3.943  -16.880 0.391   1.00 52.72 ? 49  ASN B ND2  1 
ATOM   344  H H    . ASN A 1 37  ? 0.661   -15.909 -0.060  1.00 0.00  ? 49  ASN B H    1 
ATOM   345  H HD21 . ASN A 1 37  ? -4.840  -17.231 0.205   1.00 0.00  ? 49  ASN B HD21 1 
ATOM   346  H HD22 . ASN A 1 37  ? -3.762  -16.237 1.108   1.00 0.00  ? 49  ASN B HD22 1 
ATOM   347  N N    . ALA A 1 38  ? -1.174  -16.943 -3.649  1.00 37.01 ? 50  ALA B N    1 
ATOM   348  C CA   . ALA A 1 38  ? -1.577  -16.325 -4.917  1.00 33.40 ? 50  ALA B CA   1 
ATOM   349  C C    . ALA A 1 38  ? -2.980  -15.728 -4.934  1.00 32.24 ? 50  ALA B C    1 
ATOM   350  O O    . ALA A 1 38  ? -3.242  -14.752 -5.636  1.00 29.43 ? 50  ALA B O    1 
ATOM   351  C CB   . ALA A 1 38  ? -1.425  -17.301 -6.062  1.00 31.51 ? 50  ALA B CB   1 
ATOM   352  H H    . ALA A 1 38  ? -0.930  -17.892 -3.602  1.00 0.00  ? 50  ALA B H    1 
ATOM   353  N N    . GLU A 1 39  ? -3.896  -16.313 -4.177  1.00 30.32 ? 51  GLU B N    1 
ATOM   354  C CA   . GLU A 1 39  ? -5.236  -15.771 -4.164  1.00 31.33 ? 51  GLU B CA   1 
ATOM   355  C C    . GLU A 1 39  ? -5.308  -14.492 -3.345  1.00 27.98 ? 51  GLU B C    1 
ATOM   356  O O    . GLU A 1 39  ? -6.265  -13.733 -3.458  1.00 26.50 ? 51  GLU B O    1 
ATOM   357  C CB   . GLU A 1 39  ? -6.277  -16.817 -3.705  1.00 37.69 ? 51  GLU B CB   1 
ATOM   358  C CG   . GLU A 1 39  ? -5.842  -17.797 -2.616  1.00 45.89 ? 51  GLU B CG   1 
ATOM   359  C CD   . GLU A 1 39  ? -6.000  -19.267 -3.022  1.00 49.44 ? 51  GLU B CD   1 
ATOM   360  O OE1  . GLU A 1 39  ? -7.021  -19.623 -3.658  1.00 52.11 ? 51  GLU B OE1  1 
ATOM   361  O OE2  . GLU A 1 39  ? -5.101  -20.070 -2.688  1.00 52.83 ? 51  GLU B OE2  1 
ATOM   362  H H    . GLU A 1 39  ? -3.661  -17.098 -3.639  1.00 0.00  ? 51  GLU B H    1 
ATOM   363  N N    . SER A 1 40  ? -4.257  -14.218 -2.576  1.00 24.92 ? 52  SER B N    1 
ATOM   364  C CA   . SER A 1 40  ? -4.227  -13.013 -1.745  1.00 26.01 ? 52  SER B CA   1 
ATOM   365  C C    . SER A 1 40  ? -3.373  -11.901 -2.373  1.00 21.97 ? 52  SER B C    1 
ATOM   366  O O    . SER A 1 40  ? -3.217  -10.829 -1.799  1.00 22.69 ? 52  SER B O    1 
ATOM   367  C CB   . SER A 1 40  ? -3.680  -13.353 -0.348  1.00 27.92 ? 52  SER B CB   1 
ATOM   368  O OG   . SER A 1 40  ? -2.258  -13.509 -0.355  1.00 32.66 ? 52  SER B OG   1 
ATOM   369  H H    . SER A 1 40  ? -3.486  -14.820 -2.554  1.00 0.00  ? 52  SER B H    1 
ATOM   370  H HG   . SER A 1 40  ? -1.925  -13.904 -1.164  1.00 0.00  ? 52  SER B HG   1 
ATOM   371  N N    . ARG A 1 41  ? -2.872  -12.156 -3.568  1.00 19.23 ? 53  ARG B N    1 
ATOM   372  C CA   . ARG A 1 41  ? -1.986  -11.242 -4.259  1.00 18.57 ? 53  ARG B CA   1 
ATOM   373  C C    . ARG A 1 41  ? -2.704  -10.317 -5.215  1.00 18.00 ? 53  ARG B C    1 
ATOM   374  O O    . ARG A 1 41  ? -3.449  -10.776 -6.082  1.00 16.71 ? 53  ARG B O    1 
ATOM   375  C CB   . ARG A 1 41  ? -0.967  -12.086 -4.988  1.00 19.85 ? 53  ARG B CB   1 
ATOM   376  C CG   . ARG A 1 41  ? 0.022   -11.359 -5.794  1.00 26.30 ? 53  ARG B CG   1 
ATOM   377  C CD   . ARG A 1 41  ? 1.024   -12.373 -6.291  1.00 33.48 ? 53  ARG B CD   1 
ATOM   378  N NE   . ARG A 1 41  ? 1.561   -13.114 -5.154  1.00 39.16 ? 53  ARG B NE   1 
ATOM   379  C CZ   . ARG A 1 41  ? 1.971   -14.375 -5.202  1.00 41.23 ? 53  ARG B CZ   1 
ATOM   380  N NH1  . ARG A 1 41  ? 1.916   -15.059 -6.337  1.00 43.30 ? 53  ARG B NH1  1 
ATOM   381  N NH2  . ARG A 1 41  ? 2.392   -14.964 -4.093  1.00 44.40 ? 53  ARG B NH2  1 
ATOM   382  H H    . ARG A 1 41  ? -3.127  -12.975 -4.031  1.00 0.00  ? 53  ARG B H    1 
ATOM   383  H HE   . ARG A 1 41  ? 1.614   -12.648 -4.291  1.00 0.00  ? 53  ARG B HE   1 
ATOM   384  H HH11 . ARG A 1 41  ? 1.559   -14.645 -7.173  1.00 0.00  ? 53  ARG B HH11 1 
ATOM   385  H HH12 . ARG A 1 41  ? 2.233   -16.006 -6.347  1.00 0.00  ? 53  ARG B HH12 1 
ATOM   386  H HH21 . ARG A 1 41  ? 2.389   -14.442 -3.239  1.00 0.00  ? 53  ARG B HH21 1 
ATOM   387  H HH22 . ARG A 1 41  ? 2.712   -15.911 -4.108  1.00 0.00  ? 53  ARG B HH22 1 
ATOM   388  N N    . TYR A 1 42  ? -2.452  -9.011  -5.085  1.00 15.64 ? 54  TYR B N    1 
ATOM   389  C CA   . TYR A 1 42  ? -3.088  -8.010  -5.941  1.00 15.31 ? 54  TYR B CA   1 
ATOM   390  C C    . TYR A 1 42  ? -2.064  -7.016  -6.501  1.00 14.99 ? 54  TYR B C    1 
ATOM   391  O O    . TYR A 1 42  ? -1.038  -6.748  -5.875  1.00 16.21 ? 54  TYR B O    1 
ATOM   392  C CB   . TYR A 1 42  ? -4.157  -7.253  -5.161  1.00 14.31 ? 54  TYR B CB   1 
ATOM   393  C CG   . TYR A 1 42  ? -5.294  -8.116  -4.649  1.00 14.34 ? 54  TYR B CG   1 
ATOM   394  C CD1  . TYR A 1 42  ? -5.140  -8.896  -3.496  1.00 13.52 ? 54  TYR B CD1  1 
ATOM   395  C CD2  . TYR A 1 42  ? -6.526  -8.149  -5.319  1.00 14.43 ? 54  TYR B CD2  1 
ATOM   396  C CE1  . TYR A 1 42  ? -6.188  -9.698  -3.028  1.00 15.40 ? 54  TYR B CE1  1 
ATOM   397  C CE2  . TYR A 1 42  ? -7.577  -8.945  -4.853  1.00 14.81 ? 54  TYR B CE2  1 
ATOM   398  C CZ   . TYR A 1 42  ? -7.395  -9.716  -3.715  1.00 14.42 ? 54  TYR B CZ   1 
ATOM   399  O OH   . TYR A 1 42  ? -8.417  -10.542 -3.291  1.00 17.60 ? 54  TYR B OH   1 
ATOM   400  H H    . TYR A 1 42  ? -1.807  -8.707  -4.423  1.00 0.00  ? 54  TYR B H    1 
ATOM   401  H HH   . TYR A 1 42  ? -8.198  -10.914 -2.423  1.00 0.00  ? 54  TYR B HH   1 
ATOM   402  N N    . VAL A 1 43  ? -2.330  -6.507  -7.697  1.00 15.03 ? 55  VAL B N    1 
ATOM   403  C CA   . VAL A 1 43  ? -1.438  -5.534  -8.344  1.00 15.18 ? 55  VAL B CA   1 
ATOM   404  C C    . VAL A 1 43  ? -1.595  -4.109  -7.761  1.00 14.14 ? 55  VAL B C    1 
ATOM   405  O O    . VAL A 1 43  ? -2.689  -3.689  -7.400  1.00 13.44 ? 55  VAL B O    1 
ATOM   406  C CB   A VAL A 1 43  ? -1.561  -5.529  -9.888  0.30 14.52 ? 55  VAL B CB   1 
ATOM   407  C CB   B VAL A 1 43  ? -1.778  -5.466  -9.885  0.70 13.77 ? 55  VAL B CB   1 
ATOM   408  C CG1  A VAL A 1 43  ? -0.961  -6.802  -10.466 0.30 15.14 ? 55  VAL B CG1  1 
ATOM   409  C CG1  B VAL A 1 43  ? -1.061  -4.312  -10.569 0.70 13.23 ? 55  VAL B CG1  1 
ATOM   410  C CG2  A VAL A 1 43  ? -2.990  -5.404  -10.296 0.30 13.29 ? 55  VAL B CG2  1 
ATOM   411  C CG2  B VAL A 1 43  ? -1.427  -6.778  -10.564 0.70 15.11 ? 55  VAL B CG2  1 
ATOM   412  H H    . VAL A 1 43  ? -3.181  -6.744  -8.125  1.00 15.00 ? 55  VAL B H    1 
ATOM   413  N N    . LEU A 1 44  ? -0.480  -3.400  -7.615  1.00 13.53 ? 56  LEU B N    1 
ATOM   414  C CA   . LEU A 1 44  ? -0.529  -2.019  -7.143  1.00 14.96 ? 56  LEU B CA   1 
ATOM   415  C C    . LEU A 1 44  ? 0.252   -1.104  -8.088  1.00 12.87 ? 56  LEU B C    1 
ATOM   416  O O    . LEU A 1 44  ? 1.195   -1.538  -8.744  1.00 12.69 ? 56  LEU B O    1 
ATOM   417  C CB   . LEU A 1 44  ? 0.061   -1.888  -5.729  1.00 14.03 ? 56  LEU B CB   1 
ATOM   418  C CG   . LEU A 1 44  ? 1.558   -2.045  -5.455  1.00 15.48 ? 56  LEU B CG   1 
ATOM   419  C CD1  . LEU A 1 44  ? 2.318   -0.682  -5.587  1.00 15.04 ? 56  LEU B CD1  1 
ATOM   420  C CD2  . LEU A 1 44  ? 1.702   -2.565  -4.046  1.00 18.71 ? 56  LEU B CD2  1 
ATOM   421  H H    . LEU A 1 44  ? 0.389   -3.778  -7.843  1.00 0.00  ? 56  LEU B H    1 
ATOM   422  N N    . THR A 1 45  ? -0.188  0.140   -8.205  1.00 13.01 ? 57  THR B N    1 
ATOM   423  C CA   . THR A 1 45  ? 0.547   1.142   -8.983  1.00 13.69 ? 57  THR B CA   1 
ATOM   424  C C    . THR A 1 45  ? 0.473   2.455   -8.178  1.00 13.88 ? 57  THR B C    1 
ATOM   425  O O    . THR A 1 45  ? -0.506  2.705   -7.458  1.00 11.88 ? 57  THR B O    1 
ATOM   426  C CB   A THR A 1 45  ? -0.031  1.357   -10.402 0.40 13.59 ? 57  THR B CB   1 
ATOM   427  C CB   B THR A 1 45  ? -0.067  1.362   -10.382 0.60 13.23 ? 57  THR B CB   1 
ATOM   428  O OG1  A THR A 1 45  ? -1.425  1.667   -10.320 0.40 16.39 ? 57  THR B OG1  1 
ATOM   429  O OG1  B THR A 1 45  ? 0.812   2.176   -11.158 0.60 15.11 ? 57  THR B OG1  1 
ATOM   430  C CG2  A THR A 1 45  ? 0.179   0.125   -11.267 0.40 14.67 ? 57  THR B CG2  1 
ATOM   431  C CG2  B THR A 1 45  ? -1.399  2.071   -10.288 0.60 16.16 ? 57  THR B CG2  1 
ATOM   432  H H    . THR A 1 45  ? -1.032  0.423   -7.781  1.00 0.00  ? 57  THR B H    1 
ATOM   433  H HG1  A THR A 1 45  ? -1.799  1.724   -11.201 0.40 15.00 ? 57  THR B HG1  1 
ATOM   434  H HG1  B THR A 1 45  ? 1.416   1.624   -11.669 0.60 15.00 ? 57  THR B HG1  1 
ATOM   435  N N    . GLY A 1 46  ? 1.528   3.256   -8.253  1.00 14.17 ? 58  GLY B N    1 
ATOM   436  C CA   . GLY A 1 46  ? 1.533   4.520   -7.536  1.00 14.61 ? 58  GLY B CA   1 
ATOM   437  C C    . GLY A 1 46  ? 2.589   5.473   -8.083  1.00 14.33 ? 58  GLY B C    1 
ATOM   438  O O    . GLY A 1 46  ? 3.160   5.233   -9.165  1.00 12.32 ? 58  GLY B O    1 
ATOM   439  H H    . GLY A 1 46  ? 2.302   3.036   -8.809  1.00 0.00  ? 58  GLY B H    1 
ATOM   440  N N    . ARG A 1 47  ? 2.865   6.527   -7.315  1.00 14.15 ? 59  ARG B N    1 
ATOM   441  C CA   . ARG A 1 47  ? 3.837   7.563   -7.690  1.00 14.50 ? 59  ARG B CA   1 
ATOM   442  C C    . ARG A 1 47  ? 4.549   8.042   -6.433  1.00 12.93 ? 59  ARG B C    1 
ATOM   443  O O    . ARG A 1 47  ? 4.007   8.001   -5.345  1.00 11.53 ? 59  ARG B O    1 
ATOM   444  C CB   . ARG A 1 47  ? 3.146   8.789   -8.328  1.00 12.52 ? 59  ARG B CB   1 
ATOM   445  C CG   . ARG A 1 47  ? 2.299   8.529   -9.568  1.00 15.03 ? 59  ARG B CG   1 
ATOM   446  C CD   . ARG A 1 47  ? 3.133   8.236   -10.802 1.00 14.59 ? 59  ARG B CD   1 
ATOM   447  N NE   . ARG A 1 47  ? 3.950   9.384   -11.173 1.00 16.58 ? 59  ARG B NE   1 
ATOM   448  C CZ   . ARG A 1 47  ? 4.971   9.337   -12.024 1.00 17.79 ? 59  ARG B CZ   1 
ATOM   449  N NH1  . ARG A 1 47  ? 5.321   8.211   -12.622 1.00 16.48 ? 59  ARG B NH1  1 
ATOM   450  N NH2  . ARG A 1 47  ? 5.678   10.427  -12.248 1.00 19.39 ? 59  ARG B NH2  1 
ATOM   451  H H    . ARG A 1 47  ? 2.420   6.610   -6.443  1.00 0.00  ? 59  ARG B H    1 
ATOM   452  H HE   . ARG A 1 47  ? 3.749   10.236  -10.750 1.00 0.00  ? 59  ARG B HE   1 
ATOM   453  H HH11 . ARG A 1 47  ? 4.818   7.362   -12.436 1.00 0.00  ? 59  ARG B HH11 1 
ATOM   454  H HH12 . ARG A 1 47  ? 6.100   8.205   -13.248 1.00 0.00  ? 59  ARG B HH12 1 
ATOM   455  H HH21 . ARG A 1 47  ? 5.438   11.271  -11.778 1.00 0.00  ? 59  ARG B HH21 1 
ATOM   456  H HH22 . ARG A 1 47  ? 6.453   10.406  -12.880 1.00 0.00  ? 59  ARG B HH22 1 
ATOM   457  N N    . TYR A 1 48  ? 5.780   8.502   -6.594  1.00 13.76 ? 60  TYR B N    1 
ATOM   458  C CA   . TYR A 1 48  ? 6.533   9.017   -5.463  1.00 13.86 ? 60  TYR B CA   1 
ATOM   459  C C    . TYR A 1 48  ? 7.355   10.209  -5.955  1.00 15.35 ? 60  TYR B C    1 
ATOM   460  O O    . TYR A 1 48  ? 7.582   10.364  -7.153  1.00 15.97 ? 60  TYR B O    1 
ATOM   461  C CB   . TYR A 1 48  ? 7.455   7.928   -4.890  1.00 13.06 ? 60  TYR B CB   1 
ATOM   462  C CG   . TYR A 1 48  ? 8.693   7.607   -5.713  1.00 12.45 ? 60  TYR B CG   1 
ATOM   463  C CD1  . TYR A 1 48  ? 8.606   6.902   -6.913  1.00 14.14 ? 60  TYR B CD1  1 
ATOM   464  C CD2  . TYR A 1 48  ? 9.964   7.993   -5.271  1.00 16.10 ? 60  TYR B CD2  1 
ATOM   465  C CE1  . TYR A 1 48  ? 9.761   6.595   -7.649  1.00 17.22 ? 60  TYR B CE1  1 
ATOM   466  C CE2  . TYR A 1 48  ? 11.114  7.691   -5.996  1.00 15.98 ? 60  TYR B CE2  1 
ATOM   467  C CZ   . TYR A 1 48  ? 11.005  6.998   -7.177  1.00 18.28 ? 60  TYR B CZ   1 
ATOM   468  O OH   . TYR A 1 48  ? 12.140  6.713   -7.893  1.00 20.01 ? 60  TYR B OH   1 
ATOM   469  H H    . TYR A 1 48  ? 6.185   8.518   -7.486  1.00 0.00  ? 60  TYR B H    1 
ATOM   470  H HH   . TYR A 1 48  ? 12.877  6.892   -7.322  1.00 0.00  ? 60  TYR B HH   1 
ATOM   471  N N    . ASP A 1 49  ? 7.765   11.061  -5.024  1.00 15.14 ? 61  ASP B N    1 
ATOM   472  C CA   . ASP A 1 49  ? 8.592   12.222  -5.332  1.00 14.00 ? 61  ASP B CA   1 
ATOM   473  C C    . ASP A 1 49  ? 10.017  11.684  -5.627  1.00 13.25 ? 61  ASP B C    1 
ATOM   474  O O    . ASP A 1 49  ? 10.725  11.270  -4.719  1.00 12.53 ? 61  ASP B O    1 
ATOM   475  C CB   . ASP A 1 49  ? 8.598   13.115  -4.092  1.00 14.28 ? 61  ASP B CB   1 
ATOM   476  C CG   . ASP A 1 49  ? 9.521   14.325  -4.222  1.00 15.32 ? 61  ASP B CG   1 
ATOM   477  O OD1  . ASP A 1 49  ? 10.153  14.535  -5.283  1.00 15.92 ? 61  ASP B OD1  1 
ATOM   478  O OD2  . ASP A 1 49  ? 9.581   15.075  -3.243  1.00 16.55 ? 61  ASP B OD2  1 
ATOM   479  H H    . ASP A 1 49  ? 7.517   10.889  -4.093  1.00 0.00  ? 61  ASP B H    1 
ATOM   480  N N    . SER A 1 50  ? 10.454  11.727  -6.876  1.00 14.61 ? 62  SER B N    1 
ATOM   481  C CA   . SER A 1 50  ? 11.783  11.211  -7.201  1.00 17.53 ? 62  SER B CA   1 
ATOM   482  C C    . SER A 1 50  ? 12.980  12.146  -6.944  1.00 19.21 ? 62  SER B C    1 
ATOM   483  O O    . SER A 1 50  ? 14.128  11.787  -7.212  1.00 20.30 ? 62  SER B O    1 
ATOM   484  C CB   . SER A 1 50  ? 11.812  10.669  -8.626  1.00 17.28 ? 62  SER B CB   1 
ATOM   485  O OG   . SER A 1 50  ? 11.276  11.604  -9.534  1.00 21.32 ? 62  SER B OG   1 
ATOM   486  H H    . SER A 1 50  ? 9.868   12.073  -7.597  1.00 0.00  ? 62  SER B H    1 
ATOM   487  H HG   . SER A 1 50  ? 10.303  11.628  -9.488  1.00 0.00  ? 62  SER B HG   1 
ATOM   488  N N    . ALA A 1 51  ? 12.716  13.334  -6.422  1.00 19.67 ? 63  ALA B N    1 
ATOM   489  C CA   . ALA A 1 51  ? 13.773  14.305  -6.105  1.00 20.24 ? 63  ALA B CA   1 
ATOM   490  C C    . ALA A 1 51  ? 13.343  15.026  -4.836  1.00 19.34 ? 63  ALA B C    1 
ATOM   491  O O    . ALA A 1 51  ? 12.993  16.201  -4.873  1.00 18.19 ? 63  ALA B O    1 
ATOM   492  C CB   . ALA A 1 51  ? 13.937  15.302  -7.241  1.00 18.06 ? 63  ALA B CB   1 
ATOM   493  H H    . ALA A 1 51  ? 11.792  13.559  -6.244  1.00 0.00  ? 63  ALA B H    1 
ATOM   494  N N    . PRO A 1 52  ? 13.300  14.308  -3.700  1.00 19.31 ? 64  PRO B N    1 
ATOM   495  C CA   . PRO A 1 52  ? 12.893  14.892  -2.429  1.00 21.03 ? 64  PRO B CA   1 
ATOM   496  C C    . PRO A 1 52  ? 13.877  15.929  -1.872  1.00 23.42 ? 64  PRO B C    1 
ATOM   497  O O    . PRO A 1 52  ? 15.029  16.013  -2.307  1.00 22.40 ? 64  PRO B O    1 
ATOM   498  C CB   . PRO A 1 52  ? 12.772  13.665  -1.524  1.00 22.01 ? 64  PRO B CB   1 
ATOM   499  C CG   . PRO A 1 52  ? 13.824  12.765  -2.061  1.00 20.40 ? 64  PRO B CG   1 
ATOM   500  C CD   . PRO A 1 52  ? 13.680  12.890  -3.534  1.00 20.25 ? 64  PRO B CD   1 
ATOM   501  N N    . ALA A 1 53  ? 13.389  16.745  -0.952  1.00 25.81 ? 65  ALA B N    1 
ATOM   502  C CA   . ALA A 1 53  ? 14.213  17.755  -0.325  1.00 28.43 ? 65  ALA B CA   1 
ATOM   503  C C    . ALA A 1 53  ? 15.306  17.011  0.419   1.00 31.19 ? 65  ALA B C    1 
ATOM   504  O O    . ALA A 1 53  ? 15.131  15.877  0.861   1.00 32.78 ? 65  ALA B O    1 
ATOM   505  C CB   . ALA A 1 53  ? 13.396  18.576  0.626   1.00 29.32 ? 65  ALA B CB   1 
ATOM   506  H H    . ALA A 1 53  ? 12.470  16.612  -0.625  1.00 0.00  ? 65  ALA B H    1 
ATOM   507  N N    . THR A 1 54  ? 16.437  17.664  0.573   1.00 34.54 ? 66  THR B N    1 
ATOM   508  C CA   . THR A 1 54  ? 17.577  17.046  1.216   1.00 37.89 ? 66  THR B CA   1 
ATOM   509  C C    . THR A 1 54  ? 17.678  17.384  2.699   1.00 38.26 ? 66  THR B C    1 
ATOM   510  O O    . THR A 1 54  ? 18.462  16.781  3.438   1.00 40.58 ? 66  THR B O    1 
ATOM   511  C CB   . THR A 1 54  ? 18.838  17.491  0.478   1.00 40.01 ? 66  THR B CB   1 
ATOM   512  O OG1  . THR A 1 54  ? 18.703  18.878  0.126   1.00 43.08 ? 66  THR B OG1  1 
ATOM   513  C CG2  . THR A 1 54  ? 19.018  16.675  -0.803  1.00 41.59 ? 66  THR B CG2  1 
ATOM   514  H H    . THR A 1 54  ? 16.566  18.575  0.226   1.00 0.00  ? 66  THR B H    1 
ATOM   515  H HG1  . THR A 1 54  ? 19.552  19.199  -0.209  1.00 0.00  ? 66  THR B HG1  1 
ATOM   516  N N    . ASP A 1 55  ? 16.835  18.308  3.136   1.00 36.62 ? 67  ASP B N    1 
ATOM   517  C CA   . ASP A 1 55  ? 16.809  18.770  4.522   1.00 35.40 ? 67  ASP B CA   1 
ATOM   518  C C    . ASP A 1 55  ? 16.330  17.768  5.601   1.00 34.85 ? 67  ASP B C    1 
ATOM   519  O O    . ASP A 1 55  ? 16.070  18.168  6.744   1.00 34.71 ? 67  ASP B O    1 
ATOM   520  C CB   . ASP A 1 55  ? 15.948  20.028  4.598   1.00 33.40 ? 67  ASP B CB   1 
ATOM   521  C CG   . ASP A 1 55  ? 14.468  19.735  4.433   1.00 35.58 ? 67  ASP B CG   1 
ATOM   522  O OD1  . ASP A 1 55  ? 14.105  18.637  3.950   1.00 34.50 ? 67  ASP B OD1  1 
ATOM   523  O OD2  . ASP A 1 55  ? 13.660  20.605  4.811   1.00 36.75 ? 67  ASP B OD2  1 
ATOM   524  H H    . ASP A 1 55  ? 16.215  18.687  2.486   1.00 0.00  ? 67  ASP B H    1 
ATOM   525  N N    . GLY A 1 56  ? 16.202  16.492  5.255   1.00 32.61 ? 68  GLY B N    1 
ATOM   526  C CA   . GLY A 1 56  ? 15.735  15.529  6.239   1.00 32.11 ? 68  GLY B CA   1 
ATOM   527  C C    . GLY A 1 56  ? 14.228  15.255  6.188   1.00 29.56 ? 68  GLY B C    1 
ATOM   528  O O    . GLY A 1 56  ? 13.706  14.520  7.027   1.00 30.56 ? 68  GLY B O    1 
ATOM   529  H H    . GLY A 1 56  ? 16.426  16.169  4.356   1.00 0.00  ? 68  GLY B H    1 
ATOM   530  N N    . SER A 1 57  ? 13.521  15.907  5.267   1.00 26.63 ? 69  SER B N    1 
ATOM   531  C CA   . SER A 1 57  ? 12.093  15.693  5.087   1.00 23.25 ? 69  SER B CA   1 
ATOM   532  C C    . SER A 1 57  ? 11.933  14.294  4.500   1.00 22.94 ? 69  SER B C    1 
ATOM   533  O O    . SER A 1 57  ? 12.862  13.758  3.886   1.00 21.26 ? 69  SER B O    1 
ATOM   534  C CB   . SER A 1 57  ? 11.548  16.677  4.064   1.00 22.49 ? 69  SER B CB   1 
ATOM   535  O OG   . SER A 1 57  ? 11.391  17.952  4.619   1.00 26.07 ? 69  SER B OG   1 
ATOM   536  H H    . SER A 1 57  ? 13.968  16.531  4.672   1.00 0.00  ? 69  SER B H    1 
ATOM   537  H HG   . SER A 1 57  ? 10.660  17.948  5.241   1.00 0.00  ? 69  SER B HG   1 
ATOM   538  N N    . GLY A 1 58  ? 10.748  13.715  4.659   1.00 21.46 ? 70  GLY B N    1 
ATOM   539  C CA   . GLY A 1 58  ? 10.492  12.402  4.101   1.00 17.59 ? 70  GLY B CA   1 
ATOM   540  C C    . GLY A 1 58  ? 10.165  12.520  2.625   1.00 15.74 ? 70  GLY B C    1 
ATOM   541  O O    . GLY A 1 58  ? 10.042  13.632  2.088   1.00 15.95 ? 70  GLY B O    1 
ATOM   542  H H    . GLY A 1 58  ? 10.034  14.136  5.183   1.00 0.00  ? 70  GLY B H    1 
ATOM   543  N N    . THR A 1 59  ? 10.028  11.374  1.974   1.00 12.19 ? 71  THR B N    1 
ATOM   544  C CA   . THR A 1 59  ? 9.703   11.281  0.561   1.00 13.17 ? 71  THR B CA   1 
ATOM   545  C C    . THR A 1 59  ? 8.216   10.928  0.392   1.00 14.15 ? 71  THR B C    1 
ATOM   546  O O    . THR A 1 59  ? 7.789   9.823   0.723   1.00 14.41 ? 71  THR B O    1 
ATOM   547  C CB   . THR A 1 59  ? 10.553  10.189  -0.095  1.00 13.61 ? 71  THR B CB   1 
ATOM   548  O OG1  . THR A 1 59  ? 11.926  10.514  0.110   1.00 17.08 ? 71  THR B OG1  1 
ATOM   549  C CG2  . THR A 1 59  ? 10.284  10.070  -1.569  1.00 13.53 ? 71  THR B CG2  1 
ATOM   550  H H    . THR A 1 59  ? 10.153  10.538  2.475   1.00 0.00  ? 71  THR B H    1 
ATOM   551  H HG1  . THR A 1 59  ? 12.134  10.524  1.056   1.00 0.00  ? 71  THR B HG1  1 
ATOM   552  N N    . ALA A 1 60  ? 7.434   11.885  -0.077  1.00 13.82 ? 72  ALA B N    1 
ATOM   553  C CA   . ALA A 1 60  ? 6.012   11.670  -0.296  1.00 13.54 ? 72  ALA B CA   1 
ATOM   554  C C    . ALA A 1 60  ? 5.750   10.624  -1.408  1.00 12.99 ? 72  ALA B C    1 
ATOM   555  O O    . ALA A 1 60  ? 6.428   10.581  -2.451  1.00 12.45 ? 72  ALA B O    1 
ATOM   556  C CB   . ALA A 1 60  ? 5.332   12.991  -0.628  1.00 12.84 ? 72  ALA B CB   1 
ATOM   557  H H    . ALA A 1 60  ? 7.802   12.766  -0.301  1.00 0.00  ? 72  ALA B H    1 
ATOM   558  N N    . LEU A 1 61  ? 4.732   9.799   -1.179  1.00 11.33 ? 73  LEU B N    1 
ATOM   559  C CA   . LEU A 1 61  ? 4.348   8.766   -2.133  1.00 13.04 ? 73  LEU B CA   1 
ATOM   560  C C    . LEU A 1 61  ? 2.871   8.344   -1.928  1.00 12.27 ? 73  LEU B C    1 
ATOM   561  O O    . LEU A 1 61  ? 2.217   8.726   -0.943  1.00 11.60 ? 73  LEU B O    1 
ATOM   562  C CB   . LEU A 1 61  ? 5.272   7.537   -2.013  1.00 13.07 ? 73  LEU B CB   1 
ATOM   563  C CG   . LEU A 1 61  ? 5.631   6.854   -0.676  1.00 17.79 ? 73  LEU B CG   1 
ATOM   564  C CD1  . LEU A 1 61  ? 4.468   6.588   0.226   1.00 20.89 ? 73  LEU B CD1  1 
ATOM   565  C CD2  . LEU A 1 61  ? 6.320   5.551   -0.976  1.00 20.84 ? 73  LEU B CD2  1 
ATOM   566  H H    . LEU A 1 61  ? 4.204   9.874   -0.356  1.00 0.00  ? 73  LEU B H    1 
ATOM   567  N N    . GLY A 1 62  ? 2.349   7.584   -2.884  1.00 12.62 ? 74  GLY B N    1 
ATOM   568  C CA   . GLY A 1 62  ? 0.992   7.096   -2.777  1.00 11.60 ? 74  GLY B CA   1 
ATOM   569  C C    . GLY A 1 62  ? 0.820   5.953   -3.757  1.00 12.00 ? 74  GLY B C    1 
ATOM   570  O O    . GLY A 1 62  ? 1.513   5.895   -4.765  1.00 10.72 ? 74  GLY B O    1 
ATOM   571  H H    . GLY A 1 62  ? 2.870   7.345   -3.686  1.00 0.00  ? 74  GLY B H    1 
ATOM   572  N N    . TRP A 1 63  ? -0.068  5.013   -3.441  1.00 10.34 ? 75  TRP B N    1 
ATOM   573  C CA   . TRP A 1 63  ? -0.349  3.899   -4.346  1.00 10.39 ? 75  TRP B CA   1 
ATOM   574  C C    . TRP A 1 63  ? -1.787  3.431   -4.167  1.00 10.72 ? 75  TRP B C    1 
ATOM   575  O O    . TRP A 1 63  ? -2.435  3.730   -3.158  1.00 10.65 ? 75  TRP B O    1 
ATOM   576  C CB   . TRP A 1 63  ? 0.634   2.727   -4.189  1.00 9.39  ? 75  TRP B CB   1 
ATOM   577  C CG   . TRP A 1 63  ? 0.538   1.933   -2.912  1.00 10.81 ? 75  TRP B CG   1 
ATOM   578  C CD1  . TRP A 1 63  ? -0.261  0.839   -2.683  1.00 10.98 ? 75  TRP B CD1  1 
ATOM   579  C CD2  . TRP A 1 63  ? 1.255   2.162   -1.702  1.00 12.00 ? 75  TRP B CD2  1 
ATOM   580  N NE1  . TRP A 1 63  ? -0.086  0.388   -1.407  1.00 12.26 ? 75  TRP B NE1  1 
ATOM   581  C CE2  . TRP A 1 63  ? 0.831   1.179   -0.775  1.00 12.18 ? 75  TRP B CE2  1 
ATOM   582  C CE3  . TRP A 1 63  ? 2.215   3.110   -1.297  1.00 13.89 ? 75  TRP B CE3  1 
ATOM   583  C CZ2  . TRP A 1 63  ? 1.323   1.117   0.535   1.00 14.12 ? 75  TRP B CZ2  1 
ATOM   584  C CZ3  . TRP A 1 63  ? 2.702   3.053   0.006   1.00 15.00 ? 75  TRP B CZ3  1 
ATOM   585  C CH2  . TRP A 1 63  ? 2.251   2.057   0.910   1.00 13.53 ? 75  TRP B CH2  1 
ATOM   586  H H    . TRP A 1 63  ? -0.563  5.071   -2.596  1.00 0.00  ? 75  TRP B H    1 
ATOM   587  H HE1  . TRP A 1 63  ? -0.564  -0.371  -1.006  1.00 0.00  ? 75  TRP B HE1  1 
ATOM   588  N N    . THR A 1 64  ? -2.272  2.705   -5.165  1.00 11.89 ? 76  THR B N    1 
ATOM   589  C CA   . THR A 1 64  ? -3.640  2.194   -5.164  1.00 13.24 ? 76  THR B CA   1 
ATOM   590  C C    . THR A 1 64  ? -3.636  0.694   -5.462  1.00 13.09 ? 76  THR B C    1 
ATOM   591  O O    . THR A 1 64  ? -2.778  0.208   -6.210  1.00 11.60 ? 76  THR B O    1 
ATOM   592  C CB   . THR A 1 64  ? -4.499  2.871   -6.308  1.00 14.11 ? 76  THR B CB   1 
ATOM   593  O OG1  . THR A 1 64  ? -4.518  4.295   -6.147  1.00 15.12 ? 76  THR B OG1  1 
ATOM   594  C CG2  . THR A 1 64  ? -5.942  2.352   -6.317  1.00 15.11 ? 76  THR B CG2  1 
ATOM   595  H H    . THR A 1 64  ? -1.714  2.508   -5.945  1.00 0.00  ? 76  THR B H    1 
ATOM   596  H HG1  . THR A 1 64  ? -4.634  4.488   -5.219  1.00 0.00  ? 76  THR B HG1  1 
ATOM   597  N N    . VAL A 1 65  ? -4.548  -0.032  -4.817  1.00 12.76 ? 77  VAL B N    1 
ATOM   598  C CA   . VAL A 1 65  ? -4.768  -1.454  -5.107  1.00 12.72 ? 77  VAL B CA   1 
ATOM   599  C C    . VAL A 1 65  ? -6.293  -1.590  -5.337  1.00 12.37 ? 77  VAL B C    1 
ATOM   600  O O    . VAL A 1 65  ? -7.083  -1.093  -4.524  1.00 12.35 ? 77  VAL B O    1 
ATOM   601  C CB   . VAL A 1 65  ? -4.366  -2.393  -3.936  1.00 12.64 ? 77  VAL B CB   1 
ATOM   602  C CG1  . VAL A 1 65  ? -4.739  -3.846  -4.277  1.00 15.27 ? 77  VAL B CG1  1 
ATOM   603  C CG2  . VAL A 1 65  ? -2.880  -2.341  -3.679  1.00 14.17 ? 77  VAL B CG2  1 
ATOM   604  H H    . VAL A 1 65  ? -5.110  0.382   -4.129  1.00 0.00  ? 77  VAL B H    1 
ATOM   605  N N    . ALA A 1 66  ? -6.697  -2.101  -6.506  1.00 12.88 ? 78  ALA B N    1 
ATOM   606  C CA   . ALA A 1 66  ? -8.125  -2.408  -6.778  1.00 12.42 ? 78  ALA B CA   1 
ATOM   607  C C    . ALA A 1 66  ? -8.215  -3.894  -6.320  1.00 12.89 ? 78  ALA B C    1 
ATOM   608  O O    . ALA A 1 66  ? -7.395  -4.726  -6.738  1.00 13.12 ? 78  ALA B O    1 
ATOM   609  C CB   . ALA A 1 66  ? -8.457  -2.272  -8.267  1.00 12.02 ? 78  ALA B CB   1 
ATOM   610  H H    . ALA A 1 66  ? -6.031  -2.343  -7.197  1.00 0.00  ? 78  ALA B H    1 
ATOM   611  N N    . TRP A 1 67  ? -9.173  -4.218  -5.455  1.00 12.05 ? 79  TRP B N    1 
ATOM   612  C CA   . TRP A 1 67  ? -9.253  -5.571  -4.910  1.00 13.58 ? 79  TRP B CA   1 
ATOM   613  C C    . TRP A 1 67  ? -9.917  -6.612  -5.794  1.00 15.54 ? 79  TRP B C    1 
ATOM   614  O O    . TRP A 1 67  ? -10.941 -7.184  -5.440  1.00 16.29 ? 79  TRP B O    1 
ATOM   615  C CB   . TRP A 1 67  ? -9.872  -5.555  -3.513  1.00 11.40 ? 79  TRP B CB   1 
ATOM   616  C CG   . TRP A 1 67  ? -9.081  -4.684  -2.580  1.00 12.03 ? 79  TRP B CG   1 
ATOM   617  C CD1  . TRP A 1 67  ? -9.408  -3.420  -2.166  1.00 12.79 ? 79  TRP B CD1  1 
ATOM   618  C CD2  . TRP A 1 67  ? -7.808  -4.981  -1.998  1.00 11.34 ? 79  TRP B CD2  1 
ATOM   619  N NE1  . TRP A 1 67  ? -8.415  -2.918  -1.369  1.00 12.77 ? 79  TRP B NE1  1 
ATOM   620  C CE2  . TRP A 1 67  ? -7.422  -3.850  -1.241  1.00 12.01 ? 79  TRP B CE2  1 
ATOM   621  C CE3  . TRP A 1 67  ? -6.958  -6.092  -2.034  1.00 12.32 ? 79  TRP B CE3  1 
ATOM   622  C CZ2  . TRP A 1 67  ? -6.216  -3.794  -0.522  1.00 11.35 ? 79  TRP B CZ2  1 
ATOM   623  C CZ3  . TRP A 1 67  ? -5.742  -6.039  -1.314  1.00 13.70 ? 79  TRP B CZ3  1 
ATOM   624  C CH2  . TRP A 1 67  ? -5.394  -4.893  -0.570  1.00 13.21 ? 79  TRP B CH2  1 
ATOM   625  H H    . TRP A 1 67  ? -9.816  -3.538  -5.177  1.00 0.00  ? 79  TRP B H    1 
ATOM   626  H HE1  . TRP A 1 67  ? -8.391  -2.009  -0.993  1.00 0.00  ? 79  TRP B HE1  1 
ATOM   627  N N    . LYS A 1 68  ? -9.306  -6.842  -6.947  1.00 14.90 ? 80  LYS B N    1 
ATOM   628  C CA   . LYS A 1 68  ? -9.766  -7.816  -7.899  1.00 14.23 ? 80  LYS B CA   1 
ATOM   629  C C    . LYS A 1 68  ? -8.561  -8.507  -8.480  1.00 15.56 ? 80  LYS B C    1 
ATOM   630  O O    . LYS A 1 68  ? -7.590  -7.845  -8.843  1.00 17.47 ? 80  LYS B O    1 
ATOM   631  C CB   . LYS A 1 68  ? -10.524 -7.142  -9.021  1.00 12.57 ? 80  LYS B CB   1 
ATOM   632  C CG   . LYS A 1 68  ? -10.786 -8.068  -10.176 1.00 16.26 ? 80  LYS B CG   1 
ATOM   633  C CD   . LYS A 1 68  ? -11.677 -7.422  -11.178 1.00 20.34 ? 80  LYS B CD   1 
ATOM   634  C CE   . LYS A 1 68  ? -11.261 -7.854  -12.544 1.00 28.08 ? 80  LYS B CE   1 
ATOM   635  N NZ   . LYS A 1 68  ? -11.020 -9.332  -12.620 1.00 32.17 ? 80  LYS B NZ   1 
ATOM   636  H H    . LYS A 1 68  ? -8.489  -6.347  -7.176  1.00 0.00  ? 80  LYS B H    1 
ATOM   637  H HZ1  . LYS A 1 68  ? -11.893 -9.829  -12.355 1.00 0.00  ? 80  LYS B HZ1  1 
ATOM   638  H HZ2  . LYS A 1 68  ? -10.762 -9.590  -13.594 1.00 0.00  ? 80  LYS B HZ2  1 
ATOM   639  H HZ3  . LYS A 1 68  ? -10.256 -9.622  -11.975 1.00 0.00  ? 80  LYS B HZ3  1 
ATOM   640  N N    . ASN A 1 69  ? -8.558  -9.835  -8.434  1.00 15.01 ? 81  ASN B N    1 
ATOM   641  C CA   . ASN A 1 69  ? -7.503  -10.630 -9.044  1.00 15.97 ? 81  ASN B CA   1 
ATOM   642  C C    . ASN A 1 69  ? -8.197  -11.812 -9.731  1.00 18.36 ? 81  ASN B C    1 
ATOM   643  O O    . ASN A 1 69  ? -9.415  -11.785 -9.889  1.00 16.55 ? 81  ASN B O    1 
ATOM   644  C CB   . ASN A 1 69  ? -6.398  -11.051 -8.062  1.00 15.05 ? 81  ASN B CB   1 
ATOM   645  C CG   . ASN A 1 69  ? -6.876  -11.956 -6.932  1.00 16.09 ? 81  ASN B CG   1 
ATOM   646  O OD1  . ASN A 1 69  ? -7.951  -12.532 -6.982  1.00 15.43 ? 81  ASN B OD1  1 
ATOM   647  N ND2  . ASN A 1 69  ? -6.052  -12.085 -5.907  1.00 13.58 ? 81  ASN B ND2  1 
ATOM   648  H H    . ASN A 1 69  ? -9.303  -10.307 -8.003  1.00 0.00  ? 81  ASN B H    1 
ATOM   649  H HD21 . ASN A 1 69  ? -6.347  -12.636 -5.157  1.00 0.00  ? 81  ASN B HD21 1 
ATOM   650  H HD22 . ASN A 1 69  ? -5.197  -11.613 -5.959  1.00 0.00  ? 81  ASN B HD22 1 
ATOM   651  N N    . ASN A 1 70  ? -7.456  -12.843 -10.124 1.00 20.32 ? 82  ASN B N    1 
ATOM   652  C CA   . ASN A 1 70  ? -8.076  -13.980 -10.813 1.00 24.10 ? 82  ASN B CA   1 
ATOM   653  C C    . ASN A 1 70  ? -8.909  -14.931 -9.962  1.00 23.03 ? 82  ASN B C    1 
ATOM   654  O O    . ASN A 1 70  ? -9.635  -15.757 -10.507 1.00 26.16 ? 82  ASN B O    1 
ATOM   655  C CB   . ASN A 1 70  ? -7.038  -14.766 -11.603 1.00 26.91 ? 82  ASN B CB   1 
ATOM   656  C CG   . ASN A 1 70  ? -6.479  -13.967 -12.761 1.00 33.05 ? 82  ASN B CG   1 
ATOM   657  O OD1  . ASN A 1 70  ? -7.218  -13.263 -13.461 1.00 36.17 ? 82  ASN B OD1  1 
ATOM   658  N ND2  . ASN A 1 70  ? -5.169  -14.028 -12.942 1.00 35.80 ? 82  ASN B ND2  1 
ATOM   659  H H    . ASN A 1 70  ? -6.488  -12.849 -9.953  1.00 0.00  ? 82  ASN B H    1 
ATOM   660  H HD21 . ASN A 1 70  ? -4.775  -13.554 -13.695 1.00 0.00  ? 82  ASN B HD21 1 
ATOM   661  H HD22 . ASN A 1 70  ? -4.657  -14.569 -12.303 1.00 0.00  ? 82  ASN B HD22 1 
ATOM   662  N N    . TYR A 1 71  ? -8.858  -14.753 -8.646  1.00 21.57 ? 83  TYR B N    1 
ATOM   663  C CA   . TYR A 1 71  ? -9.575  -15.580 -7.679  1.00 20.50 ? 83  TYR B CA   1 
ATOM   664  C C    . TYR A 1 71  ? -10.728 -14.884 -6.956  1.00 22.18 ? 83  TYR B C    1 
ATOM   665  O O    . TYR A 1 71  ? -11.585 -15.540 -6.356  1.00 21.16 ? 83  TYR B O    1 
ATOM   666  C CB   . TYR A 1 71  ? -8.593  -16.063 -6.608  1.00 19.60 ? 83  TYR B CB   1 
ATOM   667  C CG   . TYR A 1 71  ? -7.411  -16.769 -7.201  1.00 22.45 ? 83  TYR B CG   1 
ATOM   668  C CD1  . TYR A 1 71  ? -6.317  -16.052 -7.678  1.00 22.46 ? 83  TYR B CD1  1 
ATOM   669  C CD2  . TYR A 1 71  ? -7.426  -18.150 -7.377  1.00 26.41 ? 83  TYR B CD2  1 
ATOM   670  C CE1  . TYR A 1 71  ? -5.275  -16.681 -8.323  1.00 27.01 ? 83  TYR B CE1  1 
ATOM   671  C CE2  . TYR A 1 71  ? -6.386  -18.796 -8.014  1.00 28.08 ? 83  TYR B CE2  1 
ATOM   672  C CZ   . TYR A 1 71  ? -5.313  -18.059 -8.495  1.00 30.79 ? 83  TYR B CZ   1 
ATOM   673  O OH   . TYR A 1 71  ? -4.300  -18.699 -9.168  1.00 33.70 ? 83  TYR B OH   1 
ATOM   674  H H    . TYR A 1 71  ? -8.320  -14.015 -8.288  1.00 0.00  ? 83  TYR B H    1 
ATOM   675  H HH   . TYR A 1 71  ? -4.461  -19.651 -9.132  1.00 0.00  ? 83  TYR B HH   1 
ATOM   676  N N    . ARG A 1 72  ? -10.730 -13.559 -6.952  1.00 19.71 ? 84  ARG B N    1 
ATOM   677  C CA   . ARG A 1 72  ? -11.750 -12.854 -6.225  1.00 19.44 ? 84  ARG B CA   1 
ATOM   678  C C    . ARG A 1 72  ? -11.943 -11.403 -6.641  1.00 19.02 ? 84  ARG B C    1 
ATOM   679  O O    . ARG A 1 72  ? -11.068 -10.788 -7.262  1.00 17.76 ? 84  ARG B O    1 
ATOM   680  C CB   . ARG A 1 72  ? -11.399 -12.865 -4.750  1.00 24.56 ? 84  ARG B CB   1 
ATOM   681  C CG   . ARG A 1 72  ? -12.567 -12.398 -3.919  1.00 33.21 ? 84  ARG B CG   1 
ATOM   682  C CD   . ARG A 1 72  ? -12.146 -11.812 -2.625  1.00 38.73 ? 84  ARG B CD   1 
ATOM   683  N NE   . ARG A 1 72  ? -11.583 -12.817 -1.743  1.00 42.97 ? 84  ARG B NE   1 
ATOM   684  C CZ   . ARG A 1 72  ? -11.864 -12.894 -0.449  1.00 46.42 ? 84  ARG B CZ   1 
ATOM   685  N NH1  . ARG A 1 72  ? -12.706 -12.025 0.119   1.00 44.82 ? 84  ARG B NH1  1 
ATOM   686  N NH2  . ARG A 1 72  ? -11.290 -13.842 0.277   1.00 49.98 ? 84  ARG B NH2  1 
ATOM   687  H H    . ARG A 1 72  ? -10.049 -13.027 -7.411  1.00 0.00  ? 84  ARG B H    1 
ATOM   688  H HE   . ARG A 1 72  ? -10.962 -13.479 -2.117  1.00 0.00  ? 84  ARG B HE   1 
ATOM   689  H HH11 . ARG A 1 72  ? -13.134 -11.301 -0.422  1.00 0.00  ? 84  ARG B HH11 1 
ATOM   690  H HH12 . ARG A 1 72  ? -12.913 -12.099 1.094   1.00 0.00  ? 84  ARG B HH12 1 
ATOM   691  H HH21 . ARG A 1 72  ? -10.657 -14.490 -0.148  1.00 0.00  ? 84  ARG B HH21 1 
ATOM   692  H HH22 . ARG A 1 72  ? -11.507 -13.921 1.250   1.00 0.00  ? 84  ARG B HH22 1 
ATOM   693  N N    . ASN A 1 73  ? -13.122 -10.886 -6.332  1.00 16.88 ? 85  ASN B N    1 
ATOM   694  C CA   . ASN A 1 73  ? -13.439 -9.502  -6.595  1.00 15.93 ? 85  ASN B CA   1 
ATOM   695  C C    . ASN A 1 73  ? -14.236 -8.953  -5.408  1.00 16.62 ? 85  ASN B C    1 
ATOM   696  O O    . ASN A 1 73  ? -15.372 -9.365  -5.158  1.00 16.48 ? 85  ASN B O    1 
ATOM   697  C CB   . ASN A 1 73  ? -14.188 -9.323  -7.911  1.00 16.16 ? 85  ASN B CB   1 
ATOM   698  C CG   . ASN A 1 73  ? -14.221 -7.871  -8.347  1.00 15.62 ? 85  ASN B CG   1 
ATOM   699  O OD1  . ASN A 1 73  ? -13.952 -6.976  -7.548  1.00 15.43 ? 85  ASN B OD1  1 
ATOM   700  N ND2  . ASN A 1 73  ? -14.561 -7.629  -9.591  1.00 13.61 ? 85  ASN B ND2  1 
ATOM   701  H H    . ASN A 1 73  ? -13.812 -11.446 -5.911  1.00 0.00  ? 85  ASN B H    1 
ATOM   702  H HD21 . ASN A 1 73  ? -14.571 -6.735  -9.937  1.00 0.00  ? 85  ASN B HD21 1 
ATOM   703  H HD22 . ASN A 1 73  ? -14.802 -8.438  -10.110 1.00 0.00  ? 85  ASN B HD22 1 
ATOM   704  N N    . ALA A 1 74  ? -13.586 -8.089  -4.621  1.00 14.49 ? 86  ALA B N    1 
ATOM   705  C CA   . ALA A 1 74  ? -14.192 -7.453  -3.461  1.00 11.61 ? 86  ALA B CA   1 
ATOM   706  C C    . ALA A 1 74  ? -14.843 -6.093  -3.799  1.00 12.93 ? 86  ALA B C    1 
ATOM   707  O O    . ALA A 1 74  ? -15.336 -5.412  -2.897  1.00 14.04 ? 86  ALA B O    1 
ATOM   708  C CB   . ALA A 1 74  ? -13.174 -7.313  -2.343  1.00 11.61 ? 86  ALA B CB   1 
ATOM   709  H H    . ALA A 1 74  ? -12.657 -7.874  -4.862  1.00 0.00  ? 86  ALA B H    1 
ATOM   710  N N    . HIS A 1 75  ? -14.884 -5.722  -5.085  1.00 10.96 ? 87  HIS B N    1 
ATOM   711  C CA   . HIS A 1 75  ? -15.529 -4.476  -5.551  1.00 12.02 ? 87  HIS B CA   1 
ATOM   712  C C    . HIS A 1 75  ? -15.175 -3.277  -4.655  1.00 10.74 ? 87  HIS B C    1 
ATOM   713  O O    . HIS A 1 75  ? -16.036 -2.583  -4.100  1.00 11.15 ? 87  HIS B O    1 
ATOM   714  C CB   . HIS A 1 75  ? -17.059 -4.661  -5.629  1.00 12.82 ? 87  HIS B CB   1 
ATOM   715  C CG   . HIS A 1 75  ? -17.482 -5.786  -6.524  1.00 17.83 ? 87  HIS B CG   1 
ATOM   716  N ND1  . HIS A 1 75  ? -17.239 -5.788  -7.881  1.00 15.59 ? 87  HIS B ND1  1 
ATOM   717  C CD2  . HIS A 1 75  ? -18.070 -6.977  -6.248  1.00 18.54 ? 87  HIS B CD2  1 
ATOM   718  C CE1  . HIS A 1 75  ? -17.650 -6.931  -8.404  1.00 19.29 ? 87  HIS B CE1  1 
ATOM   719  N NE2  . HIS A 1 75  ? -18.157 -7.672  -7.434  1.00 19.35 ? 87  HIS B NE2  1 
ATOM   720  H H    . HIS A 1 75  ? -14.415 -6.271  -5.756  1.00 0.00  ? 87  HIS B H    1 
ATOM   721  H HD1  . HIS A 1 75  ? -16.928 -5.049  -8.412  1.00 0.00  ? 87  HIS B HD1  1 
ATOM   722  H HE2  . HIS A 1 75  ? -18.538 -8.567  -7.586  1.00 0.00  ? 87  HIS B HE2  1 
ATOM   723  N N    . SER A 1 76  ? -13.882 -3.022  -4.570  1.00 12.31 ? 88  SER B N    1 
ATOM   724  C CA   . SER A 1 76  ? -13.375 -1.965  -3.720  1.00 11.32 ? 88  SER B CA   1 
ATOM   725  C C    . SER A 1 76  ? -11.931 -1.631  -4.140  1.00 13.21 ? 88  SER B C    1 
ATOM   726  O O    . SER A 1 76  ? -11.279 -2.400  -4.881  1.00 12.41 ? 88  SER B O    1 
ATOM   727  C CB   . SER A 1 76  ? -13.428 -2.423  -2.248  1.00 9.87  ? 88  SER B CB   1 
ATOM   728  O OG   . SER A 1 76  ? -12.809 -3.699  -2.060  1.00 12.60 ? 88  SER B OG   1 
ATOM   729  H H    . SER A 1 76  ? -13.255 -3.553  -5.107  1.00 0.00  ? 88  SER B H    1 
ATOM   730  H HG   . SER A 1 76  ? -12.211 -3.818  -2.805  1.00 0.00  ? 88  SER B HG   1 
ATOM   731  N N    . ALA A 1 77  ? -11.437 -0.495  -3.652  1.00 12.36 ? 89  ALA B N    1 
ATOM   732  C CA   . ALA A 1 77  ? -10.085 -0.052  -3.952  1.00 11.37 ? 89  ALA B CA   1 
ATOM   733  C C    . ALA A 1 77  ? -9.580  0.734   -2.748  1.00 10.90 ? 89  ALA B C    1 
ATOM   734  O O    . ALA A 1 77  ? -10.325 1.442   -2.089  1.00 11.65 ? 89  ALA B O    1 
ATOM   735  C CB   . ALA A 1 77  ? -10.079 0.842   -5.199  1.00 11.64 ? 89  ALA B CB   1 
ATOM   736  H H    . ALA A 1 77  ? -11.976 0.086   -3.071  1.00 0.00  ? 89  ALA B H    1 
ATOM   737  N N    . THR A 1 78  ? -8.302  0.578   -2.459  1.00 12.33 ? 90  THR B N    1 
ATOM   738  C CA   . THR A 1 78  ? -7.669  1.286   -1.358  1.00 11.44 ? 90  THR B CA   1 
ATOM   739  C C    . THR A 1 78  ? -6.511  2.122   -1.901  1.00 11.26 ? 90  THR B C    1 
ATOM   740  O O    . THR A 1 78  ? -5.769  1.678   -2.784  1.00 9.29  ? 90  THR B O    1 
ATOM   741  C CB   . THR A 1 78  ? -7.093  0.289   -0.367  1.00 11.86 ? 90  THR B CB   1 
ATOM   742  O OG1  . THR A 1 78  ? -8.169  -0.516  0.126   1.00 12.68 ? 90  THR B OG1  1 
ATOM   743  C CG2  . THR A 1 78  ? -6.371  1.003   0.817   1.00 10.38 ? 90  THR B CG2  1 
ATOM   744  H H    . THR A 1 78  ? -7.756  -0.028  -3.005  1.00 0.00  ? 90  THR B H    1 
ATOM   745  H HG1  . THR A 1 78  ? -8.807  0.142   0.418   1.00 0.00  ? 90  THR B HG1  1 
ATOM   746  N N    . THR A 1 79  ? -6.410  3.354   -1.407  1.00 12.81 ? 91  THR B N    1 
ATOM   747  C CA   . THR A 1 79  ? -5.291  4.234   -1.748  1.00 10.19 ? 91  THR B CA   1 
ATOM   748  C C    . THR A 1 79  ? -4.545  4.489   -0.436  1.00 11.46 ? 91  THR B C    1 
ATOM   749  O O    . THR A 1 79  ? -5.183  4.702   0.606   1.00 11.66 ? 91  THR B O    1 
ATOM   750  C CB   . THR A 1 79  ? -5.744  5.625   -2.300  1.00 8.70  ? 91  THR B CB   1 
ATOM   751  O OG1  . THR A 1 79  ? -6.590  6.293   -1.357  1.00 12.09 ? 91  THR B OG1  1 
ATOM   752  C CG2  . THR A 1 79  ? -6.465  5.478   -3.600  1.00 11.23 ? 91  THR B CG2  1 
ATOM   753  H H    . THR A 1 79  ? -7.103  3.715   -0.809  1.00 0.00  ? 91  THR B H    1 
ATOM   754  H HG1  . THR A 1 79  ? -6.157  6.371   -0.498  1.00 0.00  ? 91  THR B HG1  1 
ATOM   755  N N    . TRP A 1 80  ? -3.222  4.390   -0.455  1.00 10.45 ? 92  TRP B N    1 
ATOM   756  C CA   . TRP A 1 80  ? -2.414  4.692   0.734   1.00 11.52 ? 92  TRP B CA   1 
ATOM   757  C C    . TRP A 1 80  ? -1.662  5.984   0.381   1.00 9.86  ? 92  TRP B C    1 
ATOM   758  O O    . TRP A 1 80  ? -1.100  6.085   -0.703  1.00 10.54 ? 92  TRP B O    1 
ATOM   759  C CB   . TRP A 1 80  ? -1.378  3.603   1.004   1.00 10.68 ? 92  TRP B CB   1 
ATOM   760  C CG   . TRP A 1 80  ? -1.900  2.364   1.651   1.00 12.42 ? 92  TRP B CG   1 
ATOM   761  C CD1  . TRP A 1 80  ? -1.767  2.008   2.972   1.00 12.95 ? 92  TRP B CD1  1 
ATOM   762  C CD2  . TRP A 1 80  ? -2.454  1.219   0.983   1.00 12.56 ? 92  TRP B CD2  1 
ATOM   763  N NE1  . TRP A 1 80  ? -2.170  0.701   3.152   1.00 12.72 ? 92  TRP B NE1  1 
ATOM   764  C CE2  . TRP A 1 80  ? -2.593  0.195   1.950   1.00 14.34 ? 92  TRP B CE2  1 
ATOM   765  C CE3  . TRP A 1 80  ? -2.826  0.958   -0.345  1.00 13.35 ? 92  TRP B CE3  1 
ATOM   766  C CZ2  . TRP A 1 80  ? -3.083  -1.083  1.629   1.00 13.57 ? 92  TRP B CZ2  1 
ATOM   767  C CZ3  . TRP A 1 80  ? -3.314  -0.312  -0.667  1.00 13.41 ? 92  TRP B CZ3  1 
ATOM   768  C CH2  . TRP A 1 80  ? -3.433  -1.313  0.321   1.00 13.32 ? 92  TRP B CH2  1 
ATOM   769  H H    . TRP A 1 80  ? -2.759  4.130   -1.279  1.00 0.00  ? 92  TRP B H    1 
ATOM   770  H HE1  . TRP A 1 80  ? -2.192  0.199   3.996   1.00 0.00  ? 92  TRP B HE1  1 
ATOM   771  N N    . SER A 1 81  ? -1.673  6.956   1.278   1.00 11.54 ? 93  SER B N    1 
ATOM   772  C CA   . SER A 1 81  ? -0.985  8.228   1.054   1.00 12.11 ? 93  SER B CA   1 
ATOM   773  C C    . SER A 1 81  ? -0.019  8.409   2.217   1.00 10.75 ? 93  SER B C    1 
ATOM   774  O O    . SER A 1 81  ? -0.402  8.243   3.374   1.00 9.67  ? 93  SER B O    1 
ATOM   775  C CB   . SER A 1 81  ? -2.011  9.364   1.025   1.00 14.10 ? 93  SER B CB   1 
ATOM   776  O OG   . SER A 1 81  ? -1.409  10.611  0.751   1.00 17.14 ? 93  SER B OG   1 
ATOM   777  H H    . SER A 1 81  ? -2.140  6.859   2.129   1.00 0.00  ? 93  SER B H    1 
ATOM   778  H HG   . SER A 1 81  ? -0.977  10.586  -0.103  1.00 0.00  ? 93  SER B HG   1 
ATOM   779  N N    . GLY A 1 82  ? 1.255   8.661   1.922   1.00 10.62 ? 94  GLY B N    1 
ATOM   780  C CA   . GLY A 1 82  ? 2.189   8.842   3.013   1.00 10.87 ? 94  GLY B CA   1 
ATOM   781  C C    . GLY A 1 82  ? 3.572   9.245   2.580   1.00 10.54 ? 94  GLY B C    1 
ATOM   782  O O    . GLY A 1 82  ? 3.756   9.832   1.514   1.00 11.77 ? 94  GLY B O    1 
ATOM   783  H H    . GLY A 1 82  ? 1.562   8.763   0.994   1.00 0.00  ? 94  GLY B H    1 
ATOM   784  N N    . GLN A 1 83  ? 4.534   8.952   3.443   1.00 13.58 ? 95  GLN B N    1 
ATOM   785  C CA   . GLN A 1 83  ? 5.924   9.261   3.180   1.00 13.32 ? 95  GLN B CA   1 
ATOM   786  C C    . GLN A 1 83  ? 6.903   8.245   3.703   1.00 10.91 ? 95  GLN B C    1 
ATOM   787  O O    . GLN A 1 83  ? 6.691   7.590   4.729   1.00 12.47 ? 95  GLN B O    1 
ATOM   788  C CB   . GLN A 1 83  ? 6.288   10.651  3.706   1.00 15.32 ? 95  GLN B CB   1 
ATOM   789  C CG   . GLN A 1 83  ? 6.119   10.846  5.179   1.00 16.16 ? 95  GLN B CG   1 
ATOM   790  C CD   . GLN A 1 83  ? 6.400   12.285  5.581   1.00 19.19 ? 95  GLN B CD   1 
ATOM   791  O OE1  . GLN A 1 83  ? 7.403   12.863  5.187   1.00 16.54 ? 95  GLN B OE1  1 
ATOM   792  N NE2  . GLN A 1 83  ? 5.522   12.855  6.374   1.00 19.84 ? 95  GLN B NE2  1 
ATOM   793  H H    . GLN A 1 83  ? 4.312   8.473   4.272   1.00 0.00  ? 95  GLN B H    1 
ATOM   794  H HE21 . GLN A 1 83  ? 5.694   13.790  6.642   1.00 0.00  ? 95  GLN B HE21 1 
ATOM   795  H HE22 . GLN A 1 83  ? 4.752   12.323  6.658   1.00 0.00  ? 95  GLN B HE22 1 
ATOM   796  N N    . TYR A 1 84  ? 7.969   8.110   2.933   1.00 12.64 ? 96  TYR B N    1 
ATOM   797  C CA   . TYR A 1 84  ? 9.083   7.234   3.213   1.00 14.05 ? 96  TYR B CA   1 
ATOM   798  C C    . TYR A 1 84  ? 10.090  8.018   4.046   1.00 15.73 ? 96  TYR B C    1 
ATOM   799  O O    . TYR A 1 84  ? 10.390  9.156   3.733   1.00 16.37 ? 96  TYR B O    1 
ATOM   800  C CB   . TYR A 1 84  ? 9.735   6.822   1.907   1.00 14.96 ? 96  TYR B CB   1 
ATOM   801  C CG   . TYR A 1 84  ? 11.123  6.275   2.069   1.00 18.80 ? 96  TYR B CG   1 
ATOM   802  C CD1  . TYR A 1 84  ? 11.326  4.975   2.519   1.00 20.94 ? 96  TYR B CD1  1 
ATOM   803  C CD2  . TYR A 1 84  ? 12.234  7.043   1.748   1.00 20.14 ? 96  TYR B CD2  1 
ATOM   804  C CE1  . TYR A 1 84  ? 12.601  4.453   2.642   1.00 23.58 ? 96  TYR B CE1  1 
ATOM   805  C CE2  . TYR A 1 84  ? 13.516  6.525   1.868   1.00 24.35 ? 96  TYR B CE2  1 
ATOM   806  C CZ   . TYR A 1 84  ? 13.689  5.230   2.312   1.00 23.31 ? 96  TYR B CZ   1 
ATOM   807  O OH   . TYR A 1 84  ? 14.941  4.697   2.416   1.00 24.86 ? 96  TYR B OH   1 
ATOM   808  H H    . TYR A 1 84  ? 8.003   8.638   2.119   1.00 0.00  ? 96  TYR B H    1 
ATOM   809  H HH   . TYR A 1 84  ? 14.837  3.785   2.697   1.00 0.00  ? 96  TYR B HH   1 
ATOM   810  N N    . VAL A 1 85  ? 10.599  7.396   5.095   1.00 18.04 ? 97  VAL B N    1 
ATOM   811  C CA   . VAL A 1 85  ? 11.584  7.987   5.993   1.00 23.12 ? 97  VAL B CA   1 
ATOM   812  C C    . VAL A 1 85  ? 12.738  6.980   6.054   1.00 25.41 ? 97  VAL B C    1 
ATOM   813  O O    . VAL A 1 85  ? 12.552  5.847   6.513   1.00 26.79 ? 97  VAL B O    1 
ATOM   814  C CB   . VAL A 1 85  ? 10.983  8.183   7.409   1.00 24.33 ? 97  VAL B CB   1 
ATOM   815  C CG1  . VAL A 1 85  ? 12.080  8.522   8.400   1.00 27.01 ? 97  VAL B CG1  1 
ATOM   816  C CG2  . VAL A 1 85  ? 9.885   9.260   7.393   1.00 23.76 ? 97  VAL B CG2  1 
ATOM   817  H H    . VAL A 1 85  ? 10.298  6.486   5.300   1.00 0.00  ? 97  VAL B H    1 
ATOM   818  N N    . GLY A 1 86  ? 13.887  7.357   5.499   1.00 28.24 ? 98  GLY B N    1 
ATOM   819  C CA   . GLY A 1 86  ? 15.055  6.483   5.484   1.00 31.80 ? 98  GLY B CA   1 
ATOM   820  C C    . GLY A 1 86  ? 15.788  6.330   6.816   1.00 35.56 ? 98  GLY B C    1 
ATOM   821  O O    . GLY A 1 86  ? 15.361  6.853   7.858   1.00 35.58 ? 98  GLY B O    1 
ATOM   822  H H    . GLY A 1 86  ? 13.969  8.260   5.113   1.00 0.00  ? 98  GLY B H    1 
ATOM   823  N N    . GLY A 1 87  ? 16.891  5.585   6.790   1.00 38.51 ? 99  GLY B N    1 
ATOM   824  C CA   . GLY A 1 87  ? 17.674  5.370   8.000   1.00 41.01 ? 99  GLY B CA   1 
ATOM   825  C C    . GLY A 1 87  ? 17.771  3.898   8.343   1.00 41.87 ? 99  GLY B C    1 
ATOM   826  O O    . GLY A 1 87  ? 17.314  3.059   7.561   1.00 43.96 ? 99  GLY B O    1 
ATOM   827  H H    . GLY A 1 87  ? 17.175  5.148   5.964   1.00 0.00  ? 99  GLY B H    1 
ATOM   828  N N    . ALA A 1 88  ? 18.357  3.579   9.499   1.00 42.51 ? 100 ALA B N    1 
ATOM   829  C CA   . ALA A 1 88  ? 18.501  2.178   9.927   1.00 42.17 ? 100 ALA B CA   1 
ATOM   830  C C    . ALA A 1 88  ? 17.117  1.602   10.213  1.00 41.66 ? 100 ALA B C    1 
ATOM   831  O O    . ALA A 1 88  ? 16.897  0.391   10.063  1.00 43.63 ? 100 ALA B O    1 
ATOM   832  C CB   . ALA A 1 88  ? 19.390  2.064   11.164  1.00 43.94 ? 100 ALA B CB   1 
ATOM   833  H H    . ALA A 1 88  ? 18.704  4.301   10.058  1.00 0.00  ? 100 ALA B H    1 
ATOM   834  N N    A GLU A 1 89  ? 16.194  2.458   10.659  0.60 39.43 ? 101 GLU B N    1 
ATOM   835  N N    B GLU A 1 89  ? 16.218  2.484   10.631  0.40 39.42 ? 101 GLU B N    1 
ATOM   836  C CA   A GLU A 1 89  ? 14.817  2.039   10.919  0.60 36.82 ? 101 GLU B CA   1 
ATOM   837  C CA   B GLU A 1 89  ? 14.835  2.160   10.944  0.40 36.57 ? 101 GLU B CA   1 
ATOM   838  C C    A GLU A 1 89  ? 13.950  2.732   9.862   0.60 32.83 ? 101 GLU B C    1 
ATOM   839  C C    B GLU A 1 89  ? 13.963  2.782   9.849   0.40 33.09 ? 101 GLU B C    1 
ATOM   840  O O    A GLU A 1 89  ? 13.233  3.687   10.140  0.60 31.68 ? 101 GLU B O    1 
ATOM   841  O O    B GLU A 1 89  ? 13.179  3.695   10.103  0.40 32.05 ? 101 GLU B O    1 
ATOM   842  C CB   A GLU A 1 89  ? 14.367  2.421   12.337  0.60 40.82 ? 101 GLU B CB   1 
ATOM   843  C CB   B GLU A 1 89  ? 14.469  2.732   12.324  0.40 39.42 ? 101 GLU B CB   1 
ATOM   844  C CG   A GLU A 1 89  ? 13.248  1.529   12.941  0.60 45.81 ? 101 GLU B CG   1 
ATOM   845  C CG   B GLU A 1 89  ? 15.268  3.978   12.764  0.40 42.11 ? 101 GLU B CG   1 
ATOM   846  C CD   A GLU A 1 89  ? 11.869  1.672   12.262  0.60 48.34 ? 101 GLU B CD   1 
ATOM   847  C CD   B GLU A 1 89  ? 15.198  5.137   11.772  0.40 43.47 ? 101 GLU B CD   1 
ATOM   848  O OE1  A GLU A 1 89  ? 11.350  2.809   12.162  0.60 50.65 ? 101 GLU B OE1  1 
ATOM   849  O OE1  B GLU A 1 89  ? 14.129  5.780   11.674  0.40 44.25 ? 101 GLU B OE1  1 
ATOM   850  O OE2  A GLU A 1 89  ? 11.290  0.639   11.855  0.60 47.94 ? 101 GLU B OE2  1 
ATOM   851  O OE2  B GLU A 1 89  ? 16.215  5.405   11.093  0.40 44.00 ? 101 GLU B OE2  1 
ATOM   852  H H    A GLU A 1 89  ? 16.416  3.401   10.800  0.60 15.00 ? 101 GLU B H    1 
ATOM   853  H H    B GLU A 1 89  ? 16.513  3.408   10.689  0.40 15.00 ? 101 GLU B H    1 
ATOM   854  N N    . ALA A 1 90  ? 14.144  2.312   8.621   1.00 30.64 ? 102 ALA B N    1 
ATOM   855  C CA   . ALA A 1 90  ? 13.395  2.833   7.505   1.00 27.63 ? 102 ALA B CA   1 
ATOM   856  C C    . ALA A 1 90  ? 11.929  2.506   7.739   1.00 25.41 ? 102 ALA B C    1 
ATOM   857  O O    . ALA A 1 90  ? 11.600  1.492   8.352   1.00 23.58 ? 102 ALA B O    1 
ATOM   858  C CB   . ALA A 1 90  ? 13.865  2.197   6.216   1.00 25.34 ? 102 ALA B CB   1 
ATOM   859  H H    . ALA A 1 90  ? 14.794  1.604   8.474   1.00 0.00  ? 102 ALA B H    1 
ATOM   860  N N    . ARG A 1 91  ? 11.048  3.393   7.304   1.00 23.36 ? 103 ARG B N    1 
ATOM   861  C CA   . ARG A 1 91  ? 9.637   3.131   7.449   1.00 20.77 ? 103 ARG B CA   1 
ATOM   862  C C    . ARG A 1 91  ? 8.831   3.997   6.510   0.50 15.11 ? 103 ARG B C    1 
ATOM   863  O O    . ARG A 1 91  ? 9.298   5.025   6.046   0.50 9.64  ? 103 ARG B O    1 
ATOM   864  C CB   . ARG A 1 91  ? 9.219   3.334   8.894   1.00 24.83 ? 103 ARG B CB   1 
ATOM   865  C CG   . ARG A 1 91  ? 8.574   4.646   9.158   1.00 35.30 ? 103 ARG B CG   1 
ATOM   866  C CD   . ARG A 1 91  ? 8.662   4.976   10.618  1.00 44.57 ? 103 ARG B CD   1 
ATOM   867  N NE   . ARG A 1 91  ? 10.010  5.402   11.004  1.00 52.01 ? 103 ARG B NE   1 
ATOM   868  C CZ   . ARG A 1 91  ? 10.338  6.653   11.333  1.00 53.10 ? 103 ARG B CZ   1 
ATOM   869  N NH1  . ARG A 1 91  ? 9.421   7.623   11.318  1.00 54.45 ? 103 ARG B NH1  1 
ATOM   870  N NH2  . ARG A 1 91  ? 11.574  6.921   11.734  0.50 52.84 ? 103 ARG B NH2  1 
ATOM   871  H H    . ARG A 1 91  ? 11.345  4.248   6.925   1.00 15.00 ? 103 ARG B H    1 
ATOM   872  H HE   . ARG A 1 91  ? 10.715  4.719   11.027  1.00 15.00 ? 103 ARG B HE   1 
ATOM   873  H HH11 . ARG A 1 91  ? 8.477   7.427   11.057  1.00 0.00  ? 103 ARG B HH11 1 
ATOM   874  H HH12 . ARG A 1 91  ? 9.679   8.558   11.566  1.00 0.00  ? 103 ARG B HH12 1 
ATOM   875  H HH21 . ARG A 1 91  ? 12.235  6.176   11.800  1.00 0.00  ? 103 ARG B HH21 1 
ATOM   876  H HH22 . ARG A 1 91  ? 11.834  7.852   11.991  1.00 0.00  ? 103 ARG B HH22 1 
ATOM   877  N N    . ILE A 1 92  ? 7.658   3.500   6.148   1.00 15.68 ? 104 ILE B N    1 
ATOM   878  C CA   . ILE A 1 92  ? 6.727   4.220   5.284   1.00 13.61 ? 104 ILE B CA   1 
ATOM   879  C C    . ILE A 1 92  ? 5.500   4.401   6.171   1.00 15.58 ? 104 ILE B C    1 
ATOM   880  O O    . ILE A 1 92  ? 4.922   3.407   6.632   1.00 14.86 ? 104 ILE B O    1 
ATOM   881  C CB   . ILE A 1 92  ? 6.363   3.410   3.993   1.00 14.40 ? 104 ILE B CB   1 
ATOM   882  C CG1  . ILE A 1 92  ? 7.621   3.153   3.147   1.00 15.04 ? 104 ILE B CG1  1 
ATOM   883  C CG2  . ILE A 1 92  ? 5.336   4.160   3.156   1.00 15.81 ? 104 ILE B CG2  1 
ATOM   884  C CD1  . ILE A 1 92  ? 7.371   2.374   1.860   1.00 16.53 ? 104 ILE B CD1  1 
ATOM   885  H H    . ILE A 1 92  ? 7.397   2.615   6.485   1.00 0.00  ? 104 ILE B H    1 
ATOM   886  N N    . ASN A 1 93  ? 5.204   5.645   6.543   1.00 13.58 ? 105 ASN B N    1 
ATOM   887  C CA   . ASN A 1 93  ? 4.033   5.929   7.375   1.00 14.27 ? 105 ASN B CA   1 
ATOM   888  C C    . ASN A 1 93  ? 2.920   6.355   6.423   1.00 13.21 ? 105 ASN B C    1 
ATOM   889  O O    . ASN A 1 93  ? 3.117   7.243   5.588   1.00 14.09 ? 105 ASN B O    1 
ATOM   890  C CB   . ASN A 1 93  ? 4.308   7.052   8.379   1.00 17.88 ? 105 ASN B CB   1 
ATOM   891  C CG   . ASN A 1 93  ? 5.457   6.741   9.310   1.00 22.68 ? 105 ASN B CG   1 
ATOM   892  O OD1  . ASN A 1 93  ? 6.460   7.459   9.347   1.00 26.50 ? 105 ASN B OD1  1 
ATOM   893  N ND2  . ASN A 1 93  ? 5.334   5.655   10.047  1.00 23.28 ? 105 ASN B ND2  1 
ATOM   894  H H    . ASN A 1 93  ? 5.771   6.377   6.214   1.00 0.00  ? 105 ASN B H    1 
ATOM   895  H HD21 . ASN A 1 93  ? 6.049   5.441   10.688  1.00 0.00  ? 105 ASN B HD21 1 
ATOM   896  H HD22 . ASN A 1 93  ? 4.531   5.108   9.948   1.00 0.00  ? 105 ASN B HD22 1 
ATOM   897  N N    . THR A 1 94  ? 1.743   5.757   6.548   1.00 11.01 ? 106 THR B N    1 
ATOM   898  C CA   . THR A 1 94  ? 0.655   6.098   5.650   1.00 11.93 ? 106 THR B CA   1 
ATOM   899  C C    . THR A 1 94  ? -0.712  6.217   6.325   1.00 12.01 ? 106 THR B C    1 
ATOM   900  O O    . THR A 1 94  ? -0.926  5.757   7.468   1.00 10.45 ? 106 THR B O    1 
ATOM   901  C CB   . THR A 1 94  ? 0.449   4.989   4.558   1.00 12.24 ? 106 THR B CB   1 
ATOM   902  O OG1  . THR A 1 94  ? 0.082   3.758   5.200   1.00 13.20 ? 106 THR B OG1  1 
ATOM   903  C CG2  . THR A 1 94  ? 1.686   4.749   3.742   1.00 12.01 ? 106 THR B CG2  1 
ATOM   904  H H    . THR A 1 94  ? 1.584   5.050   7.212   1.00 0.00  ? 106 THR B H    1 
ATOM   905  H HG1  . THR A 1 94  ? -0.724  3.861   5.707   1.00 0.00  ? 106 THR B HG1  1 
ATOM   906  N N    . GLN A 1 95  ? -1.634  6.803   5.569   1.00 12.32 ? 107 GLN B N    1 
ATOM   907  C CA   . GLN A 1 95  ? -3.045  6.867   5.945   1.00 13.10 ? 107 GLN B CA   1 
ATOM   908  C C    . GLN A 1 95  ? -3.767  6.321   4.713   1.00 11.92 ? 107 GLN B C    1 
ATOM   909  O O    . GLN A 1 95  ? -3.323  6.530   3.577   1.00 12.36 ? 107 GLN B O    1 
ATOM   910  C CB   . GLN A 1 95  ? -3.476  8.266   6.355   1.00 15.89 ? 107 GLN B CB   1 
ATOM   911  C CG   . GLN A 1 95  ? -3.007  8.469   7.788   1.00 24.83 ? 107 GLN B CG   1 
ATOM   912  C CD   . GLN A 1 95  ? -3.446  9.760   8.396   1.00 30.48 ? 107 GLN B CD   1 
ATOM   913  O OE1  . GLN A 1 95  ? -2.957  10.837  8.034   1.00 33.44 ? 107 GLN B OE1  1 
ATOM   914  N NE2  . GLN A 1 95  ? -4.306  9.669   9.392   1.00 32.36 ? 107 GLN B NE2  1 
ATOM   915  H H    . GLN A 1 95  ? -1.377  7.240   4.727   1.00 0.00  ? 107 GLN B H    1 
ATOM   916  H HE21 . GLN A 1 95  ? -4.627  10.546  9.672   1.00 15.00 ? 107 GLN B HE21 1 
ATOM   917  H HE22 . GLN A 1 95  ? -4.595  8.837   9.802   1.00 15.00 ? 107 GLN B HE22 1 
ATOM   918  N N    . TRP A 1 96  ? -4.799  5.514   4.921   1.00 10.08 ? 108 TRP B N    1 
ATOM   919  C CA   . TRP A 1 96  ? -5.478  4.935   3.775   1.00 10.17 ? 108 TRP B CA   1 
ATOM   920  C C    . TRP A 1 96  ? -6.954  5.188   3.739   1.00 9.34  ? 108 TRP B C    1 
ATOM   921  O O    . TRP A 1 96  ? -7.572  5.456   4.771   1.00 12.07 ? 108 TRP B O    1 
ATOM   922  C CB   . TRP A 1 96  ? -5.171  3.409   3.633   1.00 10.00 ? 108 TRP B CB   1 
ATOM   923  C CG   . TRP A 1 96  ? -5.410  2.550   4.858   1.00 11.65 ? 108 TRP B CG   1 
ATOM   924  C CD1  . TRP A 1 96  ? -4.464  2.096   5.729   1.00 12.89 ? 108 TRP B CD1  1 
ATOM   925  C CD2  . TRP A 1 96  ? -6.677  2.049   5.342   1.00 12.19 ? 108 TRP B CD2  1 
ATOM   926  N NE1  . TRP A 1 96  ? -5.055  1.357   6.734   1.00 13.24 ? 108 TRP B NE1  1 
ATOM   927  C CE2  . TRP A 1 96  ? -6.409  1.312   6.524   1.00 14.10 ? 108 TRP B CE2  1 
ATOM   928  C CE3  . TRP A 1 96  ? -8.010  2.156   4.894   1.00 13.95 ? 108 TRP B CE3  1 
ATOM   929  C CZ2  . TRP A 1 96  ? -7.431  0.679   7.274   1.00 13.70 ? 108 TRP B CZ2  1 
ATOM   930  C CZ3  . TRP A 1 96  ? -9.027  1.529   5.642   1.00 15.49 ? 108 TRP B CZ3  1 
ATOM   931  C CH2  . TRP A 1 96  ? -8.722  0.799   6.822   1.00 14.61 ? 108 TRP B CH2  1 
ATOM   932  H H    . TRP A 1 96  ? -5.138  5.318   5.814   1.00 0.00  ? 108 TRP B H    1 
ATOM   933  H HE1  . TRP A 1 96  ? -4.587  0.860   7.448   1.00 0.00  ? 108 TRP B HE1  1 
ATOM   934  N N    . LEU A 1 97  ? -7.509  5.069   2.537   1.00 10.30 ? 109 LEU B N    1 
ATOM   935  C CA   . LEU A 1 97  ? -8.932  5.234   2.275   1.00 10.79 ? 109 LEU B CA   1 
ATOM   936  C C    . LEU A 1 97  ? -9.371  4.010   1.451   1.00 12.23 ? 109 LEU B C    1 
ATOM   937  O O    . LEU A 1 97  ? -8.866  3.778   0.339   1.00 11.60 ? 109 LEU B O    1 
ATOM   938  C CB   . LEU A 1 97  ? -9.199  6.519   1.458   1.00 13.39 ? 109 LEU B CB   1 
ATOM   939  C CG   . LEU A 1 97  ? -9.009  7.919   2.056   1.00 11.40 ? 109 LEU B CG   1 
ATOM   940  C CD1  . LEU A 1 97  ? -9.283  8.954   0.979   1.00 13.38 ? 109 LEU B CD1  1 
ATOM   941  C CD2  . LEU A 1 97  ? -9.925  8.139   3.237   1.00 12.09 ? 109 LEU B CD2  1 
ATOM   942  H H    . LEU A 1 97  ? -6.925  4.865   1.777   1.00 0.00  ? 109 LEU B H    1 
ATOM   943  N N    . LEU A 1 98  ? -10.273 3.206   2.022   1.00 12.88 ? 110 LEU B N    1 
ATOM   944  C CA   . LEU A 1 98  ? -10.805 2.010   1.336   1.00 10.79 ? 110 LEU B CA   1 
ATOM   945  C C    . LEU A 1 98  ? -12.242 2.323   0.914   1.00 10.27 ? 110 LEU B C    1 
ATOM   946  O O    . LEU A 1 98  ? -13.114 2.517   1.746   1.00 11.39 ? 110 LEU B O    1 
ATOM   947  C CB   A LEU A 1 98  ? -10.762 0.794   2.277   0.50 10.37 ? 110 LEU B CB   1 
ATOM   948  C CB   B LEU A 1 98  ? -10.766 0.796   2.283   0.50 11.39 ? 110 LEU B CB   1 
ATOM   949  C CG   A LEU A 1 98  ? -11.519 -0.474  1.864   0.50 9.33  ? 110 LEU B CG   1 
ATOM   950  C CG   B LEU A 1 98  ? -10.915 -0.629  1.726   0.50 10.05 ? 110 LEU B CG   1 
ATOM   951  C CD1  A LEU A 1 98  ? -11.129 -0.925  0.454   0.50 6.59  ? 110 LEU B CD1  1 
ATOM   952  C CD1  B LEU A 1 98  ? -10.787 -1.609  2.873   0.50 13.37 ? 110 LEU B CD1  1 
ATOM   953  C CD2  A LEU A 1 98  ? -11.242 -1.563  2.874   0.50 10.75 ? 110 LEU B CD2  1 
ATOM   954  C CD2  B LEU A 1 98  ? -12.258 -0.820  1.022   0.50 9.94  ? 110 LEU B CD2  1 
ATOM   955  H H    . LEU A 1 98  ? -10.621 3.442   2.909   1.00 0.00  ? 110 LEU B H    1 
ATOM   956  N N    . THR A 1 99  ? -12.473 2.407   -0.379  1.00 11.12 ? 111 THR B N    1 
ATOM   957  C CA   . THR A 1 99  ? -13.800 2.707   -0.893  1.00 12.21 ? 111 THR B CA   1 
ATOM   958  C C    . THR A 1 99  ? -14.400 1.455   -1.537  1.00 14.04 ? 111 THR B C    1 
ATOM   959  O O    . THR A 1 99  ? -13.723 0.759   -2.293  1.00 14.59 ? 111 THR B O    1 
ATOM   960  C CB   . THR A 1 99  ? -13.747 3.864   -1.961  1.00 13.69 ? 111 THR B CB   1 
ATOM   961  O OG1  . THR A 1 99  ? -13.240 5.051   -1.336  1.00 14.40 ? 111 THR B OG1  1 
ATOM   962  C CG2  . THR A 1 99  ? -15.147 4.168   -2.538  1.00 11.94 ? 111 THR B CG2  1 
ATOM   963  H H    . THR A 1 99  ? -11.747 2.282   -1.020  1.00 0.00  ? 111 THR B H    1 
ATOM   964  H HG1  . THR A 1 99  ? -13.690 5.214   -0.506  1.00 0.00  ? 111 THR B HG1  1 
ATOM   965  N N    . SER A 1 100 ? -15.655 1.171   -1.215  1.00 13.91 ? 112 SER B N    1 
ATOM   966  C CA   . SER A 1 100 ? -16.344 0.033   -1.806  1.00 15.09 ? 112 SER B CA   1 
ATOM   967  C C    . SER A 1 100 ? -17.380 0.557   -2.788  1.00 14.85 ? 112 SER B C    1 
ATOM   968  O O    . SER A 1 100 ? -17.953 1.636   -2.581  1.00 16.77 ? 112 SER B O    1 
ATOM   969  C CB   . SER A 1 100 ? -17.056 -0.763  -0.710  1.00 16.31 ? 112 SER B CB   1 
ATOM   970  O OG   . SER A 1 100 ? -16.148 -1.283  0.251   1.00 19.17 ? 112 SER B OG   1 
ATOM   971  H H    . SER A 1 100 ? -16.156 1.736   -0.594  1.00 0.00  ? 112 SER B H    1 
ATOM   972  H HG   . SER A 1 100 ? -16.657 -1.789  0.893   1.00 0.00  ? 112 SER B HG   1 
ATOM   973  N N    . GLY A 1 101 ? -17.609 -0.167  -3.878  1.00 15.19 ? 113 GLY B N    1 
ATOM   974  C CA   . GLY A 1 101 ? -18.647 0.265   -4.799  1.00 14.78 ? 113 GLY B CA   1 
ATOM   975  C C    . GLY A 1 101 ? -20.003 0.081   -4.111  1.00 15.14 ? 113 GLY B C    1 
ATOM   976  O O    . GLY A 1 101 ? -20.293 -0.995  -3.603  1.00 18.75 ? 113 GLY B O    1 
ATOM   977  H H    . GLY A 1 101 ? -17.096 -0.982  -4.059  1.00 0.00  ? 113 GLY B H    1 
ATOM   978  N N    . THR A 1 102 ? -20.827 1.111   -4.052  1.00 16.12 ? 114 THR B N    1 
ATOM   979  C CA   . THR A 1 102 ? -22.124 1.006   -3.389  1.00 16.19 ? 114 THR B CA   1 
ATOM   980  C C    . THR A 1 102 ? -23.212 1.570   -4.282  1.00 17.27 ? 114 THR B C    1 
ATOM   981  O O    . THR A 1 102 ? -22.931 2.148   -5.317  1.00 17.87 ? 114 THR B O    1 
ATOM   982  C CB   . THR A 1 102 ? -22.181 1.860   -2.082  1.00 17.77 ? 114 THR B CB   1 
ATOM   983  O OG1  . THR A 1 102 ? -22.033 3.253   -2.400  1.00 19.74 ? 114 THR B OG1  1 
ATOM   984  C CG2  . THR A 1 102 ? -21.107 1.453   -1.089  1.00 17.27 ? 114 THR B CG2  1 
ATOM   985  H H    . THR A 1 102 ? -20.592 1.978   -4.455  1.00 0.00  ? 114 THR B H    1 
ATOM   986  H HG1  . THR A 1 102 ? -22.774 3.571   -2.940  1.00 0.00  ? 114 THR B HG1  1 
ATOM   987  N N    . THR A 1 103 ? -24.464 1.402   -3.875  1.00 19.12 ? 115 THR B N    1 
ATOM   988  C CA   . THR A 1 103 ? -25.584 2.001   -4.595  1.00 23.38 ? 115 THR B CA   1 
ATOM   989  C C    . THR A 1 103 ? -25.638 3.445   -4.032  1.00 25.94 ? 115 THR B C    1 
ATOM   990  O O    . THR A 1 103 ? -24.934 3.761   -3.057  1.00 25.89 ? 115 THR B O    1 
ATOM   991  C CB   . THR A 1 103 ? -26.906 1.230   -4.298  1.00 23.36 ? 115 THR B CB   1 
ATOM   992  O OG1  . THR A 1 103 ? -27.130 1.188   -2.885  1.00 24.91 ? 115 THR B OG1  1 
ATOM   993  C CG2  . THR A 1 103 ? -26.804 -0.215  -4.798  1.00 22.23 ? 115 THR B CG2  1 
ATOM   994  H H    . THR A 1 103 ? -24.638 0.876   -3.073  1.00 0.00  ? 115 THR B H    1 
ATOM   995  H HG1  . THR A 1 103 ? -26.686 0.419   -2.507  1.00 0.00  ? 115 THR B HG1  1 
ATOM   996  N N    . GLU A 1 104 ? -26.464 4.312   -4.604  1.00 28.67 ? 116 GLU B N    1 
ATOM   997  C CA   . GLU A 1 104 ? -26.561 5.692   -4.126  1.00 33.50 ? 116 GLU B CA   1 
ATOM   998  C C    . GLU A 1 104 ? -27.028 5.803   -2.684  1.00 34.06 ? 116 GLU B C    1 
ATOM   999  O O    . GLU A 1 104 ? -26.537 6.633   -1.920  1.00 33.17 ? 116 GLU B O    1 
ATOM   1000 C CB   . GLU A 1 104 ? -27.504 6.510   -5.009  1.00 38.88 ? 116 GLU B CB   1 
ATOM   1001 C CG   . GLU A 1 104 ? -27.148 6.495   -6.478  1.00 49.47 ? 116 GLU B CG   1 
ATOM   1002 C CD   . GLU A 1 104 ? -25.648 6.516   -6.697  1.00 56.29 ? 116 GLU B CD   1 
ATOM   1003 O OE1  . GLU A 1 104 ? -25.027 7.581   -6.437  1.00 59.43 ? 116 GLU B OE1  1 
ATOM   1004 O OE2  . GLU A 1 104 ? -25.099 5.454   -7.104  1.00 60.66 ? 116 GLU B OE2  1 
ATOM   1005 H H    . GLU A 1 104 ? -27.006 4.004   -5.365  1.00 0.00  ? 116 GLU B H    1 
ATOM   1006 N N    . ALA A 1 105 ? -27.996 4.977   -2.322  1.00 34.94 ? 117 ALA B N    1 
ATOM   1007 C CA   . ALA A 1 105 ? -28.538 4.987   -0.977  1.00 37.03 ? 117 ALA B CA   1 
ATOM   1008 C C    . ALA A 1 105 ? -27.515 4.536   0.057   1.00 37.59 ? 117 ALA B C    1 
ATOM   1009 O O    . ALA A 1 105 ? -27.559 4.969   1.210   1.00 40.10 ? 117 ALA B O    1 
ATOM   1010 C CB   . ALA A 1 105 ? -29.762 4.097   -0.907  1.00 36.12 ? 117 ALA B CB   1 
ATOM   1011 H H    . ALA A 1 105 ? -28.383 4.351   -2.975  1.00 0.00  ? 117 ALA B H    1 
ATOM   1012 N N    . ASN A 1 106 ? -26.596 3.664   -0.355  1.00 36.05 ? 118 ASN B N    1 
ATOM   1013 C CA   . ASN A 1 106 ? -25.582 3.136   0.547   1.00 32.76 ? 118 ASN B CA   1 
ATOM   1014 C C    . ASN A 1 106 ? -24.232 3.822   0.519   1.00 28.43 ? 118 ASN B C    1 
ATOM   1015 O O    . ASN A 1 106 ? -23.290 3.372   1.183   1.00 25.22 ? 118 ASN B O    1 
ATOM   1016 C CB   . ASN A 1 106 ? -25.388 1.656   0.280   1.00 36.24 ? 118 ASN B CB   1 
ATOM   1017 C CG   . ASN A 1 106 ? -26.344 0.794   1.073   1.00 40.14 ? 118 ASN B CG   1 
ATOM   1018 O OD1  . ASN A 1 106 ? -26.485 -0.389  0.783   1.00 43.61 ? 118 ASN B OD1  1 
ATOM   1019 N ND2  . ASN A 1 106 ? -26.972 1.363   2.100   1.00 40.98 ? 118 ASN B ND2  1 
ATOM   1020 H H    . ASN A 1 106 ? -26.576 3.397   -1.300  1.00 0.00  ? 118 ASN B H    1 
ATOM   1021 H HD21 . ASN A 1 106 ? -27.576 0.761   2.581   1.00 0.00  ? 118 ASN B HD21 1 
ATOM   1022 H HD22 . ASN A 1 106 ? -26.836 2.292   2.362   1.00 0.00  ? 118 ASN B HD22 1 
ATOM   1023 N N    . ALA A 1 107 ? -24.159 4.936   -0.199  1.00 25.82 ? 119 ALA B N    1 
ATOM   1024 C CA   . ALA A 1 107 ? -22.914 5.674   -0.336  1.00 27.51 ? 119 ALA B CA   1 
ATOM   1025 C C    . ALA A 1 107 ? -22.312 6.170   0.989   1.00 25.98 ? 119 ALA B C    1 
ATOM   1026 O O    . ALA A 1 107 ? -21.090 6.314   1.088   1.00 25.00 ? 119 ALA B O    1 
ATOM   1027 C CB   . ALA A 1 107 ? -23.079 6.825   -1.335  1.00 27.54 ? 119 ALA B CB   1 
ATOM   1028 H H    . ALA A 1 107 ? -24.959 5.275   -0.654  1.00 0.00  ? 119 ALA B H    1 
ATOM   1029 N N    . TRP A 1 108 ? -23.150 6.375   2.011   1.00 26.63 ? 120 TRP B N    1 
ATOM   1030 C CA   . TRP A 1 108 ? -22.675 6.837   3.323   1.00 26.82 ? 120 TRP B CA   1 
ATOM   1031 C C    . TRP A 1 108 ? -21.668 5.862   3.943   1.00 25.19 ? 120 TRP B C    1 
ATOM   1032 O O    . TRP A 1 108 ? -20.827 6.263   4.751   1.00 24.13 ? 120 TRP B O    1 
ATOM   1033 C CB   . TRP A 1 108 ? -23.849 7.075   4.310   1.00 29.19 ? 120 TRP B CB   1 
ATOM   1034 C CG   . TRP A 1 108 ? -24.727 5.848   4.589   1.00 31.07 ? 120 TRP B CG   1 
ATOM   1035 C CD1  . TRP A 1 108 ? -25.833 5.475   3.886   1.00 33.21 ? 120 TRP B CD1  1 
ATOM   1036 C CD2  . TRP A 1 108 ? -24.508 4.806   5.573   1.00 31.42 ? 120 TRP B CD2  1 
ATOM   1037 N NE1  . TRP A 1 108 ? -26.304 4.265   4.348   1.00 34.09 ? 120 TRP B NE1  1 
ATOM   1038 C CE2  . TRP A 1 108 ? -25.512 3.832   5.379   1.00 32.50 ? 120 TRP B CE2  1 
ATOM   1039 C CE3  . TRP A 1 108 ? -23.558 4.602   6.589   1.00 31.74 ? 120 TRP B CE3  1 
ATOM   1040 C CZ2  . TRP A 1 108 ? -25.600 2.657   6.163   1.00 32.46 ? 120 TRP B CZ2  1 
ATOM   1041 C CZ3  . TRP A 1 108 ? -23.644 3.424   7.378   1.00 33.93 ? 120 TRP B CZ3  1 
ATOM   1042 C CH2  . TRP A 1 108 ? -24.660 2.472   7.150   1.00 33.41 ? 120 TRP B CH2  1 
ATOM   1043 H H    . TRP A 1 108 ? -24.114 6.251   1.879   1.00 0.00  ? 120 TRP B H    1 
ATOM   1044 H HE1  . TRP A 1 108 ? -27.103 3.814   4.010   1.00 0.00  ? 120 TRP B HE1  1 
ATOM   1045 N N    . LYS A 1 109 ? -21.767 4.581   3.595   1.00 22.27 ? 121 LYS B N    1 
ATOM   1046 C CA   . LYS A 1 109 ? -20.838 3.615   4.152   1.00 22.27 ? 121 LYS B CA   1 
ATOM   1047 C C    . LYS A 1 109 ? -19.833 3.149   3.113   1.00 18.71 ? 121 LYS B C    1 
ATOM   1048 O O    . LYS A 1 109 ? -19.220 2.107   3.266   1.00 20.36 ? 121 LYS B O    1 
ATOM   1049 C CB   . LYS A 1 109 ? -21.580 2.427   4.758   1.00 26.14 ? 121 LYS B CB   1 
ATOM   1050 C CG   . LYS A 1 109 ? -22.480 1.681   3.806   1.00 35.50 ? 121 LYS B CG   1 
ATOM   1051 C CD   . LYS A 1 109 ? -22.983 0.385   4.468   1.00 44.75 ? 121 LYS B CD   1 
ATOM   1052 C CE   . LYS A 1 109 ? -21.805 -0.398  5.093   1.00 50.06 ? 121 LYS B CE   1 
ATOM   1053 N NZ   . LYS A 1 109 ? -22.141 -1.706  5.754   1.00 53.59 ? 121 LYS B NZ   1 
ATOM   1054 H H    . LYS A 1 109 ? -22.454 4.297   2.954   1.00 0.00  ? 121 LYS B H    1 
ATOM   1055 H HZ1  . LYS A 1 109 ? -22.597 -2.331  5.057   1.00 0.00  ? 121 LYS B HZ1  1 
ATOM   1056 H HZ2  . LYS A 1 109 ? -21.272 -2.158  6.107   1.00 0.00  ? 121 LYS B HZ2  1 
ATOM   1057 H HZ3  . LYS A 1 109 ? -22.777 -1.528  6.553   1.00 0.00  ? 121 LYS B HZ3  1 
ATOM   1058 N N    . SER A 1 110 ? -19.582 3.973   2.102   1.00 15.77 ? 122 SER B N    1 
ATOM   1059 C CA   . SER A 1 110 ? -18.651 3.575   1.071   1.00 14.05 ? 122 SER B CA   1 
ATOM   1060 C C    . SER A 1 110 ? -17.166 3.623   1.421   1.00 13.35 ? 122 SER B C    1 
ATOM   1061 O O    . SER A 1 110 ? -16.397 2.799   0.929   1.00 14.11 ? 122 SER B O    1 
ATOM   1062 C CB   . SER A 1 110 ? -18.879 4.428   -0.171  1.00 15.13 ? 122 SER B CB   1 
ATOM   1063 O OG   . SER A 1 110 ? -18.559 5.787   0.091   1.00 19.42 ? 122 SER B OG   1 
ATOM   1064 H H    . SER A 1 110 ? -20.021 4.843   2.052   1.00 0.00  ? 122 SER B H    1 
ATOM   1065 H HG   . SER A 1 110 ? -19.212 6.121   0.716   1.00 0.00  ? 122 SER B HG   1 
ATOM   1066 N N    . THR A 1 111 ? -16.775 4.557   2.292   1.00 13.22 ? 123 THR B N    1 
ATOM   1067 C CA   . THR A 1 111 ? -15.349 4.783   2.593   1.00 12.42 ? 123 THR B CA   1 
ATOM   1068 C C    . THR A 1 111 ? -14.857 4.654   4.039   1.00 11.48 ? 123 THR B C    1 
ATOM   1069 O O    . THR A 1 111 ? -15.275 5.386   4.944   1.00 13.41 ? 123 THR B O    1 
ATOM   1070 C CB   . THR A 1 111 ? -14.906 6.186   2.033   1.00 13.91 ? 123 THR B CB   1 
ATOM   1071 O OG1  . THR A 1 111 ? -15.432 6.367   0.705   1.00 15.21 ? 123 THR B OG1  1 
ATOM   1072 C CG2  . THR A 1 111 ? -13.376 6.320   1.997   1.00 10.04 ? 123 THR B CG2  1 
ATOM   1073 H H    . THR A 1 111 ? -17.425 5.117   2.776   1.00 0.00  ? 123 THR B H    1 
ATOM   1074 H HG1  . THR A 1 111 ? -16.373 6.540   0.824   1.00 0.00  ? 123 THR B HG1  1 
ATOM   1075 N N    . LEU A 1 112 ? -13.910 3.745   4.217   1.00 12.29 ? 124 LEU B N    1 
ATOM   1076 C CA   . LEU A 1 112 ? -13.291 3.497   5.510   1.00 14.03 ? 124 LEU B CA   1 
ATOM   1077 C C    . LEU A 1 112 ? -11.932 4.193   5.518   1.00 11.65 ? 124 LEU B C    1 
ATOM   1078 O O    . LEU A 1 112 ? -11.281 4.299   4.480   1.00 12.26 ? 124 LEU B O    1 
ATOM   1079 C CB   . LEU A 1 112 ? -13.086 1.977   5.728   1.00 15.45 ? 124 LEU B CB   1 
ATOM   1080 C CG   . LEU A 1 112 ? -14.355 1.111   5.908   1.00 15.58 ? 124 LEU B CG   1 
ATOM   1081 C CD1  . LEU A 1 112 ? -13.992 -0.347  5.737   1.00 13.33 ? 124 LEU B CD1  1 
ATOM   1082 C CD2  . LEU A 1 112 ? -15.003 1.355   7.269   1.00 14.46 ? 124 LEU B CD2  1 
ATOM   1083 H H    . LEU A 1 112 ? -13.613 3.206   3.455   1.00 0.00  ? 124 LEU B H    1 
ATOM   1084 N N    . VAL A 1 113 ? -11.497 4.614   6.696   1.00 12.10 ? 125 VAL B N    1 
ATOM   1085 C CA   . VAL A 1 113 ? -10.209 5.286   6.830   1.00 11.97 ? 125 VAL B CA   1 
ATOM   1086 C C    . VAL A 1 113 ? -9.391  4.614   7.927   1.00 12.24 ? 125 VAL B C    1 
ATOM   1087 O O    . VAL A 1 113 ? -9.939  4.153   8.931   1.00 11.08 ? 125 VAL B O    1 
ATOM   1088 C CB   . VAL A 1 113 ? -10.393 6.848   7.115   1.00 13.61 ? 125 VAL B CB   1 
ATOM   1089 C CG1  . VAL A 1 113 ? -11.123 7.082   8.438   1.00 12.41 ? 125 VAL B CG1  1 
ATOM   1090 C CG2  . VAL A 1 113 ? -9.031  7.587   7.115   1.00 10.23 ? 125 VAL B CG2  1 
ATOM   1091 H H    . VAL A 1 113 ? -12.031 4.463   7.508   1.00 0.00  ? 125 VAL B H    1 
ATOM   1092 N N    . GLY A 1 114 ? -8.081  4.531   7.727   1.00 9.52  ? 126 GLY B N    1 
ATOM   1093 C CA   . GLY A 1 114 ? -7.235  3.922   8.729   1.00 10.02 ? 126 GLY B CA   1 
ATOM   1094 C C    . GLY A 1 114 ? -5.799  4.325   8.452   1.00 11.35 ? 126 GLY B C    1 
ATOM   1095 O O    . GLY A 1 114 ? -5.551  5.197   7.621   1.00 11.52 ? 126 GLY B O    1 
ATOM   1096 H H    . GLY A 1 114 ? -7.678  4.873   6.899   1.00 0.00  ? 126 GLY B H    1 
ATOM   1097 N N    . HIS A 1 115 ? -4.850  3.632   9.049   1.00 12.23 ? 127 HIS B N    1 
ATOM   1098 C CA   . HIS A 1 115 ? -3.449  3.981   8.862   1.00 12.88 ? 127 HIS B CA   1 
ATOM   1099 C C    . HIS A 1 115 ? -2.601  2.732   8.976   1.00 14.90 ? 127 HIS B C    1 
ATOM   1100 O O    . HIS A 1 115 ? -2.980  1.788   9.666   1.00 17.59 ? 127 HIS B O    1 
ATOM   1101 C CB   . HIS A 1 115 ? -3.040  5.029   9.904   1.00 14.12 ? 127 HIS B CB   1 
ATOM   1102 C CG   . HIS A 1 115 ? -3.400  4.651   11.308  1.00 16.51 ? 127 HIS B CG   1 
ATOM   1103 N ND1  . HIS A 1 115 ? -2.585  3.869   12.102  1.00 21.18 ? 127 HIS B ND1  1 
ATOM   1104 C CD2  . HIS A 1 115 ? -4.512  4.897   12.042  1.00 18.83 ? 127 HIS B CD2  1 
ATOM   1105 C CE1  . HIS A 1 115 ? -3.178  3.648   13.259  1.00 20.31 ? 127 HIS B CE1  1 
ATOM   1106 N NE2  . HIS A 1 115 ? -4.350  4.262   13.248  1.00 23.20 ? 127 HIS B NE2  1 
ATOM   1107 H H    . HIS A 1 115 ? -5.080  2.840   9.592   1.00 0.00  ? 127 HIS B H    1 
ATOM   1108 H HD1  . HIS A 1 115 ? -1.740  3.475   11.832  1.00 0.00  ? 127 HIS B HD1  1 
ATOM   1109 H HE2  . HIS A 1 115 ? -4.995  4.277   14.001  1.00 0.00  ? 127 HIS B HE2  1 
ATOM   1110 N N    . ASP A 1 116 ? -1.445  2.737   8.328   1.00 14.35 ? 128 ASP B N    1 
ATOM   1111 C CA   . ASP A 1 116 ? -0.534  1.597   8.327   1.00 16.33 ? 128 ASP B CA   1 
ATOM   1112 C C    . ASP A 1 116 ? 0.901   2.115   8.404   1.00 16.41 ? 128 ASP B C    1 
ATOM   1113 O O    . ASP A 1 116 ? 1.196   3.181   7.877   1.00 15.40 ? 128 ASP B O    1 
ATOM   1114 C CB   . ASP A 1 116 ? -0.601  0.860   6.980   1.00 19.73 ? 128 ASP B CB   1 
ATOM   1115 C CG   . ASP A 1 116 ? -1.414  -0.414  7.017   1.00 23.76 ? 128 ASP B CG   1 
ATOM   1116 O OD1  . ASP A 1 116 ? -1.443  -1.104  8.053   1.00 26.38 ? 128 ASP B OD1  1 
ATOM   1117 O OD2  . ASP A 1 116 ? -1.975  -0.751  5.949   1.00 25.80 ? 128 ASP B OD2  1 
ATOM   1118 H H    . ASP A 1 116 ? -1.148  3.553   7.865   1.00 0.00  ? 128 ASP B H    1 
ATOM   1119 N N    . THR A 1 117 ? 1.782   1.317   8.996   1.00 15.25 ? 129 THR B N    1 
ATOM   1120 C CA   . THR A 1 117 ? 3.186   1.634   9.082   1.00 14.29 ? 129 THR B CA   1 
ATOM   1121 C C    . THR A 1 117 ? 3.880   0.405   8.554   1.00 13.87 ? 129 THR B C    1 
ATOM   1122 O O    . THR A 1 117 ? 3.580   -0.690  8.984   1.00 17.20 ? 129 THR B O    1 
ATOM   1123 C CB   . THR A 1 117 ? 3.639   1.861   10.511  1.00 16.26 ? 129 THR B CB   1 
ATOM   1124 O OG1  . THR A 1 117 ? 2.965   3.002   11.049  1.00 21.27 ? 129 THR B OG1  1 
ATOM   1125 C CG2  . THR A 1 117 ? 5.149   2.098   10.542  1.00 18.48 ? 129 THR B CG2  1 
ATOM   1126 H H    . THR A 1 117 ? 1.514   0.472   9.402   1.00 0.00  ? 129 THR B H    1 
ATOM   1127 H HG1  . THR A 1 117 ? 3.380   3.190   11.898  1.00 0.00  ? 129 THR B HG1  1 
ATOM   1128 N N    . PHE A 1 118 ? 4.701   0.581   7.531   1.00 14.27 ? 130 PHE B N    1 
ATOM   1129 C CA   . PHE A 1 118 ? 5.461   -0.508  6.944   1.00 14.00 ? 130 PHE B CA   1 
ATOM   1130 C C    . PHE A 1 118 ? 6.944   -0.394  7.315   1.00 15.28 ? 130 PHE B C    1 
ATOM   1131 O O    . PHE A 1 118 ? 7.485   0.704   7.351   1.00 16.72 ? 130 PHE B O    1 
ATOM   1132 C CB   . PHE A 1 118 ? 5.350   -0.486  5.429   1.00 12.63 ? 130 PHE B CB   1 
ATOM   1133 C CG   . PHE A 1 118 ? 3.947   -0.666  4.918   1.00 17.74 ? 130 PHE B CG   1 
ATOM   1134 C CD1  . PHE A 1 118 ? 3.074   0.427   4.826   1.00 17.56 ? 130 PHE B CD1  1 
ATOM   1135 C CD2  . PHE A 1 118 ? 3.495   -1.933  4.515   1.00 17.41 ? 130 PHE B CD2  1 
ATOM   1136 C CE1  . PHE A 1 118 ? 1.771   0.262   4.339   1.00 16.99 ? 130 PHE B CE1  1 
ATOM   1137 C CE2  . PHE A 1 118 ? 2.199   -2.114  4.028   1.00 18.31 ? 130 PHE B CE2  1 
ATOM   1138 C CZ   . PHE A 1 118 ? 1.333   -1.020  3.937   1.00 18.74 ? 130 PHE B CZ   1 
ATOM   1139 H H    . PHE A 1 118 ? 4.811   1.483   7.159   1.00 0.00  ? 130 PHE B H    1 
ATOM   1140 N N    . THR A 1 119 ? 7.578   -1.528  7.592   1.00 15.23 ? 131 THR B N    1 
ATOM   1141 C CA   . THR A 1 119 ? 8.997   -1.599  7.915   1.00 16.45 ? 131 THR B CA   1 
ATOM   1142 C C    . THR A 1 119 ? 9.620   -2.666  7.012   1.00 17.14 ? 131 THR B C    1 
ATOM   1143 O O    . THR A 1 119 ? 8.913   -3.435  6.376   1.00 15.08 ? 131 THR B O    1 
ATOM   1144 C CB   . THR A 1 119 ? 9.226   -1.985  9.372   1.00 19.17 ? 131 THR B CB   1 
ATOM   1145 O OG1  . THR A 1 119 ? 8.656   -3.275  9.623   1.00 21.83 ? 131 THR B OG1  1 
ATOM   1146 C CG2  . THR A 1 119 ? 8.571   -0.968  10.294  1.00 18.39 ? 131 THR B CG2  1 
ATOM   1147 H H    . THR A 1 119 ? 7.062   -2.368  7.635   1.00 0.00  ? 131 THR B H    1 
ATOM   1148 H HG1  . THR A 1 119 ? 8.770   -4.031  9.031   1.00 0.00  ? 131 THR B HG1  1 
ATOM   1149 N N    . LYS A 1 120 ? 10.940  -2.722  6.943   1.00 17.91 ? 132 LYS B N    1 
ATOM   1150 C CA   . LYS A 1 120 ? 11.586  -3.695  6.074   1.00 24.16 ? 132 LYS B CA   1 
ATOM   1151 C C    . LYS A 1 120 ? 11.804  -5.027  6.763   1.00 26.10 ? 132 LYS B C    1 
ATOM   1152 O O    . LYS A 1 120 ? 12.208  -6.003  6.136   1.00 24.22 ? 132 LYS B O    1 
ATOM   1153 C CB   . LYS A 1 120 ? 12.935  -3.165  5.588   1.00 26.60 ? 132 LYS B CB   1 
ATOM   1154 C CG   . LYS A 1 120 ? 12.908  -1.731  5.130   1.00 33.11 ? 132 LYS B CG   1 
ATOM   1155 C CD   . LYS A 1 120 ? 14.227  -1.344  4.517   1.00 38.50 ? 132 LYS B CD   1 
ATOM   1156 C CE   . LYS A 1 120 ? 14.101  -1.336  3.013   1.00 44.68 ? 132 LYS B CE   1 
ATOM   1157 N NZ   . LYS A 1 120 ? 13.324  -2.527  2.488   1.00 48.48 ? 132 LYS B NZ   1 
ATOM   1158 H H    . LYS A 1 120 ? 11.463  -2.085  7.475   1.00 15.00 ? 132 LYS B H    1 
ATOM   1159 H HZ1  . LYS A 1 120 ? 13.794  -3.388  2.826   1.00 15.00 ? 132 LYS B HZ1  1 
ATOM   1160 H HZ2  . LYS A 1 120 ? 12.348  -2.493  2.848   1.00 15.00 ? 132 LYS B HZ2  1 
ATOM   1161 H HZ3  . LYS A 1 120 ? 13.324  -2.511  1.448   1.00 15.00 ? 132 LYS B HZ3  1 
ATOM   1162 N N    . VAL A 1 121 ? 11.539  -5.049  8.058   1.00 32.92 ? 133 VAL B N    1 
ATOM   1163 C CA   . VAL A 1 121 ? 11.727  -6.238  8.868   1.00 41.07 ? 133 VAL B CA   1 
ATOM   1164 C C    . VAL A 1 121 ? 10.387  -6.911  9.110   1.00 45.27 ? 133 VAL B C    1 
ATOM   1165 O O    . VAL A 1 121 ? 9.365   -6.237  9.289   1.00 44.25 ? 133 VAL B O    1 
ATOM   1166 C CB   . VAL A 1 121 ? 12.411  -5.870  10.225  1.00 43.03 ? 133 VAL B CB   1 
ATOM   1167 C CG1  . VAL A 1 121 ? 12.603  -7.114  11.090  1.00 46.87 ? 133 VAL B CG1  1 
ATOM   1168 C CG2  . VAL A 1 121 ? 13.765  -5.187  9.972   1.00 43.83 ? 133 VAL B CG2  1 
ATOM   1169 H H    . VAL A 1 121 ? 11.173  -4.247  8.480   1.00 15.00 ? 133 VAL B H    1 
ATOM   1170 N N    . LYS A 1 122 ? 10.414  -8.242  9.032   1.00 52.04 ? 134 LYS B N    1 
ATOM   1171 C CA   . LYS A 1 122 ? 9.257   -9.113  9.238   1.00 57.92 ? 134 LYS B CA   1 
ATOM   1172 C C    . LYS A 1 122 ? 8.426   -8.729  10.466  1.00 61.38 ? 134 LYS B C    1 
ATOM   1173 O O    . LYS A 1 122 ? 8.914   -8.804  11.591  1.00 60.92 ? 134 LYS B O    1 
ATOM   1174 C CB   . LYS A 1 122 ? 9.734   -10.568 9.362   1.00 59.89 ? 134 LYS B CB   1 
ATOM   1175 C CG   . LYS A 1 122 ? 9.474   -11.443 8.138   1.00 61.37 ? 134 LYS B CG   1 
ATOM   1176 C CD   . LYS A 1 122 ? 7.994   -11.819 8.018   1.00 62.63 ? 134 LYS B CD   1 
ATOM   1177 C CE   . LYS A 1 122 ? 7.717   -12.804 6.877   1.00 64.52 ? 134 LYS B CE   1 
ATOM   1178 N NZ   . LYS A 1 122 ? 8.294   -14.165 7.111   1.00 65.63 ? 134 LYS B NZ   1 
ATOM   1179 H H    . LYS A 1 122 ? 11.274  -8.650  8.806   1.00 15.00 ? 134 LYS B H    1 
ATOM   1180 H HZ1  . LYS A 1 122 ? 9.322   -14.070 7.233   1.00 15.00 ? 134 LYS B HZ1  1 
ATOM   1181 H HZ2  . LYS A 1 122 ? 7.878   -14.558 7.980   1.00 15.00 ? 134 LYS B HZ2  1 
ATOM   1182 H HZ3  . LYS A 1 122 ? 8.086   -14.792 6.306   1.00 15.00 ? 134 LYS B HZ3  1 
ATOM   1183 N N    . PRO A 1 123 ? 7.122   -8.462  10.255  1.00 65.79 ? 135 PRO B N    1 
ATOM   1184 C CA   . PRO A 1 123 ? 6.035   -8.064  11.148  1.00 68.32 ? 135 PRO B CA   1 
ATOM   1185 C C    . PRO A 1 123 ? 6.371   -7.451  12.500  1.00 69.85 ? 135 PRO B C    1 
ATOM   1186 O O    . PRO A 1 123 ? 6.860   -8.186  13.387  1.00 71.04 ? 135 PRO B O    1 
ATOM   1187 C CB   . PRO A 1 123 ? 5.243   -9.360  11.270  1.00 69.27 ? 135 PRO B CB   1 
ATOM   1188 C CG   . PRO A 1 123 ? 5.379   -9.971  9.825   1.00 69.65 ? 135 PRO B CG   1 
ATOM   1189 C CD   . PRO A 1 123 ? 6.517   -9.186  9.128   1.00 67.97 ? 135 PRO B CD   1 
ATOM   1190 N N    . ALA B 2 1   ? -18.256 -6.678  6.979   1.00 82.31 ? 1   ALA P N    1 
ATOM   1191 C CA   . ALA B 2 1   ? -18.445 -7.803  7.940   1.00 82.10 ? 1   ALA P CA   1 
ATOM   1192 C C    . ALA B 2 1   ? -17.373 -8.821  7.594   1.00 81.18 ? 1   ALA P C    1 
ATOM   1193 O O    . ALA B 2 1   ? -16.346 -8.905  8.281   1.00 82.02 ? 1   ALA P O    1 
ATOM   1194 C CB   . ALA B 2 1   ? -19.854 -8.431  7.796   1.00 82.33 ? 1   ALA P CB   1 
ATOM   1195 H H1   . ALA B 2 1   ? -18.300 -7.032  6.006   1.00 0.00  ? 1   ALA P H1   1 
ATOM   1196 H H2   . ALA B 2 1   ? -18.936 -5.918  7.143   1.00 0.00  ? 1   ALA P H2   1 
ATOM   1197 H H3   . ALA B 2 1   ? -17.280 -6.347  7.142   1.00 0.00  ? 1   ALA P H3   1 
ATOM   1198 N N    . TRP B 2 2   ? -17.593 -9.525  6.478   1.00 78.45 ? 2   TRP P N    1 
ATOM   1199 C CA   . TRP B 2 2   ? -16.669 -10.544 5.974   1.00 72.96 ? 2   TRP P CA   1 
ATOM   1200 C C    . TRP B 2 2   ? -15.244 -9.953  5.829   1.00 67.56 ? 2   TRP P C    1 
ATOM   1201 O O    . TRP B 2 2   ? -15.074 -8.752  5.544   1.00 68.51 ? 2   TRP P O    1 
ATOM   1202 C CB   . TRP B 2 2   ? -17.230 -11.150 4.656   1.00 73.47 ? 2   TRP P CB   1 
ATOM   1203 C CG   . TRP B 2 2   ? -16.515 -10.782 3.388   1.00 74.20 ? 2   TRP P CG   1 
ATOM   1204 C CD1  . TRP B 2 2   ? -15.930 -11.646 2.502   1.00 75.12 ? 2   TRP P CD1  1 
ATOM   1205 C CD2  . TRP B 2 2   ? -16.261 -9.458  2.882   1.00 75.39 ? 2   TRP P CD2  1 
ATOM   1206 N NE1  . TRP B 2 2   ? -15.317 -10.943 1.487   1.00 75.91 ? 2   TRP P NE1  1 
ATOM   1207 C CE2  . TRP B 2 2   ? -15.504 -9.601  1.696   1.00 75.34 ? 2   TRP P CE2  1 
ATOM   1208 C CE3  . TRP B 2 2   ? -16.594 -8.160  3.322   1.00 74.60 ? 2   TRP P CE3  1 
ATOM   1209 C CZ2  . TRP B 2 2   ? -15.074 -8.501  0.942   1.00 74.46 ? 2   TRP P CZ2  1 
ATOM   1210 C CZ3  . TRP B 2 2   ? -16.166 -7.070  2.575   1.00 73.71 ? 2   TRP P CZ3  1 
ATOM   1211 C CH2  . TRP B 2 2   ? -15.415 -7.249  1.398   1.00 73.51 ? 2   TRP P CH2  1 
ATOM   1212 H H    . TRP B 2 2   ? -18.401 -9.408  5.939   1.00 0.00  ? 2   TRP P H    1 
ATOM   1213 H HE1  . TRP B 2 2   ? -14.783 -11.357 0.774   1.00 0.00  ? 2   TRP P HE1  1 
ATOM   1214 N N    . ARG B 2 3   ? -14.235 -10.776 6.089   1.00 59.23 ? 3   ARG P N    1 
ATOM   1215 C CA   . ARG B 2 3   ? -12.858 -10.325 6.016   1.00 50.43 ? 3   ARG P CA   1 
ATOM   1216 C C    . ARG B 2 3   ? -12.475 -9.806  4.647   1.00 42.51 ? 3   ARG P C    1 
ATOM   1217 O O    . ARG B 2 3   ? -12.438 -10.545 3.668   1.00 42.07 ? 3   ARG P O    1 
ATOM   1218 C CB   . ARG B 2 3   ? -11.909 -11.439 6.426   1.00 53.57 ? 3   ARG P CB   1 
ATOM   1219 C CG   . ARG B 2 3   ? -11.231 -11.212 7.742   1.00 55.13 ? 3   ARG P CG   1 
ATOM   1220 C CD   . ARG B 2 3   ? -10.547 -9.872  7.778   1.00 57.91 ? 3   ARG P CD   1 
ATOM   1221 N NE   . ARG B 2 3   ? -9.688  -9.772  8.956   1.00 63.73 ? 3   ARG P NE   1 
ATOM   1222 C CZ   . ARG B 2 3   ? -10.121 -9.592  10.208  1.00 65.79 ? 3   ARG P CZ   1 
ATOM   1223 N NH1  . ARG B 2 3   ? -11.425 -9.481  10.472  1.00 65.71 ? 3   ARG P NH1  1 
ATOM   1224 N NH2  . ARG B 2 3   ? -9.238  -9.542  11.207  1.00 65.89 ? 3   ARG P NH2  1 
ATOM   1225 H H    . ARG B 2 3   ? -14.410 -11.717 6.285   1.00 0.00  ? 3   ARG P H    1 
ATOM   1226 H HE   . ARG B 2 3   ? -8.721  -9.837  8.808   1.00 0.00  ? 3   ARG P HE   1 
ATOM   1227 H HH11 . ARG B 2 3   ? -12.095 -9.513  9.732   1.00 0.00  ? 3   ARG P HH11 1 
ATOM   1228 H HH12 . ARG B 2 3   ? -11.728 -9.344  11.414  1.00 0.00  ? 3   ARG P HH12 1 
ATOM   1229 H HH21 . ARG B 2 3   ? -8.263  -9.641  11.004  1.00 0.00  ? 3   ARG P HH21 1 
ATOM   1230 H HH22 . ARG B 2 3   ? -9.549  -9.416  12.148  1.00 0.00  ? 3   ARG P HH22 1 
ATOM   1231 N N    . HIS B 2 4   ? -12.231 -8.510  4.576   1.00 32.71 ? 4   HIS P N    1 
ATOM   1232 C CA   . HIS B 2 4   ? -11.823 -7.902  3.330   1.00 25.71 ? 4   HIS P CA   1 
ATOM   1233 C C    . HIS B 2 4   ? -10.396 -8.401  3.063   1.00 21.49 ? 4   HIS P C    1 
ATOM   1234 O O    . HIS B 2 4   ? -9.609  -8.548  4.000   1.00 19.40 ? 4   HIS P O    1 
ATOM   1235 C CB   . HIS B 2 4   ? -11.845 -6.374  3.483   1.00 22.72 ? 4   HIS P CB   1 
ATOM   1236 C CG   . HIS B 2 4   ? -11.519 -5.637  2.222   1.00 18.16 ? 4   HIS P CG   1 
ATOM   1237 N ND1  . HIS B 2 4   ? -10.226 -5.434  1.793   1.00 14.86 ? 4   HIS P ND1  1 
ATOM   1238 C CD2  . HIS B 2 4   ? -12.323 -5.117  1.262   1.00 16.80 ? 4   HIS P CD2  1 
ATOM   1239 C CE1  . HIS B 2 4   ? -10.249 -4.832  0.618   1.00 16.10 ? 4   HIS P CE1  1 
ATOM   1240 N NE2  . HIS B 2 4   ? -11.508 -4.626  0.274   1.00 16.80 ? 4   HIS P NE2  1 
ATOM   1241 H H    . HIS B 2 4   ? -12.333 -7.969  5.380   1.00 0.00  ? 4   HIS P H    1 
ATOM   1242 H HD1  . HIS B 2 4   ? -9.437  -5.535  2.352   1.00 0.00  ? 4   HIS P HD1  1 
ATOM   1243 H HE2  . HIS B 2 4   ? -11.856 -4.192  -0.543  1.00 0.00  ? 4   HIS P HE2  1 
ATOM   1244 N N    . PRO B 2 5   ? -10.030 -8.620  1.780   1.00 19.37 ? 5   PRO P N    1 
ATOM   1245 C CA   . PRO B 2 5   ? -8.682  -9.098  1.460   1.00 19.36 ? 5   PRO P CA   1 
ATOM   1246 C C    . PRO B 2 5   ? -7.527  -8.220  1.917   1.00 20.06 ? 5   PRO P C    1 
ATOM   1247 O O    . PRO B 2 5   ? -6.403  -8.699  2.042   1.00 20.54 ? 5   PRO P O    1 
ATOM   1248 C CB   . PRO B 2 5   ? -8.705  -9.270  -0.058  1.00 18.02 ? 5   PRO P CB   1 
ATOM   1249 C CG   . PRO B 2 5   ? -9.895  -8.477  -0.513  1.00 20.04 ? 5   PRO P CG   1 
ATOM   1250 C CD   . PRO B 2 5   ? -10.886 -8.634  0.584   1.00 18.55 ? 5   PRO P CD   1 
ATOM   1251 N N    . GLN B 2 6   ? -7.780  -6.931  2.139   1.00 18.05 ? 6   GLN P N    1 
ATOM   1252 C CA   . GLN B 2 6   ? -6.716  -6.038  2.594   1.00 17.25 ? 6   GLN P CA   1 
ATOM   1253 C C    . GLN B 2 6   ? -6.194  -6.471  3.949   1.00 19.65 ? 6   GLN P C    1 
ATOM   1254 O O    . GLN B 2 6   ? -5.021  -6.292  4.256   1.00 20.80 ? 6   GLN P O    1 
ATOM   1255 C CB   . GLN B 2 6   ? -7.208  -4.587  2.709   1.00 16.18 ? 6   GLN P CB   1 
ATOM   1256 C CG   . GLN B 2 6   ? -6.144  -3.615  3.238   1.00 15.58 ? 6   GLN P CG   1 
ATOM   1257 C CD   . GLN B 2 6   ? -6.570  -2.149  3.218   1.00 16.41 ? 6   GLN P CD   1 
ATOM   1258 O OE1  . GLN B 2 6   ? -6.049  -1.322  3.979   1.00 19.48 ? 6   GLN P OE1  1 
ATOM   1259 N NE2  . GLN B 2 6   ? -7.536  -1.828  2.378   1.00 11.02 ? 6   GLN P NE2  1 
ATOM   1260 H H    . GLN B 2 6   ? -8.678  -6.675  1.940   1.00 0.00  ? 6   GLN P H    1 
ATOM   1261 H HE21 . GLN B 2 6   ? -7.777  -0.880  2.431   1.00 0.00  ? 6   GLN P HE21 1 
ATOM   1262 H HE22 . GLN B 2 6   ? -7.956  -2.445  1.767   1.00 0.00  ? 6   GLN P HE22 1 
ATOM   1263 N N    . PHE B 2 7   ? -7.080  -7.062  4.746   1.00 21.10 ? 7   PHE P N    1 
ATOM   1264 C CA   . PHE B 2 7   ? -6.755  -7.470  6.097   1.00 24.47 ? 7   PHE P CA   1 
ATOM   1265 C C    . PHE B 2 7   ? -6.582  -8.971  6.317   1.00 29.54 ? 7   PHE P C    1 
ATOM   1266 O O    . PHE B 2 7   ? -6.817  -9.478  7.410   1.00 31.08 ? 7   PHE P O    1 
ATOM   1267 C CB   . PHE B 2 7   ? -7.796  -6.869  7.041   1.00 22.36 ? 7   PHE P CB   1 
ATOM   1268 C CG   . PHE B 2 7   ? -8.038  -5.401  6.792   1.00 22.86 ? 7   PHE P CG   1 
ATOM   1269 C CD1  . PHE B 2 7   ? -7.143  -4.443  7.258   1.00 23.53 ? 7   PHE P CD1  1 
ATOM   1270 C CD2  . PHE B 2 7   ? -9.121  -4.986  6.025   1.00 23.12 ? 7   PHE P CD2  1 
ATOM   1271 C CE1  . PHE B 2 7   ? -7.320  -3.095  6.955   1.00 23.83 ? 7   PHE P CE1  1 
ATOM   1272 C CE2  . PHE B 2 7   ? -9.305  -3.652  5.719   1.00 24.78 ? 7   PHE P CE2  1 
ATOM   1273 C CZ   . PHE B 2 7   ? -8.399  -2.702  6.186   1.00 23.61 ? 7   PHE P CZ   1 
ATOM   1274 H H    . PHE B 2 7   ? -7.975  -7.283  4.428   1.00 0.00  ? 7   PHE P H    1 
ATOM   1275 N N    . GLY B 2 8   ? -6.076  -9.653  5.296   1.00 33.96 ? 8   GLY P N    1 
ATOM   1276 C CA   . GLY B 2 8   ? -5.846  -11.080 5.392   1.00 39.93 ? 8   GLY P CA   1 
ATOM   1277 C C    . GLY B 2 8   ? -7.109  -11.870 5.140   1.00 45.62 ? 8   GLY P C    1 
ATOM   1278 O O    . GLY B 2 8   ? -7.158  -13.066 5.431   1.00 47.23 ? 8   GLY P O    1 
ATOM   1279 H H    . GLY B 2 8   ? -5.854  -9.197  4.456   1.00 0.00  ? 8   GLY P H    1 
ATOM   1280 N N    . GLY B 2 9   ? -8.140  -11.186 4.645   1.00 48.58 ? 9   GLY P N    1 
ATOM   1281 C CA   . GLY B 2 9   ? -9.400  -11.830 4.341   1.00 51.21 ? 9   GLY P CA   1 
ATOM   1282 C C    . GLY B 2 9   ? -9.388  -12.571 3.010   1.00 53.88 ? 9   GLY P C    1 
ATOM   1283 O O    . GLY B 2 9   ? -10.388 -13.260 2.729   1.00 54.91 ? 9   GLY P O    1 
ATOM   1284 O OXT  . GLY B 2 9   ? -8.389  -12.481 2.247   1.00 55.96 ? 9   GLY P OXT  1 
ATOM   1285 H H    . GLY B 2 9   ? -8.068  -10.244 4.434   1.00 0.00  ? 9   GLY P H    1 
HETATM 1286 O O    . HOH C 3 .   ? -18.418 -0.400  6.898   0.5  51.59 ? 201 HOH B O    1 
HETATM 1287 O O    . HOH C 3 .   ? -2.074  4.905   -7.730  0.5  12.97 ? 202 HOH B O    1 
HETATM 1288 O O    . HOH C 3 .   ? 17.190  -0.634  1.281   0.5  67.93 ? 203 HOH B O    1 
HETATM 1289 O O    . HOH C 3 .   ? 14.121  -4.743  1.360   0.5  30.23 ? 204 HOH B O    1 
HETATM 1290 O O    . HOH C 3 .   ? -16.598 -1.759  -7.683  1.00 13.60 ? 205 HOH B O    1 
HETATM 1291 H H1   . HOH C 3 .   ? -16.250 -1.626  -8.564  1.00 0.00  ? 205 HOH B H1   1 
HETATM 1292 H H2   . HOH C 3 .   ? -17.367 -1.179  -7.635  1.00 0.00  ? 205 HOH B H2   1 
HETATM 1293 O O    . HOH C 3 .   ? -9.517  -4.589  -11.741 1.00 17.82 ? 206 HOH B O    1 
HETATM 1294 H H1   . HOH C 3 .   ? -9.236  -3.673  -11.588 1.00 0.00  ? 206 HOH B H1   1 
HETATM 1295 H H2   . HOH C 3 .   ? -8.744  -5.040  -11.338 1.00 0.00  ? 206 HOH B H2   1 
HETATM 1296 O O    . HOH C 3 .   ? -8.944  1.356   11.288  1.00 38.16 ? 207 HOH B O    1 
HETATM 1297 H H1   . HOH C 3 .   ? -9.407  2.082   10.833  1.00 0.00  ? 207 HOH B H1   1 
HETATM 1298 H H2   . HOH C 3 .   ? -9.455  1.316   12.102  1.00 0.00  ? 207 HOH B H2   1 
HETATM 1299 O O    . HOH C 3 .   ? -5.157  -3.815  -8.472  1.00 14.62 ? 208 HOH B O    1 
HETATM 1300 H H1   . HOH C 3 .   ? -5.606  -4.196  -9.241  1.00 0.00  ? 208 HOH B H1   1 
HETATM 1301 H H2   . HOH C 3 .   ? -5.289  -4.481  -7.796  1.00 0.00  ? 208 HOH B H2   1 
HETATM 1302 O O    . HOH C 3 .   ? 12.518  -6.063  3.488   1.00 18.61 ? 209 HOH B O    1 
HETATM 1303 H H1   . HOH C 3 .   ? 12.623  -6.283  4.413   1.00 0.00  ? 209 HOH B H1   1 
HETATM 1304 H H2   . HOH C 3 .   ? 11.881  -5.354  3.513   1.00 0.00  ? 209 HOH B H2   1 
HETATM 1305 O O    . HOH C 3 .   ? -8.204  -18.162 -11.365 1.00 32.99 ? 210 HOH B O    1 
HETATM 1306 H H1   . HOH C 3 .   ? -9.101  -17.766 -11.427 1.00 0.00  ? 210 HOH B H1   1 
HETATM 1307 H H2   . HOH C 3 .   ? -7.883  -18.043 -12.263 1.00 0.00  ? 210 HOH B H2   1 
HETATM 1308 O O    . HOH C 3 .   ? -21.357 7.843   -4.952  1.00 41.10 ? 211 HOH B O    1 
HETATM 1309 H H1   . HOH C 3 .   ? -20.626 8.044   -4.340  1.00 0.00  ? 211 HOH B H1   1 
HETATM 1310 H H2   . HOH C 3 .   ? -21.306 8.590   -5.573  1.00 0.00  ? 211 HOH B H2   1 
HETATM 1311 O O    . HOH C 3 .   ? -7.163  -5.533  -10.415 1.00 21.54 ? 212 HOH B O    1 
HETATM 1312 H H1   . HOH C 3 .   ? -7.077  -6.088  -9.631  1.00 0.00  ? 212 HOH B H1   1 
HETATM 1313 H H2   . HOH C 3 .   ? -6.809  -6.138  -11.093 1.00 0.00  ? 212 HOH B H2   1 
HETATM 1314 O O    . HOH C 3 .   ? -20.357 -3.272  -5.552  1.00 24.00 ? 213 HOH B O    1 
HETATM 1315 H H1   . HOH C 3 .   ? -20.476 -2.709  -4.772  1.00 0.00  ? 213 HOH B H1   1 
HETATM 1316 H H2   . HOH C 3 .   ? -21.223 -3.685  -5.621  1.00 0.00  ? 213 HOH B H2   1 
HETATM 1317 O O    . HOH C 3 .   ? 2.622   10.893  6.365   1.00 48.21 ? 214 HOH B O    1 
HETATM 1318 H H1   . HOH C 3 .   ? 2.302   11.738  6.017   1.00 0.00  ? 214 HOH B H1   1 
HETATM 1319 H H2   . HOH C 3 .   ? 2.675   10.341  5.572   1.00 0.00  ? 214 HOH B H2   1 
HETATM 1320 O O    . HOH C 3 .   ? -4.743  -7.671  -8.940  1.00 18.73 ? 215 HOH B O    1 
HETATM 1321 H H1   . HOH C 3 .   ? -4.520  -7.927  -9.841  1.00 0.00  ? 215 HOH B H1   1 
HETATM 1322 H H2   . HOH C 3 .   ? -5.637  -8.036  -8.842  1.00 0.00  ? 215 HOH B H2   1 
HETATM 1323 O O    . HOH C 3 .   ? -15.592 0.508   2.171   1.00 20.05 ? 216 HOH B O    1 
HETATM 1324 H H1   . HOH C 3 .   ? -15.757 1.167   1.488   1.00 0.00  ? 216 HOH B H1   1 
HETATM 1325 H H2   . HOH C 3 .   ? -15.289 -0.250  1.663   1.00 0.00  ? 216 HOH B H2   1 
HETATM 1326 O O    . HOH C 3 .   ? 12.651  -1.105  8.544   1.00 24.08 ? 217 HOH B O    1 
HETATM 1327 H H1   . HOH C 3 .   ? 13.422  -0.765  8.056   1.00 0.00  ? 217 HOH B H1   1 
HETATM 1328 H H2   . HOH C 3 .   ? 13.068  -1.288  9.389   1.00 0.00  ? 217 HOH B H2   1 
HETATM 1329 O O    . HOH C 3 .   ? 13.468  11.566  2.140   1.00 26.66 ? 218 HOH B O    1 
HETATM 1330 H H1   . HOH C 3 .   ? 13.336  12.461  2.485   1.00 0.00  ? 218 HOH B H1   1 
HETATM 1331 H H2   . HOH C 3 .   ? 13.852  11.729  1.266   1.00 0.00  ? 218 HOH B H2   1 
HETATM 1332 O O    . HOH C 3 .   ? -6.171  1.708   10.905  1.00 29.82 ? 219 HOH B O    1 
HETATM 1333 H H1   . HOH C 3 .   ? -5.763  0.861   11.087  1.00 0.00  ? 219 HOH B H1   1 
HETATM 1334 H H2   . HOH C 3 .   ? -7.131  1.521   11.029  1.00 0.00  ? 219 HOH B H2   1 
HETATM 1335 O O    . HOH C 3 .   ? 15.477  14.647  3.124   1.00 40.86 ? 220 HOH B O    1 
HETATM 1336 H H1   . HOH C 3 .   ? 14.846  14.081  3.594   1.00 0.00  ? 220 HOH B H1   1 
HETATM 1337 H H2   . HOH C 3 .   ? 15.045  14.751  2.268   1.00 0.00  ? 220 HOH B H2   1 
HETATM 1338 O O    . HOH C 3 .   ? -12.319 -11.956 -10.275 1.00 40.60 ? 221 HOH B O    1 
HETATM 1339 H H1   . HOH C 3 .   ? -11.384 -11.836 -10.037 1.00 0.00  ? 221 HOH B H1   1 
HETATM 1340 H H2   . HOH C 3 .   ? -12.310 -12.890 -10.544 1.00 0.00  ? 221 HOH B H2   1 
HETATM 1341 O O    . HOH C 3 .   ? 8.343   0.960   -10.972 1.00 32.28 ? 222 HOH B O    1 
HETATM 1342 H H1   . HOH C 3 .   ? 8.132   0.236   -11.558 1.00 0.00  ? 222 HOH B H1   1 
HETATM 1343 H H2   . HOH C 3 .   ? 8.199   1.736   -11.514 1.00 0.00  ? 222 HOH B H2   1 
HETATM 1344 O O    . HOH C 3 .   ? 8.715   -12.491 3.000   1.00 32.93 ? 223 HOH B O    1 
HETATM 1345 H H1   . HOH C 3 .   ? 9.324   -12.760 2.319   1.00 0.00  ? 223 HOH B H1   1 
HETATM 1346 H H2   . HOH C 3 .   ? 8.056   -11.953 2.578   1.00 0.00  ? 223 HOH B H2   1 
HETATM 1347 O O    . HOH C 3 .   ? -7.778  -12.421 -1.450  1.00 37.27 ? 224 HOH B O    1 
HETATM 1348 H H1   . HOH C 3 .   ? -7.918  -13.156 -0.833  1.00 0.00  ? 224 HOH B H1   1 
HETATM 1349 H H2   . HOH C 3 .   ? -7.777  -12.841 -2.321  1.00 0.00  ? 224 HOH B H2   1 
HETATM 1350 O O    . HOH C 3 .   ? -0.071  3.019   11.683  1.00 35.25 ? 225 HOH B O    1 
HETATM 1351 H H1   . HOH C 3 .   ? 0.469   3.097   10.880  1.00 0.00  ? 225 HOH B H1   1 
HETATM 1352 H H2   . HOH C 3 .   ? 0.605   2.734   12.315  1.00 0.00  ? 225 HOH B H2   1 
HETATM 1353 O O    . HOH C 3 .   ? 2.497   -5.571  -10.561 1.00 36.60 ? 226 HOH B O    1 
HETATM 1354 H H1   . HOH C 3 .   ? 2.184   -5.138  -9.765  1.00 0.00  ? 226 HOH B H1   1 
HETATM 1355 H H2   . HOH C 3 .   ? 2.978   -6.324  -10.220 1.00 0.00  ? 226 HOH B H2   1 
HETATM 1356 O O    . HOH C 3 .   ? 14.986  13.155  -10.629 1.00 59.08 ? 227 HOH B O    1 
HETATM 1357 H H1   . HOH C 3 .   ? 15.059  13.427  -11.547 1.00 0.00  ? 227 HOH B H1   1 
HETATM 1358 H H2   . HOH C 3 .   ? 14.036  13.148  -10.482 1.00 0.00  ? 227 HOH B H2   1 
HETATM 1359 O O    . HOH C 3 .   ? -3.138  -13.305 -7.887  1.00 35.23 ? 228 HOH B O    1 
HETATM 1360 H H1   . HOH C 3 .   ? -3.089  -12.578 -7.254  1.00 0.00  ? 228 HOH B H1   1 
HETATM 1361 H H2   . HOH C 3 .   ? -3.223  -14.080 -7.324  1.00 0.00  ? 228 HOH B H2   1 
HETATM 1362 O O    . HOH C 3 .   ? 7.594   12.841  -13.369 1.00 48.60 ? 229 HOH B O    1 
HETATM 1363 H H1   . HOH C 3 .   ? 8.482   12.679  -13.016 1.00 0.00  ? 229 HOH B H1   1 
HETATM 1364 H H2   . HOH C 3 .   ? 7.371   11.979  -13.738 1.00 0.00  ? 229 HOH B H2   1 
HETATM 1365 O O    . HOH C 3 .   ? -4.661  -13.197 -10.063 1.00 34.43 ? 230 HOH B O    1 
HETATM 1366 H H1   . HOH C 3 .   ? -4.083  -12.777 -10.703 1.00 0.00  ? 230 HOH B H1   1 
HETATM 1367 H H2   . HOH C 3 .   ? -4.047  -13.263 -9.290  1.00 0.00  ? 230 HOH B H2   1 
HETATM 1368 O O    . HOH C 3 .   ? -16.125 -4.891  -0.129  1.00 55.73 ? 231 HOH B O    1 
HETATM 1369 H H1   . HOH C 3 .   ? -17.068 -4.926  0.023   1.00 0.00  ? 231 HOH B H1   1 
HETATM 1370 H H2   . HOH C 3 .   ? -16.041 -4.563  -1.030  1.00 0.00  ? 231 HOH B H2   1 
HETATM 1371 O O    . HOH C 3 .   ? 17.889  22.017  7.450   1.00 64.68 ? 232 HOH B O    1 
HETATM 1372 H H1   . HOH C 3 .   ? 17.784  21.076  7.629   1.00 0.00  ? 232 HOH B H1   1 
HETATM 1373 H H2   . HOH C 3 .   ? 18.653  22.275  7.964   1.00 0.00  ? 232 HOH B H2   1 
HETATM 1374 O O    . HOH C 3 .   ? 9.431   2.305   -13.588 1.00 61.11 ? 233 HOH B O    1 
HETATM 1375 H H1   . HOH C 3 .   ? 9.858   1.482   -13.337 1.00 0.00  ? 233 HOH B H1   1 
HETATM 1376 H H2   . HOH C 3 .   ? 8.938   2.079   -14.382 1.00 0.00  ? 233 HOH B H2   1 
HETATM 1377 O O    . HOH C 3 .   ? -3.886  -2.396  5.468   1.00 30.36 ? 234 HOH B O    1 
HETATM 1378 H H1   . HOH C 3 .   ? -3.755  -2.186  6.394   1.00 0.00  ? 234 HOH B H1   1 
HETATM 1379 H H2   . HOH C 3 .   ? -4.049  -3.347  5.468   1.00 0.00  ? 234 HOH B H2   1 
HETATM 1380 O O    . HOH C 3 .   ? -24.291 -1.146  -1.968  1.00 39.99 ? 235 HOH B O    1 
HETATM 1381 H H1   . HOH C 3 .   ? -25.071 -1.671  -2.176  1.00 0.00  ? 235 HOH B H1   1 
HETATM 1382 H H2   . HOH C 3 .   ? -24.226 -1.278  -1.011  1.00 0.00  ? 235 HOH B H2   1 
HETATM 1383 O O    . HOH C 3 .   ? -17.672 0.078   4.014   1.00 40.44 ? 236 HOH B O    1 
HETATM 1384 H H1   . HOH C 3 .   ? -16.917 -0.205  4.523   1.00 0.00  ? 236 HOH B H1   1 
HETATM 1385 H H2   . HOH C 3 .   ? -17.244 0.606   3.325   1.00 0.00  ? 236 HOH B H2   1 
HETATM 1386 O O    . HOH C 3 .   ? 13.969  10.043  4.441   1.00 44.34 ? 237 HOH B O    1 
HETATM 1387 H H1   . HOH C 3 .   ? 13.051  10.027  4.148   1.00 0.00  ? 237 HOH B H1   1 
HETATM 1388 H H2   . HOH C 3 .   ? 14.271  10.820  3.952   1.00 0.00  ? 237 HOH B H2   1 
HETATM 1389 O O    . HOH C 3 .   ? 15.248  18.160  -4.795  1.00 29.85 ? 238 HOH B O    1 
HETATM 1390 H H1   . HOH C 3 .   ? 16.178  18.382  -4.847  1.00 0.00  ? 238 HOH B H1   1 
HETATM 1391 H H2   . HOH C 3 .   ? 15.262  17.339  -4.280  1.00 0.00  ? 238 HOH B H2   1 
HETATM 1392 O O    . HOH C 3 .   ? 17.043  14.229  -3.856  1.00 45.09 ? 239 HOH B O    1 
HETATM 1393 H H1   . HOH C 3 .   ? 16.754  14.528  -2.987  1.00 0.00  ? 239 HOH B H1   1 
HETATM 1394 H H2   . HOH C 3 .   ? 17.601  13.472  -3.670  1.00 0.00  ? 239 HOH B H2   1 
HETATM 1395 O O    . HOH C 3 .   ? -2.585  -10.393 -9.020  1.00 41.16 ? 240 HOH B O    1 
HETATM 1396 H H1   . HOH C 3 .   ? -3.105  -10.259 -9.822  1.00 0.00  ? 240 HOH B H1   1 
HETATM 1397 H H2   . HOH C 3 .   ? -2.283  -9.517  -8.780  1.00 0.00  ? 240 HOH B H2   1 
HETATM 1398 O O    . HOH C 3 .   ? 17.374  6.310   1.597   1.00 54.74 ? 241 HOH B O    1 
HETATM 1399 H H1   . HOH C 3 .   ? 17.814  5.888   2.339   1.00 0.00  ? 241 HOH B H1   1 
HETATM 1400 H H2   . HOH C 3 .   ? 17.839  7.145   1.507   1.00 0.00  ? 241 HOH B H2   1 
HETATM 1401 O O    . HOH C 3 .   ? -0.269  10.188  5.656   1.00 20.32 ? 242 HOH B O    1 
HETATM 1402 H H1   . HOH C 3 .   ? 0.188   10.911  5.223   1.00 0.00  ? 242 HOH B H1   1 
HETATM 1403 H H2   . HOH C 3 .   ? -1.107  10.633  5.856   1.00 0.00  ? 242 HOH B H2   1 
HETATM 1404 O O    . HOH C 3 .   ? 15.475  -0.984  7.874   1.00 35.85 ? 243 HOH B O    1 
HETATM 1405 H H1   . HOH C 3 .   ? 16.142  -0.767  8.542   1.00 0.00  ? 243 HOH B H1   1 
HETATM 1406 H H2   . HOH C 3 .   ? 16.039  -1.125  7.085   1.00 0.00  ? 243 HOH B H2   1 
HETATM 1407 O O    . HOH C 3 .   ? 0.386   -10.615 -9.220  1.00 47.01 ? 244 HOH B O    1 
HETATM 1408 H H1   . HOH C 3 .   ? 0.289   -10.812 -10.150 1.00 0.00  ? 244 HOH B H1   1 
HETATM 1409 H H2   . HOH C 3 .   ? -0.466  -10.915 -8.862  1.00 0.00  ? 244 HOH B H2   1 
HETATM 1410 O O    . HOH C 3 .   ? -6.450  -2.041  10.587  1.00 60.65 ? 245 HOH B O    1 
HETATM 1411 H H1   . HOH C 3 .   ? -6.986  -1.294  10.859  1.00 0.00  ? 245 HOH B H1   1 
HETATM 1412 H H2   . HOH C 3 .   ? -6.887  -2.796  11.001  1.00 0.00  ? 245 HOH B H2   1 
HETATM 1413 O O    . HOH C 3 .   ? -3.672  -15.834 -11.461 1.00 60.90 ? 246 HOH B O    1 
HETATM 1414 H H1   . HOH C 3 .   ? -3.916  -16.494 -10.802 1.00 0.00  ? 246 HOH B H1   1 
HETATM 1415 H H2   . HOH C 3 .   ? -2.776  -15.654 -11.119 1.00 0.00  ? 246 HOH B H2   1 
HETATM 1416 O O    . HOH C 3 .   ? -29.917 3.717   -4.295  1.00 54.80 ? 247 HOH B O    1 
HETATM 1417 H H1   . HOH C 3 .   ? -30.733 3.214   -4.395  1.00 0.00  ? 247 HOH B H1   1 
HETATM 1418 H H2   . HOH C 3 .   ? -30.020 4.418   -4.947  1.00 0.00  ? 247 HOH B H2   1 
HETATM 1419 O O    . HOH C 3 .   ? -2.999  -5.052  5.721   1.00 40.62 ? 248 HOH B O    1 
HETATM 1420 H H1   . HOH C 3 .   ? -3.332  -5.810  5.208   1.00 0.00  ? 248 HOH B H1   1 
HETATM 1421 H H2   . HOH C 3 .   ? -2.265  -4.748  5.169   1.00 0.00  ? 248 HOH B H2   1 
HETATM 1422 O O    . HOH C 3 .   ? -4.216  -9.301  0.199   1.00 43.99 ? 249 HOH B O    1 
HETATM 1423 H H1   . HOH C 3 .   ? -5.119  -9.336  0.548   1.00 0.00  ? 249 HOH B H1   1 
HETATM 1424 H H2   . HOH C 3 .   ? -4.296  -9.660  -0.696  1.00 0.00  ? 249 HOH B H2   1 
HETATM 1425 O O    . HOH C 3 .   ? 3.705   -7.785  8.515   1.00 37.76 ? 250 HOH B O    1 
HETATM 1426 H H1   . HOH C 3 .   ? 3.636   -7.099  7.849   1.00 0.00  ? 250 HOH B H1   1 
HETATM 1427 H H2   . HOH C 3 .   ? 4.117   -7.322  9.255   1.00 0.00  ? 250 HOH B H2   1 
HETATM 1428 O O    . HOH C 3 .   ? -4.482  -1.245  8.753   1.00 31.89 ? 251 HOH B O    1 
HETATM 1429 H H1   . HOH C 3 .   ? -5.051  -2.021  8.750   1.00 0.00  ? 251 HOH B H1   1 
HETATM 1430 H H2   . HOH C 3 .   ? -4.874  -0.770  9.483   1.00 0.00  ? 251 HOH B H2   1 
HETATM 1431 O O    . HOH C 3 .   ? 1.040   9.270   7.883   1.00 35.87 ? 252 HOH B O    1 
HETATM 1432 H H1   . HOH C 3 .   ? 0.311   9.443   7.252   1.00 0.00  ? 252 HOH B H1   1 
HETATM 1433 H H2   . HOH C 3 .   ? 1.743   9.728   7.398   1.00 0.00  ? 252 HOH B H2   1 
HETATM 1434 O O    . HOH C 3 .   ? -18.606 -3.714  -2.633  1.00 42.33 ? 253 HOH B O    1 
HETATM 1435 H H1   . HOH C 3 .   ? -19.106 -3.020  -3.075  1.00 0.00  ? 253 HOH B H1   1 
HETATM 1436 H H2   . HOH C 3 .   ? -17.715 -3.570  -2.976  1.00 0.00  ? 253 HOH B H2   1 
HETATM 1437 O O    . HOH C 3 .   ? -12.462 -4.481  -6.891  1.00 13.10 ? 254 HOH B O    1 
HETATM 1438 H H1   . HOH C 3 .   ? -12.230 -4.503  -7.821  1.00 0.00  ? 254 HOH B H1   1 
HETATM 1439 H H2   . HOH C 3 .   ? -11.823 -3.887  -6.486  1.00 0.00  ? 254 HOH B H2   1 
HETATM 1440 O O    . HOH C 3 .   ? -11.515 1.846   9.888   1.00 17.44 ? 255 HOH B O    1 
HETATM 1441 H H1   . HOH C 3 .   ? -11.110 1.018   9.597   1.00 0.00  ? 255 HOH B H1   1 
HETATM 1442 H H2   . HOH C 3 .   ? -11.301 2.444   9.153   1.00 0.00  ? 255 HOH B H2   1 
HETATM 1443 O O    . HOH C 3 .   ? -19.376 -2.813  -7.982  1.00 22.26 ? 256 HOH B O    1 
HETATM 1444 H H1   . HOH C 3 .   ? -19.190 -1.868  -8.095  1.00 0.00  ? 256 HOH B H1   1 
HETATM 1445 H H2   . HOH C 3 .   ? -19.669 -2.861  -7.041  1.00 0.00  ? 256 HOH B H2   1 
HETATM 1446 O O    . HOH C 3 .   ? -1.404  -0.976  -13.555 1.00 42.84 ? 257 HOH B O    1 
HETATM 1447 H H1   . HOH C 3 .   ? -2.031  -0.859  -12.841 1.00 0.00  ? 257 HOH B H1   1 
HETATM 1448 H H2   . HOH C 3 .   ? -1.672  -0.326  -14.210 1.00 0.00  ? 257 HOH B H2   1 
HETATM 1449 O O    . HOH C 3 .   ? -5.591  4.885   15.941  1.00 31.62 ? 258 HOH B O    1 
HETATM 1450 H H1   . HOH C 3 .   ? -6.215  5.630   15.910  1.00 0.00  ? 258 HOH B H1   1 
HETATM 1451 H H2   . HOH C 3 .   ? -6.128  4.238   16.415  1.00 0.00  ? 258 HOH B H2   1 
HETATM 1452 O O    . HOH C 3 .   ? -15.415 -11.025 -2.498  1.00 40.76 ? 259 HOH B O    1 
HETATM 1453 H H1   . HOH C 3 .   ? -15.832 -10.476 -1.831  1.00 0.00  ? 259 HOH B H1   1 
HETATM 1454 H H2   . HOH C 3 .   ? -15.838 -10.773 -3.327  1.00 0.00  ? 259 HOH B H2   1 
HETATM 1455 O O    . HOH C 3 .   ? 3.402   2.802   -11.833 1.00 44.79 ? 260 HOH B O    1 
HETATM 1456 H H1   . HOH C 3 .   ? 3.802   2.371   -11.070 1.00 0.00  ? 260 HOH B H1   1 
HETATM 1457 H H2   . HOH C 3 .   ? 2.567   3.131   -11.477 1.00 0.00  ? 260 HOH B H2   1 
HETATM 1458 O O    . HOH C 3 .   ? -17.044 -9.634  -9.586  1.00 54.65 ? 261 HOH B O    1 
HETATM 1459 H H1   . HOH C 3 .   ? -16.928 -10.595 -9.577  1.00 0.00  ? 261 HOH B H1   1 
HETATM 1460 H H2   . HOH C 3 .   ? -17.204 -9.444  -10.529 1.00 0.00  ? 261 HOH B H2   1 
HETATM 1461 O O    . HOH C 3 .   ? -22.662 5.126   -5.873  1.00 39.68 ? 262 HOH B O    1 
HETATM 1462 H H1   . HOH C 3 .   ? -22.634 6.088   -5.898  1.00 0.00  ? 262 HOH B H1   1 
HETATM 1463 H H2   . HOH C 3 .   ? -21.768 4.914   -5.599  1.00 0.00  ? 262 HOH B H2   1 
HETATM 1464 O O    . HOH C 3 .   ? 6.783   8.460   -15.074 1.00 49.77 ? 263 HOH B O    1 
HETATM 1465 H H1   . HOH C 3 .   ? 7.084   7.908   -15.797 1.00 0.00  ? 263 HOH B H1   1 
HETATM 1466 H H2   . HOH C 3 .   ? 7.365   9.217   -15.080 1.00 0.00  ? 263 HOH B H2   1 
HETATM 1467 O O    . HOH C 3 .   ? -7.598  -10.196 -12.669 1.00 42.12 ? 264 HOH B O    1 
HETATM 1468 H H1   . HOH C 3 .   ? -8.186  -10.950 -12.520 1.00 0.00  ? 264 HOH B H1   1 
HETATM 1469 H H2   . HOH C 3 .   ? -7.415  -10.294 -13.606 1.00 0.00  ? 264 HOH B H2   1 
HETATM 1470 O O    . HOH C 3 .   ? -20.499 -5.763  -3.991  1.00 57.57 ? 265 HOH B O    1 
HETATM 1471 H H1   . HOH C 3 .   ? -20.949 -5.015  -3.601  1.00 0.00  ? 265 HOH B H1   1 
HETATM 1472 H H2   . HOH C 3 .   ? -19.731 -5.848  -3.399  1.00 0.00  ? 265 HOH B H2   1 
HETATM 1473 O O    . HOH C 3 .   ? -27.601 3.070   -7.197  1.00 63.41 ? 266 HOH B O    1 
HETATM 1474 H H1   . HOH C 3 .   ? -26.787 3.122   -7.721  1.00 0.00  ? 266 HOH B H1   1 
HETATM 1475 H H2   . HOH C 3 .   ? -28.037 2.315   -7.594  1.00 0.00  ? 266 HOH B H2   1 
HETATM 1476 O O    . HOH C 3 .   ? 17.602  -1.364  5.092   1.00 43.70 ? 267 HOH B O    1 
HETATM 1477 H H1   . HOH C 3 .   ? 18.248  -0.679  4.882   1.00 0.00  ? 267 HOH B H1   1 
HETATM 1478 H H2   . HOH C 3 .   ? 17.427  -1.804  4.248   1.00 0.00  ? 267 HOH B H2   1 
HETATM 1479 O O    . HOH C 3 .   ? -4.508  -10.657 -11.709 1.00 56.61 ? 268 HOH B O    1 
HETATM 1480 H H1   . HOH C 3 .   ? -5.389  -10.245 -11.742 1.00 0.00  ? 268 HOH B H1   1 
HETATM 1481 H H2   . HOH C 3 .   ? -4.499  -11.129 -12.544 1.00 0.00  ? 268 HOH B H2   1 
HETATM 1482 O O    . HOH C 3 .   ? -12.805 -15.044 -9.648  1.00 54.27 ? 269 HOH B O    1 
HETATM 1483 H H1   . HOH C 3 .   ? -13.749 -15.156 -9.456  1.00 0.00  ? 269 HOH B H1   1 
HETATM 1484 H H2   . HOH C 3 .   ? -12.654 -15.770 -10.276 1.00 0.00  ? 269 HOH B H2   1 
HETATM 1485 O O    . HOH C 3 .   ? 6.225   4.823   12.978  1.00 62.01 ? 270 HOH B O    1 
HETATM 1486 H H1   . HOH C 3 .   ? 7.064   5.115   13.350  1.00 0.00  ? 270 HOH B H1   1 
HETATM 1487 H H2   . HOH C 3 .   ? 5.601   5.396   13.428  1.00 0.00  ? 270 HOH B H2   1 
HETATM 1488 O O    . HOH C 3 .   ? -1.791  -9.931  6.263   1.00 58.32 ? 271 HOH B O    1 
HETATM 1489 H H1   . HOH C 3 .   ? -2.231  -9.944  7.119   1.00 0.00  ? 271 HOH B H1   1 
HETATM 1490 H H2   . HOH C 3 .   ? -2.395  -9.465  5.681   1.00 0.00  ? 271 HOH B H2   1 
HETATM 1491 O O    . HOH C 3 .   ? -9.352  -15.672 -2.457  1.00 59.55 ? 272 HOH B O    1 
HETATM 1492 H H1   . HOH C 3 .   ? -9.857  -16.273 -3.030  1.00 0.00  ? 272 HOH B H1   1 
HETATM 1493 H H2   . HOH C 3 .   ? -9.476  -14.812 -2.861  1.00 0.00  ? 272 HOH B H2   1 
HETATM 1494 O O    . HOH C 3 .   ? 8.526   5.729   15.849  1.00 47.70 ? 273 HOH B O    1 
HETATM 1495 H H1   . HOH C 3 .   ? 9.400   5.475   15.545  1.00 0.00  ? 273 HOH B H1   1 
HETATM 1496 H H2   . HOH C 3 .   ? 8.688   6.490   16.408  1.00 0.00  ? 273 HOH B H2   1 
HETATM 1497 O O    . HOH C 3 .   ? -7.052  -1.025  16.811  1.00 63.13 ? 274 HOH B O    1 
HETATM 1498 H H1   . HOH C 3 .   ? -7.522  -0.428  16.223  1.00 0.00  ? 274 HOH B H1   1 
HETATM 1499 H H2   . HOH C 3 .   ? -7.769  -1.411  17.331  1.00 0.00  ? 274 HOH B H2   1 
HETATM 1500 O O    . HOH C 3 .   ? 0.832   -11.117 12.107  1.00 69.31 ? 275 HOH B O    1 
HETATM 1501 H H1   . HOH C 3 .   ? 1.372   -11.860 12.362  1.00 0.00  ? 275 HOH B H1   1 
HETATM 1502 H H2   . HOH C 3 .   ? 1.278   -10.352 12.481  1.00 0.00  ? 275 HOH B H2   1 
HETATM 1503 O O    . HOH C 3 .   ? -9.951  1.110   16.390  1.00 42.49 ? 276 HOH B O    1 
HETATM 1504 H H1   . HOH C 3 .   ? -10.313 1.982   16.130  1.00 0.00  ? 276 HOH B H1   1 
HETATM 1505 H H2   . HOH C 3 .   ? -10.608 0.505   16.027  1.00 0.00  ? 276 HOH B H2   1 
HETATM 1506 O O    . HOH C 3 .   ? 14.857  0.822   -7.940  1.00 56.48 ? 277 HOH B O    1 
HETATM 1507 H H1   . HOH C 3 .   ? 14.562  1.629   -8.385  1.00 0.00  ? 277 HOH B H1   1 
HETATM 1508 H H2   . HOH C 3 .   ? 15.779  0.983   -7.716  1.00 0.00  ? 277 HOH B H2   1 
HETATM 1509 O O    . HOH C 3 .   ? -13.446 -16.954 -11.734 1.00 30.89 ? 278 HOH B O    1 
HETATM 1510 H H1   . HOH C 3 .   ? -13.781 -16.929 -12.633 1.00 0.00  ? 278 HOH B H1   1 
HETATM 1511 H H2   . HOH C 3 .   ? -14.236 -16.687 -11.221 1.00 0.00  ? 278 HOH B H2   1 
HETATM 1512 O O    . HOH C 3 .   ? -1.432  -16.401 -10.113 1.00 56.88 ? 279 HOH B O    1 
HETATM 1513 H H1   . HOH C 3 .   ? -0.982  -17.102 -10.591 1.00 0.00  ? 279 HOH B H1   1 
HETATM 1514 H H2   . HOH C 3 .   ? -0.767  -16.057 -9.510  1.00 0.00  ? 279 HOH B H2   1 
HETATM 1515 O O    . HOH C 3 .   ? 0.111   -1.687  10.101  1.00 35.94 ? 280 HOH B O    1 
HETATM 1516 H H1   . HOH C 3 .   ? 0.348   -1.120  9.369   1.00 0.00  ? 280 HOH B H1   1 
HETATM 1517 H H2   . HOH C 3 .   ? -0.810  -1.448  10.288  1.00 0.00  ? 280 HOH B H2   1 
HETATM 1518 O O    . HOH C 3 .   ? 13.926  -0.876  0.252   1.00 35.71 ? 281 HOH B O    1 
HETATM 1519 H H1   . HOH C 3 .   ? 13.647  -0.055  0.666   1.00 0.00  ? 281 HOH B H1   1 
HETATM 1520 H H2   . HOH C 3 .   ? 13.275  -1.011  -0.439  1.00 0.00  ? 281 HOH B H2   1 
HETATM 1521 O O    . HOH C 3 .   ? 3.141   -8.583  -2.674  1.00 48.54 ? 282 HOH B O    1 
HETATM 1522 H H1   . HOH C 3 .   ? 2.273   -8.338  -2.335  1.00 0.00  ? 282 HOH B H1   1 
HETATM 1523 H H2   . HOH C 3 .   ? 3.710   -8.308  -1.951  1.00 0.00  ? 282 HOH B H2   1 
HETATM 1524 O O    . HOH C 3 .   ? 16.583  2.009   3.541   1.00 57.29 ? 283 HOH B O    1 
HETATM 1525 H H1   . HOH C 3 .   ? 15.823  2.087   2.967   1.00 0.00  ? 283 HOH B H1   1 
HETATM 1526 H H2   . HOH C 3 .   ? 16.567  2.768   4.123   1.00 0.00  ? 283 HOH B H2   1 
HETATM 1527 O O    . HOH C 3 .   ? -26.396 9.472   -0.524  1.00 64.69 ? 284 HOH B O    1 
HETATM 1528 H H1   . HOH C 3 .   ? -26.370 8.961   -1.346  1.00 0.00  ? 284 HOH B H1   1 
HETATM 1529 H H2   . HOH C 3 .   ? -26.286 10.380  -0.817  1.00 0.00  ? 284 HOH B H2   1 
HETATM 1530 O O    . HOH C 3 .   ? 3.883   0.826   14.353  1.00 65.30 ? 285 HOH B O    1 
HETATM 1531 H H1   . HOH C 3 .   ? 4.430   0.304   13.761  1.00 0.00  ? 285 HOH B H1   1 
HETATM 1532 H H2   . HOH C 3 .   ? 4.166   1.727   14.206  1.00 0.00  ? 285 HOH B H2   1 
HETATM 1533 O O    . HOH C 3 .   ? 10.639  -15.023 9.190   1.00 73.92 ? 286 HOH B O    1 
HETATM 1534 H H1   . HOH C 3 .   ? 10.470  -14.604 10.029  1.00 0.00  ? 286 HOH B H1   1 
HETATM 1535 H H2   . HOH C 3 .   ? 11.016  -15.876 9.425   1.00 0.00  ? 286 HOH B H2   1 
HETATM 1536 O O    . HOH C 3 .   ? -26.163 7.842   1.816   1.00 47.11 ? 287 HOH B O    1 
HETATM 1537 H H1   . HOH C 3 .   ? -27.068 7.610   2.050   1.00 0.00  ? 287 HOH B H1   1 
HETATM 1538 H H2   . HOH C 3 .   ? -26.296 8.386   1.008   1.00 0.00  ? 287 HOH B H2   1 
HETATM 1539 O O    . HOH C 3 .   ? 6.313   -4.136  10.425  1.00 69.44 ? 288 HOH B O    1 
HETATM 1540 H H1   . HOH C 3 .   ? 5.435   -3.774  10.384  1.00 0.00  ? 288 HOH B H1   1 
HETATM 1541 H H2   . HOH C 3 .   ? 6.285   -4.876  11.051  1.00 0.00  ? 288 HOH B H2   1 
HETATM 1542 O O    . HOH C 3 .   ? -5.375  7.527   9.021   1.00 31.74 ? 289 HOH B O    1 
HETATM 1543 H H1   . HOH C 3 .   ? -5.621  8.217   8.395   1.00 0.00  ? 289 HOH B H1   1 
HETATM 1544 H H2   . HOH C 3 .   ? -5.760  6.756   8.599   1.00 0.00  ? 289 HOH B H2   1 
HETATM 1545 O O    . HOH C 3 .   ? 14.520  2.451   -4.712  1.00 32.60 ? 290 HOH B O    1 
HETATM 1546 H H1   . HOH C 3 .   ? 14.199  2.004   -5.499  1.00 0.00  ? 290 HOH B H1   1 
HETATM 1547 H H2   . HOH C 3 .   ? 14.288  3.372   -4.857  1.00 0.00  ? 290 HOH B H2   1 
HETATM 1548 O O    . HOH C 3 .   ? 12.522  -8.582  6.457   1.00 65.37 ? 291 HOH B O    1 
HETATM 1549 H H1   . HOH C 3 .   ? 11.987  -9.279  6.067   1.00 0.00  ? 291 HOH B H1   1 
HETATM 1550 H H2   . HOH C 3 .   ? 12.266  -7.815  5.936   1.00 0.00  ? 291 HOH B H2   1 
HETATM 1551 O O    . HOH C 3 .   ? 5.913   -7.849  -8.894  1.00 78.70 ? 292 HOH B O    1 
HETATM 1552 H H1   . HOH C 3 .   ? 6.852   -7.996  -8.760  1.00 0.00  ? 292 HOH B H1   1 
HETATM 1553 H H2   . HOH C 3 .   ? 5.496   -8.689  -8.712  1.00 0.00  ? 292 HOH B H2   1 
HETATM 1554 O O    . HOH C 3 .   ? 16.863  12.752  0.684   1.00 53.94 ? 293 HOH B O    1 
HETATM 1555 H H1   . HOH C 3 .   ? 16.713  13.341  1.433   1.00 0.00  ? 293 HOH B H1   1 
HETATM 1556 H H2   . HOH C 3 .   ? 17.155  11.939  1.097   1.00 0.00  ? 293 HOH B H2   1 
HETATM 1557 O O    . HOH C 3 .   ? 13.068  10.147  -4.696  1.00 57.27 ? 294 HOH B O    1 
HETATM 1558 H H1   . HOH C 3 .   ? 13.857  10.430  -4.223  1.00 0.00  ? 294 HOH B H1   1 
HETATM 1559 H H2   . HOH C 3 .   ? 12.339  10.406  -4.119  1.00 0.00  ? 294 HOH B H2   1 
HETATM 1560 O O    . HOH C 3 .   ? 0.985   -12.881 5.352   1.00 57.99 ? 295 HOH B O    1 
HETATM 1561 H H1   . HOH C 3 .   ? 0.768   -12.521 6.218   1.00 0.00  ? 295 HOH B H1   1 
HETATM 1562 H H2   . HOH C 3 .   ? 1.363   -12.098 4.930   1.00 0.00  ? 295 HOH B H2   1 
HETATM 1563 O O    . HOH C 3 .   ? 14.949  5.874   -0.670  1.00 40.64 ? 296 HOH B O    1 
HETATM 1564 H H1   . HOH C 3 .   ? 15.332  6.543   -0.087  1.00 0.00  ? 296 HOH B H1   1 
HETATM 1565 H H2   . HOH C 3 .   ? 14.687  5.239   0.003   1.00 0.00  ? 296 HOH B H2   1 
HETATM 1566 O O    . HOH C 3 .   ? 7.677   -4.477  -8.260  1.00 89.37 ? 297 HOH B O    1 
HETATM 1567 H H1   . HOH C 3 .   ? 7.088   -4.027  -7.649  1.00 0.00  ? 297 HOH B H1   1 
HETATM 1568 H H2   . HOH C 3 .   ? 8.421   -4.731  -7.702  1.00 0.00  ? 297 HOH B H2   1 
HETATM 1569 O O    . HOH C 3 .   ? -18.126 -7.238  -2.566  1.00 65.51 ? 298 HOH B O    1 
HETATM 1570 H H1   . HOH C 3 .   ? -17.683 -8.045  -2.828  1.00 0.00  ? 298 HOH B H1   1 
HETATM 1571 H H2   . HOH C 3 .   ? -17.413 -6.692  -2.210  1.00 0.00  ? 298 HOH B H2   1 
HETATM 1572 O O    . HOH C 3 .   ? 5.650   -16.009 6.261   1.00 59.01 ? 299 HOH B O    1 
HETATM 1573 H H1   . HOH C 3 .   ? 5.061   -15.812 5.539   1.00 0.00  ? 299 HOH B H1   1 
HETATM 1574 H H2   . HOH C 3 .   ? 5.427   -16.901 6.540   1.00 0.00  ? 299 HOH B H2   1 
HETATM 1575 O O    . HOH C 3 .   ? 2.552   -18.458 -4.956  1.00 64.78 ? 300 HOH B O    1 
HETATM 1576 H H1   . HOH C 3 .   ? 2.382   -18.228 -4.039  1.00 0.00  ? 300 HOH B H1   1 
HETATM 1577 H H2   . HOH C 3 .   ? 2.169   -19.329 -5.050  1.00 0.00  ? 300 HOH B H2   1 
# 
